data_6I3P
#
_entry.id   6I3P
#
_cell.length_a   139.790
_cell.length_b   140.500
_cell.length_c   159.550
_cell.angle_alpha   90.000
_cell.angle_beta   90.000
_cell.angle_gamma   90.000
#
_symmetry.space_group_name_H-M   'P 21 21 21'
#
loop_
_entity.id
_entity.type
_entity.pdbx_description
1 polymer 'Putative pre-mRNA splicing factor'
2 polymer "RNA (5'-R(P*UP*UP*UP*UP*UP*UP*UP*UP*UP*U)-3')"
#
loop_
_entity_poly.entity_id
_entity_poly.type
_entity_poly.pdbx_seq_one_letter_code
_entity_poly.pdbx_strand_id
1 'polypeptide(L)'
;TNMSIKEQRESLPVFQFRDQIIQAVKDNQILIVVGETGSGKTTQVTQYLAEAGFTKYGMIGCTQPRRVAAVSVAKRVAEE
VGCQLGQEVGYTIRFEDVTSPATKIKYMTDGMLQREILMDPDLKRYSVIMLDEAHERTIATDVLFALLKKTVKRRPDLKV
IVTSATLDAEKFSEYFNSCPIFTIPGRTFPVEILYSREPEPDYLEAALTTVMQIHLTEPPGDILVFLTGQEEIDTACEIL
YERMKALGPSVPELIILPIYSALPSEMQSRIFEPAPPGSRKVVIATNIAETSITIDYIYYVVDPGFVKQNAYDPKLGMDS
LVVTPISQAQANQRAGRAGRTGPGKCFRLYTEAAYQSEMLPTTIPDIQRQNLANTILLLKAMGINDLLRFDFMDPPPVNT
MLTALEELYALGALDDEGLLTRLGRKMADFPMEPSLSKVLIASVDKGCSDEMVTIVSMLNLQQIFYRPKDKQQQADQKKA
KFHDPTGDHLTLLNVYNAWKNSGYSNAWCFENYIQARAMRRARDVRQQIVKIMERHRHPIISCGRDTDKIRQALCAGFFR
NTARKDPQEGYKTLTEGTPVYLHPSSALFGKQAEWVLYHELVLTTKEYMHFTTAIEPKWLVEAAPTFFKLAPTDRLSKRK
KAERIQPLYNKYEGEDGWRLSAQRRAARPGGGGGTWG
;
A,B,C,D
2 'polyribonucleotide' UUUUUUUUUU E,F,G,H
#
loop_
_chem_comp.id
_chem_comp.type
_chem_comp.name
_chem_comp.formula
U RNA linking URIDINE-5'-MONOPHOSPHATE 'C9 H13 N2 O9 P'
#
# COMPACT_ATOMS: atom_id res chain seq x y z
N SER A 4 16.22 46.25 50.10
CA SER A 4 15.44 45.13 49.58
C SER A 4 15.97 44.70 48.21
N ILE A 5 15.10 44.84 47.19
CA ILE A 5 15.46 44.48 45.82
C ILE A 5 16.63 45.34 45.33
N LYS A 6 16.57 46.63 45.67
CA LYS A 6 17.61 47.63 45.33
C LYS A 6 18.90 47.26 46.06
N GLU A 7 18.76 46.78 47.29
CA GLU A 7 19.94 46.42 48.12
C GLU A 7 20.71 45.32 47.42
N GLN A 8 20.01 44.32 46.88
CA GLN A 8 20.71 43.21 46.21
C GLN A 8 21.50 43.74 45.02
N ARG A 9 20.88 44.58 44.19
CA ARG A 9 21.60 45.09 43.00
C ARG A 9 22.83 45.89 43.43
N GLU A 10 22.72 46.71 44.49
CA GLU A 10 23.86 47.52 44.97
C GLU A 10 24.98 46.68 45.58
N SER A 11 24.65 45.58 46.24
CA SER A 11 25.69 44.75 46.91
C SER A 11 26.68 44.20 45.88
N LEU A 12 26.17 43.70 44.75
CA LEU A 12 26.95 43.14 43.66
C LEU A 12 28.09 44.11 43.32
N PRO A 13 29.30 43.61 43.07
CA PRO A 13 30.44 44.50 42.79
C PRO A 13 30.24 45.35 41.55
N VAL A 14 29.63 44.79 40.50
CA VAL A 14 29.37 45.41 39.20
C VAL A 14 28.68 46.78 39.35
N PHE A 15 28.00 46.98 40.47
CA PHE A 15 27.32 48.25 40.78
C PHE A 15 28.38 49.35 40.92
N GLN A 16 29.57 48.97 41.39
CA GLN A 16 30.70 49.91 41.59
C GLN A 16 31.14 50.53 40.27
N PHE A 17 31.05 49.78 39.18
CA PHE A 17 31.47 50.25 37.84
C PHE A 17 30.25 50.54 36.98
N ARG A 18 29.08 50.73 37.58
CA ARG A 18 27.84 50.89 36.79
C ARG A 18 27.91 52.08 35.83
N ASP A 19 28.45 53.22 36.27
CA ASP A 19 28.53 54.42 35.45
C ASP A 19 29.62 54.23 34.40
N GLN A 20 30.72 53.62 34.82
CA GLN A 20 31.89 53.39 33.97
C GLN A 20 31.54 52.42 32.84
N ILE A 21 30.80 51.33 33.16
CA ILE A 21 30.34 50.39 32.13
C ILE A 21 29.52 51.10 31.07
N ILE A 22 28.51 51.87 31.49
CA ILE A 22 27.62 52.58 30.56
C ILE A 22 28.42 53.50 29.64
N GLN A 23 29.45 54.15 30.20
CA GLN A 23 30.28 55.06 29.41
C GLN A 23 31.17 54.26 28.45
N ALA A 24 31.73 53.15 28.94
CA ALA A 24 32.56 52.27 28.11
C ALA A 24 31.75 51.75 26.92
N VAL A 25 30.48 51.42 27.16
CA VAL A 25 29.61 50.92 26.11
C VAL A 25 29.32 52.03 25.12
N LYS A 26 29.02 53.24 25.62
CA LYS A 26 28.80 54.40 24.75
C LYS A 26 30.04 54.71 23.92
N ASP A 27 31.21 54.75 24.55
CA ASP A 27 32.46 55.11 23.91
C ASP A 27 32.87 54.14 22.80
N ASN A 28 32.67 52.83 22.98
CA ASN A 28 33.11 51.84 22.00
C ASN A 28 31.98 50.94 21.53
N GLN A 29 31.96 50.67 20.22
CA GLN A 29 30.93 49.80 19.65
C GLN A 29 31.12 48.35 20.08
N ILE A 30 32.34 47.82 20.09
CA ILE A 30 32.55 46.47 20.58
C ILE A 30 33.37 46.55 21.86
N LEU A 31 32.86 45.96 22.96
CA LEU A 31 33.57 45.99 24.24
C LEU A 31 33.76 44.59 24.83
N ILE A 32 34.99 44.26 25.26
CA ILE A 32 35.26 42.97 25.91
C ILE A 32 35.03 43.12 27.39
N VAL A 33 34.23 42.26 28.00
CA VAL A 33 33.99 42.40 29.42
C VAL A 33 34.53 41.15 30.10
N VAL A 34 35.46 41.31 31.03
CA VAL A 34 35.96 40.17 31.77
C VAL A 34 35.19 40.17 33.08
N GLY A 35 34.32 39.19 33.28
CA GLY A 35 33.52 39.16 34.49
C GLY A 35 33.86 37.96 35.35
N GLU A 36 34.17 38.24 36.59
CA GLU A 36 34.50 37.22 37.57
C GLU A 36 33.20 36.57 38.04
N THR A 37 33.33 35.43 38.74
CA THR A 37 32.18 34.63 39.14
C THR A 37 31.17 35.42 39.98
N GLY A 38 31.64 36.27 40.89
CA GLY A 38 30.76 37.03 41.74
C GLY A 38 30.32 38.38 41.20
N SER A 39 30.75 38.73 39.98
CA SER A 39 30.45 40.03 39.39
C SER A 39 28.95 40.26 39.20
N GLY A 40 28.24 39.26 38.71
CA GLY A 40 26.81 39.43 38.49
C GLY A 40 26.50 40.21 37.24
N LYS A 41 27.50 40.34 36.34
CA LYS A 41 27.39 41.07 35.07
C LYS A 41 26.23 40.56 34.21
N THR A 42 25.89 39.28 34.34
CA THR A 42 24.85 38.65 33.53
C THR A 42 23.51 39.32 33.77
N THR A 43 23.17 39.59 35.03
CA THR A 43 21.88 40.15 35.34
C THR A 43 21.89 41.66 35.51
N GLN A 44 23.06 42.30 35.47
CA GLN A 44 23.09 43.73 35.74
C GLN A 44 23.36 44.57 34.50
N VAL A 45 24.43 44.24 33.73
CA VAL A 45 24.90 45.04 32.59
C VAL A 45 23.73 45.28 31.64
N THR A 46 22.98 44.22 31.41
CA THR A 46 21.74 44.19 30.64
C THR A 46 20.79 45.30 31.07
N GLN A 47 20.54 45.39 32.38
CA GLN A 47 19.61 46.38 32.93
C GLN A 47 20.21 47.77 32.80
N TYR A 48 21.47 47.94 33.28
CA TYR A 48 22.20 49.23 33.26
C TYR A 48 22.03 49.94 31.92
N LEU A 49 22.18 49.19 30.82
CA LEU A 49 22.07 49.75 29.47
C LEU A 49 20.62 50.14 29.19
N ALA A 50 19.68 49.34 29.69
CA ALA A 50 18.25 49.57 29.48
C ALA A 50 17.80 50.80 30.25
N GLU A 51 18.40 51.02 31.42
CA GLU A 51 18.03 52.19 32.21
C GLU A 51 18.77 53.41 31.70
N ALA A 52 19.84 53.22 30.94
CA ALA A 52 20.64 54.29 30.38
C ALA A 52 20.09 54.75 29.05
N GLY A 53 18.92 54.26 28.66
CA GLY A 53 18.28 54.64 27.42
C GLY A 53 18.67 53.90 26.16
N PHE A 54 19.43 52.81 26.26
CA PHE A 54 19.81 52.02 25.07
C PHE A 54 18.62 51.32 24.44
N THR A 55 17.60 51.04 25.25
CA THR A 55 16.38 50.37 24.83
C THR A 55 15.55 51.13 23.78
N LYS A 56 15.77 52.45 23.60
CA LYS A 56 14.89 53.31 22.81
C LYS A 56 14.76 52.89 21.34
N TYR A 57 15.86 52.57 20.64
CA TYR A 57 15.69 52.27 19.22
C TYR A 57 15.87 50.80 18.88
N GLY A 58 16.14 49.94 19.86
CA GLY A 58 16.41 48.54 19.61
C GLY A 58 16.21 47.75 20.88
N MET A 59 16.44 46.44 20.79
CA MET A 59 16.28 45.58 21.94
C MET A 59 17.66 45.20 22.44
N ILE A 60 17.74 44.84 23.72
CA ILE A 60 18.97 44.32 24.32
C ILE A 60 18.92 42.79 24.30
N GLY A 61 19.71 42.17 23.44
CA GLY A 61 19.82 40.71 23.42
C GLY A 61 21.07 40.24 24.15
N CYS A 62 20.91 39.20 24.97
CA CYS A 62 22.04 38.57 25.63
C CYS A 62 22.02 37.06 25.39
N THR A 63 23.10 36.50 24.87
CA THR A 63 23.18 35.07 24.61
C THR A 63 23.55 34.31 25.87
N GLN A 64 23.12 33.05 25.97
CA GLN A 64 23.64 32.10 26.96
C GLN A 64 23.89 30.76 26.27
N PRO A 65 24.97 30.05 26.62
CA PRO A 65 25.21 28.74 25.99
C PRO A 65 24.28 27.63 26.44
N ARG A 66 23.52 27.81 27.52
CA ARG A 66 22.57 26.82 28.02
C ARG A 66 21.16 27.39 28.09
N ARG A 67 20.18 26.50 27.87
CA ARG A 67 18.76 26.86 27.92
C ARG A 67 18.41 27.30 29.33
N VAL A 68 18.76 26.46 30.31
CA VAL A 68 18.47 26.68 31.73
C VAL A 68 19.02 28.04 32.17
N ALA A 69 20.24 28.38 31.73
CA ALA A 69 20.88 29.63 32.11
C ALA A 69 20.06 30.80 31.59
N ALA A 70 19.55 30.69 30.36
CA ALA A 70 18.76 31.72 29.71
C ALA A 70 17.47 31.98 30.48
N VAL A 71 16.81 30.93 30.98
CA VAL A 71 15.54 31.08 31.69
C VAL A 71 15.76 31.56 33.12
N SER A 72 16.78 31.02 33.82
CA SER A 72 17.19 31.46 35.15
C SER A 72 17.37 32.97 35.20
N VAL A 73 18.22 33.49 34.32
CA VAL A 73 18.63 34.90 34.39
C VAL A 73 17.47 35.79 33.96
N ALA A 74 16.68 35.36 32.97
CA ALA A 74 15.49 36.10 32.56
C ALA A 74 14.50 36.18 33.71
N LYS A 75 14.36 35.09 34.49
CA LYS A 75 13.47 35.09 35.66
C LYS A 75 13.95 36.13 36.67
N ARG A 76 15.25 36.13 36.97
CA ARG A 76 15.81 37.03 37.97
C ARG A 76 15.75 38.48 37.49
N VAL A 77 16.07 38.73 36.20
CA VAL A 77 16.07 40.11 35.73
C VAL A 77 14.64 40.65 35.63
N ALA A 78 13.67 39.77 35.32
CA ALA A 78 12.25 40.15 35.37
C ALA A 78 11.84 40.55 36.78
N GLU A 79 12.26 39.76 37.77
CA GLU A 79 11.93 40.01 39.16
C GLU A 79 12.62 41.29 39.63
N GLU A 80 13.89 41.47 39.26
CA GLU A 80 14.62 42.70 39.62
C GLU A 80 14.02 43.93 38.94
N VAL A 81 13.51 43.80 37.71
CA VAL A 81 12.90 44.93 37.01
C VAL A 81 11.44 45.07 37.45
N GLY A 82 10.90 44.03 38.08
CA GLY A 82 9.57 44.08 38.65
C GLY A 82 8.46 43.95 37.63
N CYS A 83 8.76 43.41 36.46
CA CYS A 83 7.76 43.16 35.43
C CYS A 83 7.46 41.67 35.38
N GLN A 84 6.40 41.33 34.67
CA GLN A 84 6.06 39.94 34.41
C GLN A 84 6.96 39.38 33.30
N LEU A 85 7.46 38.17 33.53
CA LEU A 85 8.27 37.45 32.55
C LEU A 85 7.50 37.31 31.25
N GLY A 86 8.15 37.70 30.14
CA GLY A 86 7.52 37.73 28.84
C GLY A 86 7.25 39.16 28.38
N GLN A 87 7.10 40.08 29.32
CA GLN A 87 6.87 41.51 29.07
C GLN A 87 8.26 42.11 28.94
N GLU A 88 8.52 43.31 29.52
CA GLU A 88 9.80 44.06 29.33
C GLU A 88 11.04 43.17 29.34
N VAL A 89 11.07 42.14 30.19
CA VAL A 89 12.17 41.19 30.22
C VAL A 89 11.58 39.85 29.78
N GLY A 90 12.16 39.27 28.72
CA GLY A 90 11.74 37.96 28.25
C GLY A 90 12.92 37.07 27.92
N TYR A 91 12.60 35.84 27.51
CA TYR A 91 13.62 34.95 26.98
C TYR A 91 13.11 34.23 25.74
N THR A 92 14.03 33.81 24.88
CA THR A 92 13.70 32.96 23.74
C THR A 92 14.70 31.81 23.60
N ILE A 93 14.19 30.59 23.67
CA ILE A 93 14.96 29.38 23.46
C ILE A 93 14.13 28.51 22.51
N ARG A 94 14.70 27.36 22.11
CA ARG A 94 14.00 26.48 21.19
C ARG A 94 12.71 26.01 21.85
N PHE A 95 11.62 26.04 21.09
CA PHE A 95 10.24 25.63 21.42
C PHE A 95 9.57 26.60 22.38
N GLU A 96 10.24 27.68 22.80
CA GLU A 96 9.69 28.53 23.85
C GLU A 96 10.16 29.98 23.62
N ASP A 97 9.34 30.75 22.91
CA ASP A 97 9.53 32.20 22.70
C ASP A 97 8.68 32.98 23.71
N VAL A 98 9.23 33.17 24.90
CA VAL A 98 8.57 33.93 25.96
C VAL A 98 8.92 35.42 25.84
N THR A 99 8.45 36.06 24.75
CA THR A 99 8.66 37.48 24.52
C THR A 99 7.36 38.05 23.95
N SER A 100 7.20 39.37 24.10
CA SER A 100 6.04 40.12 23.67
C SER A 100 6.47 41.43 23.02
N PRO A 101 5.58 42.12 22.22
CA PRO A 101 5.96 43.43 21.63
C PRO A 101 6.50 44.49 22.60
N ALA A 102 6.33 44.28 23.91
CA ALA A 102 6.81 45.14 24.97
C ALA A 102 8.21 44.75 25.46
N THR A 103 8.80 43.69 24.89
CA THR A 103 10.06 43.16 25.41
C THR A 103 11.19 44.08 25.00
N LYS A 104 11.99 44.45 25.98
CA LYS A 104 13.12 45.34 25.82
C LYS A 104 14.44 44.69 26.19
N ILE A 105 14.44 43.74 27.12
CA ILE A 105 15.58 42.90 27.45
C ILE A 105 15.24 41.46 27.09
N LYS A 106 16.09 40.81 26.30
CA LYS A 106 15.82 39.47 25.77
C LYS A 106 17.03 38.56 25.96
N TYR A 107 16.92 37.62 26.88
CA TYR A 107 17.91 36.56 27.06
C TYR A 107 17.63 35.42 26.08
N MET A 108 18.69 34.79 25.57
CA MET A 108 18.46 33.77 24.56
C MET A 108 19.64 32.81 24.53
N THR A 109 19.43 31.68 23.86
CA THR A 109 20.54 30.76 23.62
C THR A 109 21.30 31.27 22.42
N ASP A 110 22.63 31.12 22.45
CA ASP A 110 23.48 31.49 21.31
C ASP A 110 22.94 30.91 20.00
N GLY A 111 22.59 29.61 20.01
CA GLY A 111 21.92 28.90 18.93
C GLY A 111 20.77 29.69 18.32
N MET A 112 19.96 30.28 19.20
CA MET A 112 18.78 31.03 18.80
C MET A 112 19.18 32.25 17.98
N LEU A 113 20.18 33.00 18.46
CA LEU A 113 20.62 34.22 17.80
C LEU A 113 21.30 33.89 16.48
N GLN A 114 22.01 32.76 16.43
CA GLN A 114 22.67 32.30 15.21
C GLN A 114 21.64 32.08 14.12
N ARG A 115 20.53 31.48 14.53
CA ARG A 115 19.43 31.12 13.61
C ARG A 115 18.64 32.36 13.21
N GLU A 116 18.70 33.39 14.05
CA GLU A 116 17.98 34.64 13.80
C GLU A 116 18.78 35.52 12.86
N ILE A 117 20.10 35.39 12.89
CA ILE A 117 21.00 36.19 12.06
C ILE A 117 20.83 35.73 10.61
N LEU A 118 20.40 34.48 10.38
CA LEU A 118 20.21 33.97 9.03
C LEU A 118 19.06 34.70 8.34
N MET A 119 17.96 34.89 9.05
CA MET A 119 16.80 35.57 8.47
C MET A 119 16.96 37.09 8.48
N ASP A 120 17.85 37.63 9.33
CA ASP A 120 18.04 39.08 9.45
C ASP A 120 19.50 39.38 9.79
N PRO A 121 20.39 39.32 8.79
CA PRO A 121 21.85 39.46 9.06
C PRO A 121 22.27 40.77 9.71
N ASP A 122 21.44 41.80 9.66
CA ASP A 122 21.75 43.06 10.29
C ASP A 122 21.25 43.12 11.72
N LEU A 123 20.38 42.18 12.10
CA LEU A 123 19.71 42.13 13.40
C LEU A 123 19.13 43.50 13.75
N LYS A 124 18.18 43.93 12.91
CA LYS A 124 17.62 45.28 13.02
C LYS A 124 16.87 45.48 14.32
N ARG A 125 16.25 44.42 14.83
CA ARG A 125 15.46 44.49 16.05
C ARG A 125 16.28 44.79 17.30
N TYR A 126 17.60 44.61 17.26
CA TYR A 126 18.42 44.78 18.45
C TYR A 126 19.35 46.01 18.37
N SER A 127 19.41 46.77 19.47
CA SER A 127 20.35 47.88 19.64
C SER A 127 21.68 47.45 20.24
N VAL A 128 21.67 46.49 21.18
CA VAL A 128 22.91 45.97 21.74
C VAL A 128 22.80 44.45 21.85
N ILE A 129 23.91 43.78 21.52
CA ILE A 129 24.03 42.33 21.63
C ILE A 129 25.14 42.02 22.62
N MET A 130 24.84 41.20 23.61
CA MET A 130 25.84 40.81 24.59
C MET A 130 26.08 39.31 24.46
N LEU A 131 27.32 38.90 24.26
CA LEU A 131 27.62 37.48 24.17
C LEU A 131 28.12 37.00 25.52
N ASP A 132 27.28 36.31 26.27
CA ASP A 132 27.68 35.94 27.61
C ASP A 132 28.24 34.52 27.62
N GLU A 133 29.07 34.27 28.63
CA GLU A 133 29.75 32.99 28.90
C GLU A 133 30.48 32.50 27.65
N ALA A 134 31.13 33.43 26.95
CA ALA A 134 31.73 33.15 25.65
C ALA A 134 33.02 32.35 25.80
N HIS A 135 33.57 32.29 27.02
CA HIS A 135 34.76 31.49 27.30
C HIS A 135 34.50 30.00 27.10
N GLU A 136 33.24 29.58 27.12
CA GLU A 136 32.88 28.18 26.90
C GLU A 136 33.09 27.75 25.46
N ARG A 137 33.00 28.69 24.52
CA ARG A 137 33.41 28.50 23.12
C ARG A 137 32.62 27.38 22.42
N THR A 138 31.31 27.48 22.55
CA THR A 138 30.39 26.70 21.73
C THR A 138 30.51 27.15 20.28
N ILE A 139 30.12 26.25 19.36
CA ILE A 139 30.19 26.54 17.92
C ILE A 139 29.37 27.78 17.58
N ALA A 140 28.20 27.92 18.21
CA ALA A 140 27.32 29.06 17.94
C ALA A 140 27.99 30.36 18.37
N THR A 141 28.65 30.35 19.53
CA THR A 141 29.34 31.53 20.04
C THR A 141 30.47 31.92 19.08
N ASP A 142 31.25 30.92 18.63
CA ASP A 142 32.38 31.16 17.73
C ASP A 142 31.89 31.72 16.41
N VAL A 143 30.79 31.18 15.90
CA VAL A 143 30.20 31.64 14.65
C VAL A 143 29.72 33.07 14.82
N LEU A 144 29.12 33.35 15.98
CA LEU A 144 28.58 34.69 16.24
C LEU A 144 29.70 35.72 16.33
N PHE A 145 30.88 35.34 16.85
CA PHE A 145 32.04 36.23 16.89
C PHE A 145 32.30 36.80 15.50
N ALA A 146 32.44 35.91 14.53
CA ALA A 146 32.73 36.27 13.16
C ALA A 146 31.59 37.07 12.54
N LEU A 147 30.36 36.60 12.67
CA LEU A 147 29.22 37.24 12.02
C LEU A 147 28.96 38.62 12.62
N LEU A 148 29.09 38.78 13.94
CA LEU A 148 28.81 40.07 14.55
C LEU A 148 29.88 41.07 14.16
N LYS A 149 31.12 40.59 13.99
CA LYS A 149 32.23 41.45 13.60
C LYS A 149 31.94 42.04 12.22
N LYS A 150 31.46 41.21 11.31
CA LYS A 150 31.11 41.67 9.97
C LYS A 150 29.92 42.62 10.04
N THR A 151 28.91 42.27 10.87
CA THR A 151 27.69 43.07 10.99
C THR A 151 27.93 44.48 11.51
N VAL A 152 28.82 44.65 12.53
CA VAL A 152 29.10 45.98 13.09
C VAL A 152 29.55 46.96 12.00
N LYS A 153 30.36 46.49 11.03
CA LYS A 153 30.81 47.38 9.94
C LYS A 153 29.61 47.88 9.15
N ARG A 154 28.63 47.02 8.91
CA ARG A 154 27.41 47.44 8.22
C ARG A 154 26.56 48.34 9.13
N ARG A 155 26.50 48.03 10.43
CA ARG A 155 25.69 48.77 11.39
C ARG A 155 26.47 49.51 12.46
N PRO A 156 26.60 50.84 12.32
CA PRO A 156 27.26 51.67 13.34
C PRO A 156 26.50 51.79 14.66
N ASP A 157 25.17 51.83 14.61
CA ASP A 157 24.34 52.01 15.81
C ASP A 157 24.36 50.79 16.71
N LEU A 158 24.63 49.60 16.16
CA LEU A 158 24.66 48.37 16.93
C LEU A 158 25.85 48.41 17.90
N LYS A 159 25.63 47.93 19.12
CA LYS A 159 26.66 47.85 20.15
C LYS A 159 26.85 46.38 20.51
N VAL A 160 28.10 45.90 20.57
CA VAL A 160 28.36 44.49 20.85
C VAL A 160 29.24 44.36 22.09
N ILE A 161 28.88 43.45 22.99
CA ILE A 161 29.62 43.17 24.22
C ILE A 161 29.96 41.68 24.21
N VAL A 162 31.24 41.35 24.40
CA VAL A 162 31.70 39.97 24.37
C VAL A 162 32.41 39.63 25.67
N THR A 163 31.80 38.76 26.48
CA THR A 163 32.42 38.38 27.75
C THR A 163 33.59 37.44 27.48
N SER A 164 34.66 37.56 28.28
CA SER A 164 35.81 36.71 28.06
C SER A 164 36.46 36.25 29.36
N ALA A 165 37.28 35.21 29.24
CA ALA A 165 38.08 34.72 30.34
C ALA A 165 39.30 35.62 30.46
N THR A 166 39.93 35.64 31.64
CA THR A 166 41.07 36.53 31.85
C THR A 166 42.21 36.23 30.89
N LEU A 167 42.53 34.94 30.68
CA LEU A 167 43.65 34.57 29.82
C LEU A 167 43.39 34.96 28.37
N ASP A 168 42.17 34.74 27.89
CA ASP A 168 41.80 34.96 26.50
C ASP A 168 41.39 36.39 26.21
N ALA A 169 41.33 37.27 27.22
CA ALA A 169 40.86 38.64 27.02
C ALA A 169 41.70 39.39 25.98
N GLU A 170 43.03 39.25 26.04
CA GLU A 170 43.88 39.99 25.11
C GLU A 170 43.66 39.46 23.70
N LYS A 171 43.58 38.14 23.58
CA LYS A 171 43.34 37.44 22.32
C LYS A 171 42.02 37.88 21.69
N PHE A 172 40.98 37.96 22.52
CA PHE A 172 39.68 38.46 22.09
C PHE A 172 39.78 39.89 21.59
N SER A 173 40.49 40.76 22.35
CA SER A 173 40.64 42.16 21.97
C SER A 173 41.24 42.32 20.60
N GLU A 174 42.39 41.67 20.33
CA GLU A 174 43.07 41.79 19.03
C GLU A 174 42.14 41.35 17.91
N TYR A 175 41.42 40.24 18.11
CA TYR A 175 40.45 39.79 17.13
C TYR A 175 39.35 40.82 16.95
N PHE A 176 38.79 41.37 18.02
CA PHE A 176 37.72 42.36 17.84
C PHE A 176 38.30 43.78 17.72
N ASN A 177 39.19 43.97 16.74
CA ASN A 177 39.66 45.29 16.27
C ASN A 177 40.45 46.04 17.34
N SER A 178 41.15 45.30 18.22
CA SER A 178 41.97 45.83 19.33
C SER A 178 41.20 46.83 20.19
N CYS A 179 39.98 46.46 20.55
CA CYS A 179 39.07 47.32 21.32
C CYS A 179 39.32 47.12 22.82
N PRO A 180 38.85 48.03 23.69
CA PRO A 180 39.21 47.93 25.12
C PRO A 180 38.65 46.72 25.85
N ILE A 181 39.26 46.43 27.00
CA ILE A 181 38.86 45.30 27.82
C ILE A 181 38.41 45.86 29.17
N PHE A 182 37.19 45.56 29.59
CA PHE A 182 36.69 46.03 30.87
C PHE A 182 36.69 44.89 31.88
N THR A 183 37.49 45.00 32.94
CA THR A 183 37.63 43.95 33.95
C THR A 183 36.79 44.31 35.17
N ILE A 184 35.96 43.37 35.63
CA ILE A 184 35.10 43.59 36.79
C ILE A 184 35.51 42.63 37.91
N PRO A 185 35.78 43.12 39.12
CA PRO A 185 36.12 42.25 40.24
C PRO A 185 34.91 41.42 40.68
N GLY A 186 35.17 40.22 41.17
CA GLY A 186 34.10 39.32 41.58
C GLY A 186 34.37 38.71 42.93
N ARG A 187 33.32 38.63 43.74
CA ARG A 187 33.41 38.03 45.06
C ARG A 187 33.25 36.51 44.95
N THR A 188 34.32 35.77 45.26
CA THR A 188 34.27 34.32 45.26
C THR A 188 35.12 33.81 46.43
N PHE A 189 34.58 32.83 47.16
CA PHE A 189 35.23 32.38 48.38
C PHE A 189 36.50 31.59 48.06
N PRO A 190 37.56 31.73 48.86
CA PRO A 190 38.84 31.10 48.53
C PRO A 190 38.77 29.58 48.60
N VAL A 191 39.57 28.93 47.76
CA VAL A 191 39.63 27.47 47.72
C VAL A 191 41.09 27.06 47.81
N GLU A 192 41.45 26.33 48.87
CA GLU A 192 42.81 25.86 49.00
C GLU A 192 43.01 24.70 48.02
N ILE A 193 44.02 24.82 47.18
CA ILE A 193 44.24 23.78 46.14
C ILE A 193 45.44 22.93 46.54
N LEU A 194 45.22 21.63 46.68
CA LEU A 194 46.29 20.72 47.12
C LEU A 194 46.66 19.76 45.98
N TYR A 195 47.93 19.80 45.55
CA TYR A 195 48.40 18.89 44.48
C TYR A 195 48.96 17.62 45.09
N SER A 196 48.91 16.54 44.32
CA SER A 196 49.50 15.26 44.70
C SER A 196 51.02 15.34 44.65
N ARG A 197 51.69 14.73 45.63
CA ARG A 197 53.16 14.74 45.67
C ARG A 197 53.78 14.00 44.48
N GLU A 198 53.25 12.82 44.13
CA GLU A 198 53.75 11.97 43.07
C GLU A 198 52.62 11.64 42.11
N PRO A 199 52.94 11.31 40.84
CA PRO A 199 51.90 10.97 39.87
C PRO A 199 51.04 9.82 40.34
N GLU A 200 49.77 9.81 39.94
CA GLU A 200 48.82 8.83 40.44
C GLU A 200 48.58 7.80 39.34
N PRO A 201 49.15 6.58 39.45
CA PRO A 201 48.89 5.51 38.46
C PRO A 201 47.43 5.27 38.06
N ASP A 202 46.53 5.21 39.03
CA ASP A 202 45.13 4.88 38.80
C ASP A 202 44.29 6.02 39.34
N TYR A 203 43.63 6.75 38.44
CA TYR A 203 42.90 7.96 38.82
C TYR A 203 41.61 7.59 39.55
N LEU A 204 41.02 6.43 39.23
CA LEU A 204 39.78 6.01 39.88
C LEU A 204 40.07 5.66 41.33
N GLU A 205 41.13 4.87 41.56
CA GLU A 205 41.50 4.43 42.90
C GLU A 205 41.86 5.62 43.76
N ALA A 206 42.68 6.52 43.21
CA ALA A 206 43.14 7.71 43.90
C ALA A 206 41.96 8.56 44.33
N ALA A 207 40.94 8.64 43.49
CA ALA A 207 39.76 9.43 43.77
C ALA A 207 38.97 8.80 44.91
N LEU A 208 38.85 7.47 44.90
CA LEU A 208 38.16 6.76 45.96
C LEU A 208 38.92 6.89 47.27
N THR A 209 40.24 6.66 47.24
CA THR A 209 41.11 6.85 48.41
C THR A 209 40.98 8.27 48.98
N THR A 210 40.88 9.28 48.10
CA THR A 210 40.82 10.68 48.52
C THR A 210 39.50 10.99 49.20
N VAL A 211 38.41 10.40 48.69
CA VAL A 211 37.08 10.57 49.28
C VAL A 211 37.08 10.00 50.68
N MET A 212 37.71 8.83 50.85
CA MET A 212 37.80 8.19 52.14
C MET A 212 38.56 9.07 53.12
N GLN A 213 39.79 9.49 52.73
CA GLN A 213 40.62 10.41 53.52
C GLN A 213 39.84 11.62 54.02
N ILE A 214 39.22 12.34 53.08
CA ILE A 214 38.48 13.56 53.39
C ILE A 214 37.42 13.28 54.45
N HIS A 215 36.60 12.25 54.22
CA HIS A 215 35.49 11.97 55.12
C HIS A 215 36.00 11.64 56.52
N LEU A 216 37.01 10.78 56.59
CA LEU A 216 37.57 10.36 57.86
C LEU A 216 38.39 11.45 58.56
N THR A 217 39.16 12.26 57.81
CA THR A 217 40.07 13.21 58.46
C THR A 217 39.83 14.71 58.25
N GLU A 218 38.73 15.14 57.66
CA GLU A 218 38.60 16.58 57.41
C GLU A 218 37.34 17.13 58.06
N PRO A 219 37.30 18.44 58.36
CA PRO A 219 36.11 19.06 58.95
C PRO A 219 34.89 18.98 58.04
N PRO A 220 33.63 19.21 58.60
CA PRO A 220 32.40 19.00 57.82
C PRO A 220 32.30 19.70 56.46
N GLY A 221 31.43 19.18 55.59
CA GLY A 221 31.20 19.75 54.28
C GLY A 221 31.14 18.67 53.22
N ASP A 222 30.19 18.80 52.29
CA ASP A 222 29.96 17.77 51.27
C ASP A 222 31.06 17.79 50.20
N ILE A 223 31.27 16.63 49.57
CA ILE A 223 32.33 16.40 48.58
C ILE A 223 31.72 16.28 47.18
N LEU A 224 32.44 16.79 46.18
CA LEU A 224 32.10 16.64 44.76
C LEU A 224 33.28 16.02 44.01
N VAL A 225 33.09 14.84 43.44
CA VAL A 225 34.13 14.14 42.69
C VAL A 225 33.80 14.20 41.21
N PHE A 226 34.78 14.55 40.37
CA PHE A 226 34.60 14.52 38.93
C PHE A 226 35.20 13.26 38.31
N LEU A 227 34.35 12.39 37.79
CA LEU A 227 34.78 11.23 37.02
C LEU A 227 34.32 11.40 35.56
N THR A 228 34.40 10.33 34.78
CA THR A 228 34.42 10.45 33.32
C THR A 228 33.15 9.94 32.64
N GLY A 229 32.50 8.89 33.16
CA GLY A 229 31.38 8.28 32.49
C GLY A 229 30.40 7.66 33.46
N GLN A 230 29.28 7.16 32.92
CA GLN A 230 28.25 6.53 33.75
C GLN A 230 28.72 5.23 34.39
N GLU A 231 29.36 4.36 33.61
CA GLU A 231 29.82 3.07 34.13
C GLU A 231 30.88 3.25 35.19
N GLU A 232 31.81 4.19 34.96
CA GLU A 232 32.87 4.46 35.94
C GLU A 232 32.26 5.01 37.23
N ILE A 233 31.27 5.90 37.12
CA ILE A 233 30.66 6.53 38.30
C ILE A 233 29.88 5.49 39.10
N ASP A 234 29.08 4.66 38.42
CA ASP A 234 28.28 3.64 39.09
C ASP A 234 29.17 2.61 39.78
N THR A 235 30.29 2.27 39.14
CA THR A 235 31.27 1.36 39.71
C THR A 235 31.93 2.00 40.93
N ALA A 236 32.20 3.31 40.85
CA ALA A 236 32.74 4.06 41.97
C ALA A 236 31.74 4.10 43.13
N CYS A 237 30.46 4.32 42.84
CA CYS A 237 29.45 4.38 43.90
C CYS A 237 29.36 3.03 44.61
N GLU A 238 29.36 1.93 43.84
CA GLU A 238 29.25 0.60 44.41
C GLU A 238 30.46 0.29 45.29
N ILE A 239 31.66 0.63 44.80
CA ILE A 239 32.91 0.35 45.51
C ILE A 239 32.98 1.15 46.81
N LEU A 240 32.60 2.43 46.76
CA LEU A 240 32.70 3.29 47.93
C LEU A 240 31.73 2.80 49.00
N TYR A 241 30.49 2.48 48.61
CA TYR A 241 29.50 1.95 49.54
C TYR A 241 30.01 0.68 50.23
N GLU A 242 30.70 -0.20 49.51
CA GLU A 242 31.16 -1.43 50.15
C GLU A 242 32.33 -1.17 51.07
N ARG A 243 33.18 -0.18 50.76
CA ARG A 243 34.28 0.14 51.68
C ARG A 243 33.75 0.75 52.97
N MET A 244 32.69 1.57 52.88
CA MET A 244 32.08 2.16 54.06
C MET A 244 31.47 1.09 54.95
N LYS A 245 30.80 0.12 54.32
CA LYS A 245 30.17 -0.97 55.07
C LYS A 245 31.23 -1.80 55.78
N ALA A 246 32.40 -1.98 55.14
CA ALA A 246 33.47 -2.81 55.69
C ALA A 246 33.87 -2.30 57.08
N LEU A 247 33.85 -0.99 57.25
CA LEU A 247 34.15 -0.38 58.52
C LEU A 247 32.88 -0.55 59.34
N GLY A 248 33.03 -0.77 60.65
CA GLY A 248 31.89 -0.98 61.54
C GLY A 248 30.89 0.17 61.47
N PRO A 249 29.64 -0.06 61.94
CA PRO A 249 28.62 1.00 61.83
C PRO A 249 28.84 2.20 62.76
N SER A 250 29.97 2.21 63.47
CA SER A 250 30.38 3.33 64.31
C SER A 250 30.81 4.54 63.49
N VAL A 251 31.22 4.35 62.23
CA VAL A 251 31.78 5.44 61.43
C VAL A 251 30.63 6.23 60.82
N PRO A 252 30.71 7.57 60.84
CA PRO A 252 29.63 8.42 60.33
C PRO A 252 29.18 8.09 58.91
N GLU A 253 27.87 8.19 58.69
CA GLU A 253 27.24 7.90 57.39
C GLU A 253 27.81 8.75 56.26
N LEU A 254 28.08 8.09 55.13
CA LEU A 254 28.48 8.77 53.90
C LEU A 254 27.42 8.54 52.81
N ILE A 255 26.64 9.56 52.50
CA ILE A 255 25.66 9.46 51.42
C ILE A 255 26.33 9.61 50.07
N ILE A 256 26.28 8.55 49.27
CA ILE A 256 26.95 8.48 47.98
C ILE A 256 25.90 8.60 46.88
N LEU A 257 25.97 9.68 46.11
CA LEU A 257 24.98 9.93 45.06
C LEU A 257 25.65 10.21 43.71
N PRO A 258 25.28 9.49 42.66
CA PRO A 258 25.79 9.80 41.32
C PRO A 258 25.06 10.98 40.68
N ILE A 259 25.72 11.63 39.72
CA ILE A 259 25.05 12.59 38.84
C ILE A 259 25.68 12.58 37.44
N TYR A 260 24.83 12.40 36.44
CA TYR A 260 25.19 12.40 35.00
C TYR A 260 23.89 12.65 34.23
N SER A 261 23.99 13.17 33.01
CA SER A 261 22.77 13.54 32.26
C SER A 261 21.86 12.35 31.99
N ALA A 262 22.41 11.17 31.76
CA ALA A 262 21.56 9.99 31.47
C ALA A 262 20.71 9.62 32.68
N LEU A 263 21.05 10.16 33.85
CA LEU A 263 20.38 9.82 35.11
C LEU A 263 19.03 10.51 35.16
N PRO A 264 17.96 9.76 35.45
CA PRO A 264 16.59 10.28 35.45
C PRO A 264 16.44 11.46 36.41
N SER A 265 15.52 12.38 36.07
CA SER A 265 15.31 13.61 36.84
C SER A 265 14.93 13.33 38.29
N GLU A 266 14.37 12.17 38.62
CA GLU A 266 14.07 11.97 40.08
C GLU A 266 15.37 11.89 40.90
N MET A 267 16.20 10.96 40.46
CA MET A 267 17.51 10.59 41.02
C MET A 267 18.42 11.81 40.92
N GLN A 268 18.26 12.60 39.86
CA GLN A 268 19.04 13.85 39.77
C GLN A 268 18.62 14.78 40.91
N SER A 269 17.32 14.83 41.19
CA SER A 269 16.73 15.69 42.25
C SER A 269 17.27 15.29 43.63
N ARG A 270 17.49 14.00 43.84
CA ARG A 270 17.96 13.55 45.17
C ARG A 270 19.33 14.16 45.47
N ILE A 271 20.10 14.54 44.46
CA ILE A 271 21.43 15.11 44.90
C ILE A 271 21.35 16.43 45.73
N PHE A 272 20.47 17.39 45.37
CA PHE A 272 20.15 18.70 45.88
C PHE A 272 19.68 18.64 47.33
N GLU A 273 18.93 17.59 47.70
CA GLU A 273 18.36 17.45 49.04
C GLU A 273 19.45 17.53 50.11
N PRO A 274 19.24 18.29 51.19
CA PRO A 274 20.25 18.40 52.24
C PRO A 274 20.52 17.10 52.96
N ALA A 275 21.76 16.94 53.41
CA ALA A 275 22.15 15.73 54.11
C ALA A 275 21.46 15.62 55.47
N PRO A 276 21.23 14.40 55.96
CA PRO A 276 20.60 14.19 57.26
C PRO A 276 21.59 14.48 58.39
N PRO A 277 21.14 14.49 59.68
CA PRO A 277 22.04 14.87 60.79
C PRO A 277 23.33 14.05 60.88
N GLY A 278 24.44 14.75 61.09
CA GLY A 278 25.75 14.11 61.23
C GLY A 278 26.13 13.19 60.10
N SER A 279 25.82 13.61 58.87
CA SER A 279 26.11 12.81 57.69
C SER A 279 26.84 13.67 56.67
N ARG A 280 27.69 13.03 55.88
CA ARG A 280 28.43 13.72 54.83
C ARG A 280 28.02 13.17 53.47
N LYS A 281 27.71 14.08 52.55
CA LYS A 281 27.31 13.71 51.21
C LYS A 281 28.55 13.74 50.33
N VAL A 282 28.68 12.75 49.45
CA VAL A 282 29.60 12.81 48.33
C VAL A 282 28.82 12.65 47.02
N VAL A 283 29.05 13.59 46.11
CA VAL A 283 28.42 13.61 44.79
C VAL A 283 29.48 13.21 43.78
N ILE A 284 29.30 12.04 43.17
CA ILE A 284 30.20 11.50 42.16
C ILE A 284 29.66 11.87 40.78
N ALA A 285 30.39 12.70 40.05
CA ALA A 285 29.84 13.46 38.94
C ALA A 285 30.70 13.34 37.68
N THR A 286 30.06 13.62 36.54
CA THR A 286 30.74 13.97 35.31
C THR A 286 31.00 15.47 35.32
N ASN A 287 31.43 16.01 34.18
CA ASN A 287 31.66 17.45 34.03
C ASN A 287 30.37 18.26 33.99
N ILE A 288 29.19 17.62 34.08
CA ILE A 288 27.92 18.32 34.14
C ILE A 288 27.87 19.23 35.37
N ALA A 289 28.53 18.82 36.46
CA ALA A 289 28.59 19.60 37.67
C ALA A 289 29.48 20.82 37.56
N GLU A 290 30.37 20.87 36.55
CA GLU A 290 31.26 22.02 36.37
C GLU A 290 30.50 23.29 36.06
N THR A 291 29.51 23.22 35.17
CA THR A 291 28.76 24.39 34.75
C THR A 291 27.25 24.20 34.78
N SER A 292 26.75 23.14 34.12
CA SER A 292 25.30 22.95 33.99
C SER A 292 24.62 22.78 35.35
N ILE A 293 25.17 21.94 36.22
CA ILE A 293 24.56 21.69 37.52
C ILE A 293 25.33 22.49 38.56
N THR A 294 24.61 23.25 39.38
CA THR A 294 25.25 23.98 40.46
C THR A 294 24.73 23.38 41.75
N ILE A 295 25.62 22.80 42.56
CA ILE A 295 25.20 22.13 43.78
C ILE A 295 25.56 23.01 44.97
N ASP A 296 24.59 23.22 45.86
CA ASP A 296 24.78 24.06 47.02
C ASP A 296 25.27 23.21 48.19
N TYR A 297 26.28 23.75 48.90
CA TYR A 297 26.91 23.23 50.13
C TYR A 297 27.97 22.19 49.77
N ILE A 298 28.70 22.41 48.68
CA ILE A 298 29.93 21.67 48.42
C ILE A 298 31.10 22.51 48.87
N TYR A 299 31.94 21.92 49.73
CA TYR A 299 33.14 22.57 50.22
C TYR A 299 34.40 21.80 49.85
N TYR A 300 34.28 20.59 49.31
CA TYR A 300 35.42 19.77 48.92
C TYR A 300 35.22 19.28 47.48
N VAL A 301 36.29 19.37 46.70
CA VAL A 301 36.24 18.87 45.30
C VAL A 301 37.42 17.92 45.11
N VAL A 302 37.16 16.74 44.56
CA VAL A 302 38.28 15.81 44.25
C VAL A 302 38.48 15.93 42.74
N ASP A 303 39.66 16.38 42.30
CA ASP A 303 39.85 16.55 40.84
C ASP A 303 40.73 15.45 40.30
N PRO A 304 40.16 14.44 39.63
CA PRO A 304 40.96 13.37 39.05
C PRO A 304 41.86 13.92 37.93
N GLY A 305 41.35 14.89 37.17
CA GLY A 305 42.11 15.53 36.08
C GLY A 305 41.75 15.03 34.70
N PHE A 306 40.70 14.23 34.57
CA PHE A 306 40.37 13.71 33.22
C PHE A 306 38.93 14.01 32.84
N VAL A 307 38.68 14.05 31.54
CA VAL A 307 37.32 14.25 30.97
C VAL A 307 37.20 13.35 29.74
N LYS A 308 35.98 12.98 29.37
CA LYS A 308 35.78 12.19 28.14
C LYS A 308 35.63 13.22 27.03
N GLN A 309 36.55 13.28 26.10
CA GLN A 309 36.45 14.30 25.06
C GLN A 309 36.17 13.75 23.67
N ASN A 310 35.28 14.46 22.98
CA ASN A 310 34.92 14.19 21.61
C ASN A 310 35.94 14.87 20.69
N ALA A 311 36.42 14.12 19.69
CA ALA A 311 37.20 14.69 18.61
C ALA A 311 36.86 13.99 17.30
N TYR A 312 36.54 14.77 16.28
CA TYR A 312 36.10 14.27 14.99
C TYR A 312 37.31 13.97 14.10
N ASP A 313 37.25 12.82 13.43
CA ASP A 313 38.25 12.43 12.43
C ASP A 313 37.60 12.42 11.06
N PRO A 314 37.76 13.49 10.28
CA PRO A 314 37.08 13.60 8.98
C PRO A 314 37.54 12.59 7.94
N LYS A 315 38.82 12.17 8.00
CA LYS A 315 39.35 11.10 7.15
C LYS A 315 38.48 9.85 7.22
N LEU A 316 38.16 9.41 8.43
CA LEU A 316 37.41 8.19 8.66
C LEU A 316 35.94 8.44 8.93
N GLY A 317 35.55 9.71 9.12
CA GLY A 317 34.16 10.06 9.35
C GLY A 317 33.64 9.51 10.65
N MET A 318 34.40 9.75 11.72
CA MET A 318 34.20 9.06 12.99
C MET A 318 34.57 9.96 14.15
N ASP A 319 33.67 10.03 15.15
CA ASP A 319 33.99 10.68 16.41
C ASP A 319 34.81 9.76 17.29
N SER A 320 35.76 10.32 18.03
CA SER A 320 36.54 9.52 18.97
C SER A 320 36.30 10.04 20.37
N LEU A 321 35.81 9.19 21.28
CA LEU A 321 35.63 9.59 22.66
C LEU A 321 36.81 9.05 23.45
N VAL A 322 37.65 9.92 23.98
CA VAL A 322 38.85 9.48 24.68
C VAL A 322 38.92 10.19 26.02
N VAL A 323 39.12 9.42 27.09
CA VAL A 323 39.43 9.96 28.40
C VAL A 323 40.76 10.69 28.25
N THR A 324 40.78 12.01 28.36
CA THR A 324 42.02 12.76 28.21
C THR A 324 42.17 13.77 29.34
N PRO A 325 43.39 14.24 29.62
CA PRO A 325 43.58 15.31 30.63
C PRO A 325 42.76 16.55 30.33
N ILE A 326 42.20 17.15 31.37
CA ILE A 326 41.49 18.41 31.25
C ILE A 326 42.46 19.57 31.02
N SER A 327 41.90 20.75 30.81
CA SER A 327 42.68 21.96 30.65
C SER A 327 42.83 22.71 31.97
N GLN A 328 43.72 23.71 31.97
CA GLN A 328 43.90 24.55 33.15
C GLN A 328 42.59 25.25 33.49
N ALA A 329 41.97 25.88 32.49
CA ALA A 329 40.70 26.60 32.65
C ALA A 329 39.66 25.69 33.29
N GLN A 330 39.60 24.46 32.79
CA GLN A 330 38.64 23.45 33.23
C GLN A 330 38.93 23.05 34.66
N ALA A 331 40.21 22.85 34.98
CA ALA A 331 40.66 22.50 36.33
C ALA A 331 40.31 23.59 37.32
N ASN A 332 40.47 24.84 36.91
CA ASN A 332 40.14 25.99 37.78
C ASN A 332 38.64 26.06 38.01
N GLN A 333 37.85 25.83 36.94
CA GLN A 333 36.40 25.82 37.05
C GLN A 333 35.96 24.80 38.09
N ARG A 334 36.57 23.59 38.04
CA ARG A 334 36.24 22.51 38.95
C ARG A 334 36.49 22.93 40.38
N ALA A 335 37.71 23.45 40.65
CA ALA A 335 38.11 23.94 41.96
C ALA A 335 37.08 24.90 42.52
N GLY A 336 36.62 25.85 41.70
CA GLY A 336 35.68 26.89 42.08
C GLY A 336 34.35 26.38 42.60
N ARG A 337 34.03 25.12 42.36
CA ARG A 337 32.78 24.53 42.82
C ARG A 337 32.81 24.29 44.32
N ALA A 338 34.01 24.15 44.91
CA ALA A 338 34.12 24.08 46.36
C ALA A 338 33.86 25.44 47.00
N GLY A 339 34.01 26.51 46.23
CA GLY A 339 33.89 27.87 46.71
C GLY A 339 32.57 28.56 46.45
N ARG A 340 31.51 27.84 46.07
CA ARG A 340 30.26 28.56 45.78
C ARG A 340 29.56 28.97 47.06
N THR A 341 29.29 28.01 47.94
CA THR A 341 28.57 28.32 49.18
C THR A 341 29.45 29.06 50.18
N GLY A 342 30.63 28.52 50.43
CA GLY A 342 31.61 29.10 51.32
C GLY A 342 33.00 28.64 50.99
N PRO A 343 33.99 29.03 51.82
CA PRO A 343 35.39 28.68 51.56
C PRO A 343 35.60 27.17 51.55
N GLY A 344 36.55 26.71 50.75
CA GLY A 344 36.68 25.29 50.53
C GLY A 344 38.05 24.77 50.13
N LYS A 345 38.10 23.48 49.78
CA LYS A 345 39.32 22.81 49.38
C LYS A 345 39.10 22.03 48.10
N CYS A 346 40.16 21.90 47.29
CA CYS A 346 40.14 21.09 46.08
C CYS A 346 41.38 20.22 46.09
N PHE A 347 41.16 18.91 45.98
CA PHE A 347 42.25 17.93 45.92
C PHE A 347 42.48 17.56 44.46
N ARG A 348 43.55 18.08 43.87
CA ARG A 348 43.97 17.73 42.53
C ARG A 348 44.94 16.56 42.61
N LEU A 349 44.61 15.48 41.88
CA LEU A 349 45.33 14.23 41.93
C LEU A 349 46.46 14.17 40.91
N TYR A 350 46.97 15.34 40.51
CA TYR A 350 48.09 15.48 39.61
C TYR A 350 49.08 16.46 40.23
N THR A 351 50.35 16.29 39.84
CA THR A 351 51.43 17.13 40.39
C THR A 351 51.33 18.54 39.80
N GLU A 352 51.99 19.50 40.43
CA GLU A 352 52.01 20.90 39.93
C GLU A 352 52.57 20.89 38.51
N ALA A 353 53.66 20.17 38.29
CA ALA A 353 54.29 20.09 36.95
C ALA A 353 53.23 19.71 35.92
N ALA A 354 52.38 18.75 36.25
CA ALA A 354 51.39 18.30 35.28
C ALA A 354 50.35 19.38 34.95
N TYR A 355 49.95 20.18 35.94
CA TYR A 355 49.11 21.32 35.62
C TYR A 355 49.87 22.31 34.74
N GLN A 356 51.12 22.58 35.10
CA GLN A 356 51.94 23.52 34.35
C GLN A 356 52.34 22.99 32.96
N SER A 357 52.69 21.70 32.86
CA SER A 357 53.20 21.20 31.59
C SER A 357 52.39 20.13 30.88
N GLU A 358 51.51 19.39 31.56
CA GLU A 358 50.79 18.36 30.82
C GLU A 358 49.36 18.79 30.47
N MET A 359 48.96 20.00 30.88
CA MET A 359 47.59 20.46 30.65
C MET A 359 47.59 21.74 29.81
N LEU A 360 46.77 21.73 28.76
CA LEU A 360 46.62 22.90 27.90
C LEU A 360 45.96 24.01 28.69
N PRO A 361 46.44 25.26 28.58
CA PRO A 361 45.76 26.35 29.32
C PRO A 361 44.27 26.49 29.01
N THR A 362 43.83 26.13 27.81
CA THR A 362 42.44 26.26 27.39
C THR A 362 41.99 24.95 26.76
N THR A 363 40.72 24.59 26.97
CA THR A 363 40.14 23.48 26.22
C THR A 363 40.05 23.86 24.74
N ILE A 364 40.47 22.97 23.86
CA ILE A 364 40.35 23.17 22.41
C ILE A 364 38.89 23.48 22.07
N PRO A 365 38.61 24.62 21.43
CA PRO A 365 37.22 25.00 21.14
C PRO A 365 36.47 23.97 20.33
N ASP A 366 35.15 23.93 20.54
CA ASP A 366 34.29 22.93 19.89
C ASP A 366 34.43 22.96 18.38
N ILE A 367 34.60 24.16 17.82
CA ILE A 367 34.61 24.35 16.36
C ILE A 367 35.80 23.62 15.74
N GLN A 368 36.88 23.41 16.49
CA GLN A 368 38.08 22.75 15.99
C GLN A 368 38.10 21.25 16.26
N ARG A 369 37.00 20.66 16.73
CA ARG A 369 36.99 19.21 16.95
C ARG A 369 35.62 18.56 16.80
N GLN A 370 34.67 19.17 16.09
CA GLN A 370 33.42 18.53 15.75
C GLN A 370 33.21 18.53 14.24
N ASN A 371 32.28 17.69 13.79
CA ASN A 371 31.77 17.74 12.43
C ASN A 371 31.21 19.14 12.17
N LEU A 372 31.37 19.65 10.95
CA LEU A 372 30.96 21.02 10.71
C LEU A 372 29.93 21.20 9.61
N ALA A 373 29.37 20.10 9.06
CA ALA A 373 28.40 20.15 7.95
C ALA A 373 27.27 21.11 8.24
N ASN A 374 26.76 21.06 9.47
CA ASN A 374 25.64 21.89 9.90
C ASN A 374 26.02 23.36 9.86
N THR A 375 27.21 23.68 10.38
CA THR A 375 27.73 25.03 10.42
C THR A 375 28.01 25.56 9.02
N ILE A 376 28.61 24.72 8.17
CA ILE A 376 28.98 25.11 6.80
C ILE A 376 27.73 25.42 6.00
N LEU A 377 26.69 24.60 6.15
CA LEU A 377 25.44 24.77 5.42
C LEU A 377 24.79 26.10 5.80
N LEU A 378 24.82 26.43 7.09
CA LEU A 378 24.23 27.67 7.59
C LEU A 378 24.96 28.87 7.00
N LEU A 379 26.29 28.81 6.95
CA LEU A 379 27.08 29.93 6.46
C LEU A 379 26.88 30.13 4.97
N LYS A 380 26.88 29.02 4.19
CA LYS A 380 26.52 29.11 2.77
C LYS A 380 25.11 29.68 2.60
N ALA A 381 24.17 29.32 3.49
CA ALA A 381 22.81 29.84 3.39
C ALA A 381 22.78 31.34 3.57
N MET A 382 23.67 31.88 4.40
CA MET A 382 23.78 33.30 4.63
C MET A 382 24.54 34.00 3.51
N GLY A 383 25.04 33.23 2.55
CA GLY A 383 25.68 33.73 1.36
C GLY A 383 27.14 34.05 1.56
N ILE A 384 27.84 33.26 2.36
CA ILE A 384 29.28 33.38 2.54
C ILE A 384 29.92 32.20 1.84
N ASN A 385 31.01 32.45 1.10
CA ASN A 385 31.42 31.45 0.12
C ASN A 385 32.81 30.89 0.36
N ASP A 386 33.84 31.72 0.49
CA ASP A 386 35.19 31.19 0.67
C ASP A 386 35.41 30.94 2.16
N LEU A 387 34.74 29.89 2.64
CA LEU A 387 34.67 29.55 4.08
C LEU A 387 36.03 29.25 4.69
N LEU A 388 36.97 28.74 3.90
CA LEU A 388 38.30 28.44 4.40
C LEU A 388 39.00 29.70 4.90
N ARG A 389 38.78 30.82 4.21
CA ARG A 389 39.36 32.12 4.54
C ARG A 389 38.47 32.93 5.47
N PHE A 390 37.37 32.36 5.92
CA PHE A 390 36.40 33.06 6.75
C PHE A 390 37.02 33.40 8.10
N ASP A 391 36.62 34.52 8.66
CA ASP A 391 37.34 35.16 9.76
C ASP A 391 36.93 34.54 11.09
N PHE A 392 37.37 33.29 11.28
CA PHE A 392 37.17 32.59 12.54
C PHE A 392 38.31 32.96 13.49
N MET A 393 37.96 33.20 14.75
CA MET A 393 38.97 33.52 15.76
C MET A 393 39.95 32.36 15.88
N ASP A 394 39.42 31.15 15.97
CA ASP A 394 40.25 29.94 15.97
C ASP A 394 39.74 29.15 14.77
N PRO A 395 40.51 29.08 13.69
CA PRO A 395 40.04 28.38 12.48
C PRO A 395 39.98 26.87 12.63
N PRO A 396 38.89 26.26 12.16
CA PRO A 396 38.78 24.80 12.19
C PRO A 396 39.82 24.14 11.31
N PRO A 397 40.19 22.88 11.62
CA PRO A 397 41.06 22.08 10.73
C PRO A 397 40.61 22.12 9.27
N VAL A 398 41.59 22.25 8.35
CA VAL A 398 41.28 22.40 6.92
C VAL A 398 40.54 21.18 6.39
N ASN A 399 40.95 19.98 6.82
CA ASN A 399 40.37 18.74 6.31
C ASN A 399 38.92 18.60 6.74
N THR A 400 38.61 19.07 7.95
CA THR A 400 37.25 19.04 8.48
C THR A 400 36.34 19.91 7.61
N MET A 401 36.86 21.06 7.17
CA MET A 401 36.03 21.98 6.35
C MET A 401 35.84 21.38 4.96
N LEU A 402 36.90 20.82 4.40
CA LEU A 402 36.84 20.24 3.06
C LEU A 402 35.88 19.05 3.02
N THR A 403 35.95 18.17 4.03
CA THR A 403 35.07 17.01 4.08
C THR A 403 33.62 17.46 4.21
N ALA A 404 33.38 18.50 5.02
CA ALA A 404 32.03 19.03 5.22
C ALA A 404 31.50 19.52 3.89
N LEU A 405 32.35 20.21 3.14
CA LEU A 405 31.99 20.74 1.82
C LEU A 405 31.70 19.59 0.85
N GLU A 406 32.53 18.53 0.90
CA GLU A 406 32.32 17.38 0.03
C GLU A 406 30.98 16.73 0.35
N GLU A 407 30.71 16.59 1.65
CA GLU A 407 29.47 15.99 2.15
C GLU A 407 28.27 16.73 1.58
N LEU A 408 28.29 18.07 1.69
CA LEU A 408 27.19 18.90 1.21
C LEU A 408 27.07 18.85 -0.30
N TYR A 409 28.21 18.72 -0.99
CA TYR A 409 28.19 18.52 -2.45
C TYR A 409 27.48 17.22 -2.77
N ALA A 410 27.87 16.13 -2.10
CA ALA A 410 27.33 14.79 -2.36
C ALA A 410 25.83 14.73 -2.15
N LEU A 411 25.28 15.52 -1.24
CA LEU A 411 23.88 15.51 -0.93
C LEU A 411 23.10 16.48 -1.80
N GLY A 412 23.80 17.23 -2.65
CA GLY A 412 23.16 18.14 -3.57
C GLY A 412 22.87 19.48 -2.96
N ALA A 413 23.44 19.77 -1.80
CA ALA A 413 23.26 21.07 -1.18
C ALA A 413 24.10 22.11 -1.89
N LEU A 414 25.23 21.67 -2.46
CA LEU A 414 26.10 22.51 -3.24
C LEU A 414 26.27 21.92 -4.64
N ASP A 415 26.48 22.80 -5.62
CA ASP A 415 26.74 22.41 -7.00
C ASP A 415 28.24 22.24 -7.23
N ASP A 416 28.62 21.97 -8.49
CA ASP A 416 30.03 21.73 -8.80
C ASP A 416 30.89 22.96 -8.55
N GLU A 417 30.29 24.16 -8.68
CA GLU A 417 30.99 25.42 -8.48
C GLU A 417 31.03 25.82 -7.01
N GLY A 418 30.48 24.98 -6.14
CA GLY A 418 30.52 25.14 -4.70
C GLY A 418 29.38 25.96 -4.14
N LEU A 419 28.49 26.47 -4.97
CA LEU A 419 27.46 27.41 -4.53
C LEU A 419 26.23 26.66 -4.03
N LEU A 420 25.46 27.33 -3.19
CA LEU A 420 24.26 26.73 -2.61
C LEU A 420 23.17 26.51 -3.66
N THR A 421 22.60 25.31 -3.67
CA THR A 421 21.49 24.94 -4.53
C THR A 421 20.14 25.25 -3.85
N ARG A 422 19.05 25.07 -4.61
CA ARG A 422 17.70 25.27 -4.05
C ARG A 422 17.43 24.24 -2.97
N LEU A 423 17.88 23.01 -3.20
CA LEU A 423 17.80 21.96 -2.20
C LEU A 423 18.57 22.40 -0.97
N GLY A 424 19.78 22.90 -1.17
CA GLY A 424 20.63 23.31 -0.06
C GLY A 424 19.99 24.39 0.78
N ARG A 425 19.34 25.36 0.13
CA ARG A 425 18.67 26.44 0.88
C ARG A 425 17.54 25.84 1.73
N LYS A 426 16.79 24.88 1.15
CA LYS A 426 15.67 24.26 1.86
C LYS A 426 16.17 23.51 3.07
N MET A 427 17.26 22.78 2.89
CA MET A 427 17.86 21.95 3.93
C MET A 427 18.36 22.78 5.09
N ALA A 428 18.84 24.01 4.83
CA ALA A 428 19.37 24.84 5.91
C ALA A 428 18.28 25.38 6.82
N ASP A 429 17.02 25.40 6.37
CA ASP A 429 15.93 25.83 7.21
C ASP A 429 15.58 24.79 8.25
N PHE A 430 16.06 23.57 8.07
CA PHE A 430 15.82 22.48 9.01
C PHE A 430 16.93 22.46 10.05
N PRO A 431 16.62 22.37 11.32
CA PRO A 431 17.65 22.32 12.37
C PRO A 431 18.23 20.95 12.75
N MET A 432 19.08 20.44 11.89
CA MET A 432 19.75 19.16 12.07
C MET A 432 20.86 19.06 11.07
N GLU A 433 21.65 18.01 11.21
CA GLU A 433 22.76 17.76 10.30
C GLU A 433 22.15 17.53 8.92
N PRO A 434 22.82 18.03 7.86
CA PRO A 434 22.28 17.98 6.50
C PRO A 434 21.88 16.61 6.00
N SER A 435 22.57 15.56 6.44
CA SER A 435 22.21 14.22 6.02
C SER A 435 20.79 13.87 6.49
N LEU A 436 20.36 14.36 7.65
CA LEU A 436 19.00 14.07 8.11
C LEU A 436 17.97 14.86 7.32
N SER A 437 18.24 16.12 7.01
CA SER A 437 17.33 16.93 6.19
C SER A 437 17.19 16.35 4.79
N LYS A 438 18.29 15.82 4.23
CA LYS A 438 18.26 15.13 2.94
C LYS A 438 17.24 14.01 2.97
N VAL A 439 17.30 13.19 4.03
CA VAL A 439 16.47 12.00 4.18
C VAL A 439 14.99 12.40 4.29
N LEU A 440 14.71 13.52 4.98
CA LEU A 440 13.33 14.01 5.14
C LEU A 440 12.75 14.39 3.79
N ILE A 441 13.53 15.12 2.99
CA ILE A 441 13.06 15.62 1.70
C ILE A 441 12.95 14.46 0.73
N ALA A 442 13.88 13.50 0.84
CA ALA A 442 13.80 12.27 0.05
C ALA A 442 12.57 11.45 0.43
N SER A 443 12.15 11.51 1.70
CA SER A 443 11.01 10.73 2.16
C SER A 443 9.69 11.24 1.58
N VAL A 444 9.68 12.51 1.14
CA VAL A 444 8.51 13.10 0.50
C VAL A 444 8.19 12.33 -0.78
N ASP A 445 9.20 12.19 -1.64
CA ASP A 445 9.04 11.48 -2.91
C ASP A 445 8.76 10.01 -2.65
N LYS A 446 9.38 9.45 -1.61
CA LYS A 446 9.23 8.04 -1.29
C LYS A 446 7.99 7.75 -0.48
N GLY A 447 7.19 8.76 -0.16
CA GLY A 447 5.88 8.57 0.46
C GLY A 447 5.91 8.01 1.87
N CYS A 448 6.91 8.40 2.67
CA CYS A 448 7.04 7.93 4.05
C CYS A 448 7.44 9.08 4.98
N SER A 449 6.95 10.27 4.69
CA SER A 449 7.32 11.46 5.46
C SER A 449 6.91 11.37 6.93
N ASP A 450 5.72 10.83 7.20
CA ASP A 450 5.18 10.79 8.58
C ASP A 450 6.09 9.99 9.50
N GLU A 451 6.55 8.84 9.03
CA GLU A 451 7.44 7.97 9.80
C GLU A 451 8.84 8.58 9.88
N MET A 452 9.35 9.08 8.75
CA MET A 452 10.68 9.66 8.70
C MET A 452 10.86 10.78 9.72
N VAL A 453 9.86 11.68 9.84
CA VAL A 453 9.89 12.81 10.78
C VAL A 453 10.16 12.31 12.20
N THR A 454 9.31 11.41 12.70
CA THR A 454 9.46 10.88 14.06
C THR A 454 10.84 10.23 14.23
N ILE A 455 11.26 9.42 13.24
CA ILE A 455 12.56 8.73 13.27
C ILE A 455 13.68 9.77 13.43
N VAL A 456 13.67 10.80 12.57
CA VAL A 456 14.67 11.88 12.60
C VAL A 456 14.69 12.51 13.98
N SER A 457 13.50 12.83 14.51
CA SER A 457 13.33 13.42 15.85
C SER A 457 14.05 12.60 16.91
N MET A 458 13.86 11.27 16.87
CA MET A 458 14.47 10.34 17.82
C MET A 458 15.99 10.40 17.74
N LEU A 459 16.53 10.53 16.52
CA LEU A 459 17.97 10.58 16.29
C LEU A 459 18.60 11.79 16.98
N ASN A 460 17.89 12.91 16.99
CA ASN A 460 18.34 14.16 17.60
C ASN A 460 18.59 14.00 19.10
N LEU A 461 17.75 13.19 19.75
CA LEU A 461 17.76 12.95 21.17
C LEU A 461 19.00 12.20 21.64
N GLN A 462 19.21 12.25 22.96
CA GLN A 462 20.33 11.62 23.64
C GLN A 462 19.81 10.80 24.82
N GLN A 463 20.37 9.60 24.99
CA GLN A 463 20.02 8.67 26.08
C GLN A 463 18.53 8.35 26.07
N ILE A 464 18.11 7.43 25.21
CA ILE A 464 16.70 7.07 25.13
C ILE A 464 16.34 5.95 26.08
N PHE A 465 17.11 4.88 26.06
CA PHE A 465 16.82 3.72 26.89
C PHE A 465 17.63 3.79 28.19
N TYR A 466 16.92 3.86 29.32
CA TYR A 466 17.57 3.85 30.62
C TYR A 466 18.04 2.47 30.98
N ARG A 467 19.30 2.36 31.37
CA ARG A 467 19.92 1.05 31.68
C ARG A 467 20.61 1.11 33.03
N PRO A 468 19.87 1.10 34.15
CA PRO A 468 20.45 1.18 35.50
C PRO A 468 21.27 -0.06 35.82
N LYS A 469 22.16 0.08 36.81
CA LYS A 469 23.26 -0.85 37.04
C LYS A 469 22.71 -2.18 37.53
N ASP A 470 21.85 -2.14 38.53
CA ASP A 470 21.30 -3.33 39.18
C ASP A 470 20.29 -4.01 38.27
N LYS A 471 19.51 -3.22 37.53
CA LYS A 471 18.43 -3.71 36.70
C LYS A 471 18.74 -3.62 35.19
N GLN A 472 19.95 -4.04 34.82
CA GLN A 472 20.44 -4.00 33.42
C GLN A 472 19.69 -5.01 32.57
N GLN A 473 19.69 -6.29 32.99
CA GLN A 473 19.00 -7.37 32.28
C GLN A 473 17.53 -7.03 32.04
N GLN A 474 16.86 -6.47 33.07
CA GLN A 474 15.44 -6.17 32.97
C GLN A 474 15.19 -5.11 31.91
N ALA A 475 16.07 -4.10 31.84
CA ALA A 475 15.98 -3.04 30.84
C ALA A 475 16.09 -3.59 29.43
N ASP A 476 17.12 -4.41 29.19
CA ASP A 476 17.36 -5.05 27.89
C ASP A 476 16.14 -5.84 27.43
N GLN A 477 15.50 -6.58 28.35
CA GLN A 477 14.27 -7.32 28.03
C GLN A 477 13.17 -6.39 27.55
N LYS A 478 12.95 -5.29 28.28
CA LYS A 478 11.87 -4.36 27.95
C LYS A 478 12.18 -3.67 26.62
N LYS A 479 13.45 -3.32 26.40
CA LYS A 479 13.86 -2.68 25.15
C LYS A 479 13.61 -3.59 23.96
N ALA A 480 13.89 -4.90 24.12
CA ALA A 480 13.84 -5.83 23.00
C ALA A 480 12.42 -6.05 22.49
N LYS A 481 11.40 -5.70 23.28
CA LYS A 481 10.01 -5.78 22.83
C LYS A 481 9.75 -4.84 21.67
N PHE A 482 10.58 -3.80 21.51
CA PHE A 482 10.38 -2.79 20.48
C PHE A 482 11.21 -3.04 19.24
N HIS A 483 12.29 -3.84 19.35
CA HIS A 483 13.18 -4.20 18.24
C HIS A 483 12.43 -4.58 16.96
N ASP A 484 12.70 -3.85 15.91
CA ASP A 484 12.30 -4.22 14.56
C ASP A 484 13.35 -5.18 13.99
N PRO A 485 12.93 -6.14 13.15
CA PRO A 485 13.93 -7.02 12.48
C PRO A 485 14.97 -6.28 11.66
N THR A 486 14.64 -5.11 11.11
CA THR A 486 15.53 -4.37 10.23
C THR A 486 16.58 -3.58 10.98
N GLY A 487 16.36 -3.31 12.26
CA GLY A 487 17.36 -2.66 13.07
C GLY A 487 16.84 -1.42 13.76
N ASP A 488 17.72 -0.44 13.96
CA ASP A 488 17.49 0.54 15.03
C ASP A 488 16.57 1.68 14.61
N HIS A 489 16.61 2.10 13.33
CA HIS A 489 15.78 3.22 12.89
C HIS A 489 14.30 2.91 13.04
N LEU A 490 13.91 1.71 12.61
CA LEU A 490 12.52 1.32 12.74
C LEU A 490 12.17 1.00 14.18
N THR A 491 13.17 0.56 14.97
CA THR A 491 12.97 0.38 16.41
C THR A 491 12.64 1.71 17.08
N LEU A 492 13.32 2.79 16.67
CA LEU A 492 13.04 4.12 17.20
C LEU A 492 11.62 4.55 16.86
N LEU A 493 11.15 4.14 15.69
CA LEU A 493 9.77 4.42 15.28
C LEU A 493 8.79 3.72 16.22
N ASN A 494 9.07 2.46 16.56
CA ASN A 494 8.21 1.66 17.42
C ASN A 494 8.08 2.30 18.80
N VAL A 495 9.21 2.75 19.36
CA VAL A 495 9.23 3.31 20.71
C VAL A 495 8.34 4.55 20.78
N TYR A 496 8.45 5.44 19.79
CA TYR A 496 7.64 6.65 19.77
C TYR A 496 6.16 6.30 19.62
N ASN A 497 5.85 5.38 18.72
CA ASN A 497 4.46 5.00 18.46
C ASN A 497 3.85 4.38 19.71
N ALA A 498 4.58 3.49 20.39
CA ALA A 498 4.09 2.83 21.59
C ALA A 498 3.90 3.81 22.73
N TRP A 499 4.80 4.80 22.84
CA TRP A 499 4.62 5.93 23.75
C TRP A 499 3.33 6.69 23.44
N LYS A 500 3.16 7.07 22.16
CA LYS A 500 1.95 7.76 21.71
C LYS A 500 0.69 6.97 22.03
N ASN A 501 0.71 5.67 21.74
CA ASN A 501 -0.46 4.80 21.91
C ASN A 501 -0.80 4.56 23.38
N SER A 502 0.15 4.81 24.28
CA SER A 502 -0.10 4.76 25.72
C SER A 502 -0.53 6.12 26.26
N GLY A 503 -0.94 7.04 25.39
CA GLY A 503 -1.38 8.35 25.82
C GLY A 503 -0.28 9.23 26.37
N TYR A 504 0.96 9.01 25.90
CA TYR A 504 2.15 9.79 26.25
C TYR A 504 2.45 9.69 27.75
N SER A 505 2.33 8.49 28.29
CA SER A 505 2.39 8.26 29.72
C SER A 505 3.82 8.23 30.24
N ASN A 506 4.07 9.03 31.29
CA ASN A 506 5.33 8.96 32.02
C ASN A 506 5.46 7.63 32.75
N ALA A 507 4.32 7.07 33.19
CA ALA A 507 4.32 5.78 33.86
C ALA A 507 4.83 4.70 32.90
N TRP A 508 4.29 4.70 31.67
CA TRP A 508 4.66 3.76 30.61
C TRP A 508 6.16 3.82 30.37
N CYS A 509 6.73 5.04 30.37
CA CYS A 509 8.16 5.24 30.17
C CYS A 509 8.93 4.55 31.29
N PHE A 510 8.62 4.91 32.54
CA PHE A 510 9.25 4.32 33.72
C PHE A 510 9.20 2.80 33.64
N GLU A 511 8.01 2.25 33.38
CA GLU A 511 7.80 0.80 33.29
C GLU A 511 8.74 0.19 32.26
N ASN A 512 8.86 0.80 31.08
CA ASN A 512 9.59 0.19 29.98
C ASN A 512 11.02 0.69 29.89
N TYR A 513 11.49 1.39 30.92
CA TYR A 513 12.89 1.79 31.12
C TYR A 513 13.33 2.76 30.01
N ILE A 514 12.46 3.72 29.70
CA ILE A 514 12.64 4.69 28.64
C ILE A 514 12.55 6.10 29.23
N GLN A 515 13.56 6.92 28.92
CA GLN A 515 13.68 8.28 29.43
C GLN A 515 12.56 9.16 28.92
N ALA A 516 11.66 9.56 29.83
CA ALA A 516 10.54 10.43 29.50
C ALA A 516 11.03 11.78 28.97
N ARG A 517 12.17 12.25 29.48
CA ARG A 517 12.77 13.52 29.06
C ARG A 517 13.06 13.49 27.57
N ALA A 518 13.62 12.37 27.11
CA ALA A 518 13.92 12.15 25.70
C ALA A 518 12.66 12.19 24.86
N MET A 519 11.62 11.45 25.27
CA MET A 519 10.38 11.35 24.49
C MET A 519 9.66 12.69 24.42
N ARG A 520 9.66 13.46 25.53
CA ARG A 520 9.03 14.77 25.52
C ARG A 520 9.74 15.70 24.55
N ARG A 521 11.08 15.59 24.47
CA ARG A 521 11.84 16.40 23.53
C ARG A 521 11.54 15.97 22.10
N ALA A 522 11.46 14.66 21.85
CA ALA A 522 11.16 14.13 20.51
C ALA A 522 9.84 14.69 19.98
N ARG A 523 8.82 14.76 20.84
CA ARG A 523 7.53 15.31 20.44
C ARG A 523 7.67 16.79 20.12
N ASP A 524 8.39 17.55 20.96
CA ASP A 524 8.67 18.95 20.67
C ASP A 524 9.39 19.11 19.34
N VAL A 525 10.41 18.28 19.08
CA VAL A 525 11.16 18.34 17.82
C VAL A 525 10.26 18.01 16.64
N ARG A 526 9.44 16.96 16.79
CA ARG A 526 8.53 16.49 15.74
C ARG A 526 7.58 17.61 15.32
N GLN A 527 6.95 18.25 16.31
CA GLN A 527 6.00 19.34 16.08
C GLN A 527 6.66 20.47 15.31
N GLN A 528 7.91 20.80 15.65
CA GLN A 528 8.66 21.86 14.99
C GLN A 528 8.94 21.47 13.55
N ILE A 529 9.37 20.23 13.33
CA ILE A 529 9.73 19.73 12.00
C ILE A 529 8.51 19.76 11.09
N VAL A 530 7.35 19.31 11.61
CA VAL A 530 6.08 19.30 10.88
C VAL A 530 5.73 20.71 10.40
N LYS A 531 5.96 21.73 11.25
CA LYS A 531 5.68 23.12 10.90
C LYS A 531 6.58 23.56 9.74
N ILE A 532 7.87 23.20 9.81
CA ILE A 532 8.87 23.55 8.81
C ILE A 532 8.53 22.89 7.48
N MET A 533 8.06 21.64 7.52
CA MET A 533 7.67 20.91 6.31
C MET A 533 6.51 21.63 5.62
N GLU A 534 5.54 22.08 6.40
CA GLU A 534 4.38 22.77 5.85
C GLU A 534 4.78 24.08 5.19
N ARG A 535 5.69 24.84 5.81
CA ARG A 535 6.12 26.12 5.24
C ARG A 535 6.76 25.91 3.88
N HIS A 536 7.50 24.82 3.71
CA HIS A 536 8.18 24.52 2.46
C HIS A 536 7.32 23.70 1.51
N ARG A 537 6.05 23.50 1.88
CA ARG A 537 5.06 22.77 1.07
C ARG A 537 5.49 21.34 0.77
N HIS A 538 6.14 20.71 1.75
CA HIS A 538 6.50 19.30 1.64
C HIS A 538 5.45 18.51 2.39
N PRO A 539 4.70 17.63 1.72
CA PRO A 539 3.61 16.92 2.38
C PRO A 539 4.11 15.82 3.29
N ILE A 540 3.40 15.62 4.39
CA ILE A 540 3.71 14.60 5.38
C ILE A 540 2.81 13.40 5.10
N ILE A 541 3.38 12.37 4.46
CA ILE A 541 2.65 11.21 3.97
C ILE A 541 3.11 9.99 4.76
N SER A 542 2.16 9.10 5.07
CA SER A 542 2.44 7.87 5.78
C SER A 542 2.61 6.71 4.78
N CYS A 543 3.62 5.89 5.00
CA CYS A 543 3.90 4.74 4.15
C CYS A 543 3.13 3.51 4.58
N GLY A 544 2.44 3.60 5.72
CA GLY A 544 1.70 2.46 6.25
C GLY A 544 2.60 1.28 6.53
N ARG A 545 2.19 0.10 6.06
CA ARG A 545 2.98 -1.12 6.26
C ARG A 545 4.29 -1.11 5.50
N ASP A 546 4.36 -0.39 4.37
CA ASP A 546 5.52 -0.46 3.48
C ASP A 546 6.66 0.35 4.09
N THR A 547 7.25 -0.23 5.13
CA THR A 547 8.37 0.34 5.86
C THR A 547 9.65 0.36 5.06
N ASP A 548 9.76 -0.47 4.00
CA ASP A 548 10.95 -0.46 3.17
C ASP A 548 11.19 0.93 2.58
N LYS A 549 10.11 1.69 2.33
CA LYS A 549 10.20 3.01 1.74
C LYS A 549 11.00 3.95 2.64
N ILE A 550 10.96 3.70 3.96
CA ILE A 550 11.76 4.46 4.90
C ILE A 550 13.23 4.14 4.70
N ARG A 551 13.52 2.85 4.55
CA ARG A 551 14.89 2.37 4.36
C ARG A 551 15.46 2.87 3.03
N GLN A 552 14.61 2.95 2.00
CA GLN A 552 15.00 3.56 0.73
C GLN A 552 15.35 5.03 0.91
N ALA A 553 14.55 5.75 1.70
CA ALA A 553 14.80 7.18 1.93
C ALA A 553 16.09 7.40 2.69
N LEU A 554 16.38 6.56 3.69
CA LEU A 554 17.61 6.65 4.48
C LEU A 554 18.87 6.57 3.62
N CYS A 555 18.85 5.80 2.54
CA CYS A 555 20.02 5.70 1.66
C CYS A 555 20.32 7.00 0.93
N ALA A 556 19.34 7.88 0.76
CA ALA A 556 19.55 9.16 0.10
C ALA A 556 20.49 10.07 0.88
N GLY A 557 20.54 9.91 2.20
CA GLY A 557 21.34 10.75 3.06
C GLY A 557 22.58 10.07 3.60
N PHE A 558 22.53 8.75 3.78
CA PHE A 558 23.53 8.06 4.60
C PHE A 558 24.26 6.99 3.80
N PHE A 559 24.34 7.17 2.47
CA PHE A 559 25.00 6.20 1.59
C PHE A 559 26.47 6.04 1.95
N ARG A 560 27.13 7.12 2.39
CA ARG A 560 28.53 7.01 2.80
C ARG A 560 28.66 6.12 4.02
N ASN A 561 27.74 6.24 4.95
CA ASN A 561 27.76 5.46 6.18
C ASN A 561 27.15 4.09 5.87
N THR A 562 27.94 3.24 5.25
CA THR A 562 27.47 1.92 4.83
C THR A 562 28.58 0.90 4.99
N ALA A 563 28.20 -0.33 5.30
CA ALA A 563 29.18 -1.37 5.58
C ALA A 563 28.65 -2.73 5.14
N ARG A 564 29.58 -3.68 4.93
CA ARG A 564 29.24 -5.02 4.50
C ARG A 564 29.93 -6.02 5.41
N LYS A 565 29.24 -7.10 5.77
CA LYS A 565 29.78 -8.08 6.74
C LYS A 565 31.07 -8.74 6.24
N ASP A 566 31.81 -9.35 7.16
CA ASP A 566 33.10 -10.06 6.92
C ASP A 566 32.82 -11.57 6.81
N TYR A 571 31.99 -6.44 9.98
CA TYR A 571 31.65 -5.44 8.99
C TYR A 571 32.86 -4.61 8.57
N LYS A 572 32.86 -4.21 7.30
CA LYS A 572 33.86 -3.36 6.70
C LYS A 572 33.15 -2.26 5.93
N THR A 573 33.62 -1.02 6.09
CA THR A 573 33.04 0.16 5.44
C THR A 573 33.15 0.03 3.92
N LEU A 574 32.08 0.42 3.22
CA LEU A 574 32.08 0.34 1.76
C LEU A 574 33.12 1.26 1.13
N THR A 575 33.24 2.50 1.62
CA THR A 575 34.19 3.43 1.04
C THR A 575 35.64 3.08 1.39
N GLU A 576 36.05 3.37 2.62
CA GLU A 576 37.45 3.30 3.05
C GLU A 576 37.92 1.89 3.35
N GLY A 577 36.99 0.95 3.55
CA GLY A 577 37.26 -0.44 3.86
C GLY A 577 37.59 -0.68 5.32
N THR A 578 37.47 0.35 6.15
CA THR A 578 37.79 0.29 7.56
C THR A 578 36.83 -0.64 8.30
N PRO A 579 37.32 -1.46 9.23
CA PRO A 579 36.40 -2.34 9.97
C PRO A 579 35.65 -1.57 11.04
N VAL A 580 34.35 -1.88 11.15
CA VAL A 580 33.40 -1.19 12.02
C VAL A 580 32.50 -2.28 12.57
N TYR A 581 32.01 -2.08 13.80
CA TYR A 581 31.35 -3.15 14.51
C TYR A 581 29.98 -2.67 15.00
N LEU A 582 28.97 -3.55 14.89
CA LEU A 582 27.70 -3.35 15.57
C LEU A 582 27.88 -3.15 17.07
N HIS A 583 27.15 -2.16 17.61
CA HIS A 583 27.12 -1.86 19.03
C HIS A 583 26.17 -2.81 19.75
N PRO A 584 26.58 -3.36 20.90
CA PRO A 584 25.72 -4.28 21.66
C PRO A 584 24.29 -3.84 22.00
N SER A 585 24.02 -2.54 21.98
CA SER A 585 22.67 -2.04 22.19
C SER A 585 21.78 -2.21 20.96
N SER A 586 22.38 -2.49 19.81
CA SER A 586 21.65 -2.48 18.54
C SER A 586 20.66 -3.63 18.46
N ALA A 587 19.50 -3.36 17.88
CA ALA A 587 18.52 -4.39 17.57
C ALA A 587 19.06 -5.41 16.56
N LEU A 588 20.15 -5.11 15.86
CA LEU A 588 20.74 -6.04 14.93
C LEU A 588 21.89 -6.85 15.51
N PHE A 589 22.16 -6.74 16.82
CA PHE A 589 23.42 -7.22 17.41
C PHE A 589 23.65 -8.70 17.17
N GLY A 590 22.79 -9.57 17.72
CA GLY A 590 23.00 -11.00 17.57
C GLY A 590 22.66 -11.53 16.19
N LYS A 591 22.37 -10.65 15.24
CA LYS A 591 21.65 -10.98 14.02
C LYS A 591 22.60 -10.87 12.82
N GLN A 592 22.26 -11.61 11.78
CA GLN A 592 22.99 -11.55 10.52
C GLN A 592 22.29 -10.59 9.56
N ALA A 593 23.09 -9.74 8.93
CA ALA A 593 22.59 -8.79 7.93
C ALA A 593 23.79 -8.34 7.11
N GLU A 594 23.75 -8.63 5.82
CA GLU A 594 24.94 -8.51 4.98
C GLU A 594 25.27 -7.05 4.69
N TRP A 595 24.28 -6.26 4.30
CA TRP A 595 24.44 -4.85 3.95
C TRP A 595 23.82 -4.01 5.04
N VAL A 596 24.58 -3.04 5.52
CA VAL A 596 24.21 -2.21 6.65
C VAL A 596 24.39 -0.71 6.38
N LEU A 597 23.47 0.09 6.95
CA LEU A 597 23.50 1.55 7.04
C LEU A 597 23.52 1.99 8.50
N TYR A 598 24.33 2.99 8.86
CA TYR A 598 24.42 3.44 10.24
C TYR A 598 24.37 4.96 10.35
N HIS A 599 23.76 5.46 11.43
CA HIS A 599 23.65 6.91 11.63
C HIS A 599 25.00 7.57 11.94
N GLU A 600 25.81 6.96 12.80
CA GLU A 600 27.10 7.54 13.20
C GLU A 600 28.12 6.43 13.41
N LEU A 601 29.38 6.81 13.30
CA LEU A 601 30.49 5.93 13.61
C LEU A 601 31.24 6.60 14.75
N VAL A 602 31.19 6.01 15.94
CA VAL A 602 31.83 6.58 17.12
C VAL A 602 32.85 5.61 17.69
N LEU A 603 34.05 6.09 17.99
CA LEU A 603 35.06 5.20 18.53
C LEU A 603 35.16 5.38 20.05
N THR A 604 34.78 4.35 20.81
CA THR A 604 34.92 4.42 22.26
C THR A 604 35.99 3.39 22.59
N THR A 605 35.64 2.20 23.04
CA THR A 605 36.59 1.14 23.31
C THR A 605 36.83 0.32 22.06
N LYS A 606 35.96 0.50 21.08
CA LYS A 606 35.94 -0.20 19.77
C LYS A 606 35.20 0.68 18.78
N GLU A 607 35.49 0.57 17.48
CA GLU A 607 34.83 1.42 16.49
C GLU A 607 33.40 0.91 16.30
N TYR A 608 32.43 1.64 16.84
CA TYR A 608 31.04 1.17 16.86
C TYR A 608 30.14 2.00 15.97
N MET A 609 29.36 1.32 15.14
CA MET A 609 28.27 1.97 14.43
C MET A 609 27.11 2.20 15.40
N HIS A 610 26.51 3.38 15.34
CA HIS A 610 25.37 3.69 16.18
C HIS A 610 24.12 3.82 15.32
N PHE A 611 23.00 3.27 15.79
CA PHE A 611 21.72 3.26 15.07
C PHE A 611 21.84 2.60 13.70
N THR A 612 22.33 1.37 13.71
CA THR A 612 22.49 0.59 12.50
C THR A 612 21.17 0.00 11.98
N THR A 613 20.98 0.02 10.65
CA THR A 613 19.81 -0.53 9.98
C THR A 613 20.23 -1.37 8.77
N ALA A 614 19.53 -2.51 8.57
CA ALA A 614 19.77 -3.40 7.44
C ALA A 614 19.23 -2.79 6.15
N ILE A 615 19.99 -2.93 5.07
CA ILE A 615 19.60 -2.43 3.76
C ILE A 615 19.87 -3.50 2.70
N GLU A 616 19.34 -3.22 1.51
CA GLU A 616 19.43 -3.99 0.28
C GLU A 616 20.19 -3.14 -0.74
N PRO A 617 21.27 -3.65 -1.35
CA PRO A 617 22.15 -2.83 -2.20
C PRO A 617 21.47 -2.07 -3.32
N LYS A 618 20.38 -2.62 -3.91
CA LYS A 618 19.52 -1.92 -4.87
C LYS A 618 19.25 -0.47 -4.49
N TRP A 619 19.03 -0.25 -3.19
CA TRP A 619 18.58 1.04 -2.70
C TRP A 619 19.69 2.08 -2.76
N LEU A 620 20.94 1.62 -2.70
CA LEU A 620 22.11 2.50 -2.77
C LEU A 620 22.27 3.11 -4.16
N VAL A 621 22.20 2.28 -5.20
CA VAL A 621 22.36 2.76 -6.56
C VAL A 621 21.13 3.54 -6.99
N GLU A 622 19.96 3.18 -6.45
CA GLU A 622 18.74 3.96 -6.66
C GLU A 622 18.89 5.36 -6.09
N ALA A 623 19.34 5.47 -4.84
CA ALA A 623 19.28 6.72 -4.11
C ALA A 623 20.51 7.59 -4.34
N ALA A 624 21.64 6.99 -4.73
CA ALA A 624 22.88 7.72 -4.97
C ALA A 624 23.53 7.20 -6.25
N PRO A 625 22.97 7.57 -7.41
CA PRO A 625 23.40 6.95 -8.69
C PRO A 625 24.82 7.29 -9.07
N THR A 626 25.25 8.51 -8.78
CA THR A 626 26.58 9.00 -9.16
C THR A 626 27.69 8.34 -8.35
N PHE A 627 27.41 7.93 -7.11
CA PHE A 627 28.44 7.48 -6.18
C PHE A 627 28.54 5.97 -6.10
N PHE A 628 27.55 5.29 -6.66
CA PHE A 628 27.54 3.82 -6.67
C PHE A 628 27.46 3.34 -8.10
N LYS A 629 28.52 2.67 -8.56
CA LYS A 629 28.56 2.14 -9.95
C LYS A 629 28.16 0.67 -9.88
N LEU A 630 27.54 0.16 -10.93
CA LEU A 630 27.13 -1.26 -10.97
C LEU A 630 28.11 -1.94 -11.92
N ALA A 631 28.71 -3.05 -11.49
CA ALA A 631 29.71 -3.72 -12.34
C ALA A 631 29.50 -5.22 -12.31
N PRO A 632 29.81 -5.93 -13.41
CA PRO A 632 29.66 -7.38 -13.47
C PRO A 632 30.83 -8.06 -12.74
N THR A 633 30.52 -9.13 -12.00
CA THR A 633 31.59 -9.84 -11.26
C THR A 633 32.07 -11.03 -12.10
N SER C 4 -0.16 -45.03 -61.89
CA SER C 4 -0.87 -45.55 -60.69
C SER C 4 0.09 -45.55 -59.49
N ILE C 5 -0.44 -45.72 -58.27
CA ILE C 5 0.42 -45.75 -57.06
C ILE C 5 1.36 -46.97 -57.12
N LYS C 6 0.85 -48.14 -57.47
CA LYS C 6 1.75 -49.31 -57.49
C LYS C 6 2.86 -49.09 -58.53
N GLU C 7 2.53 -48.62 -59.73
CA GLU C 7 3.63 -48.42 -60.72
C GLU C 7 4.63 -47.42 -60.13
N GLN C 8 4.13 -46.37 -59.48
CA GLN C 8 4.99 -45.36 -58.82
C GLN C 8 5.80 -46.04 -57.72
N ARG C 9 5.11 -46.80 -56.86
CA ARG C 9 5.76 -47.47 -55.73
C ARG C 9 6.93 -48.33 -56.23
N GLU C 10 6.65 -49.20 -57.20
CA GLU C 10 7.66 -50.08 -57.76
C GLU C 10 8.59 -49.39 -58.76
N SER C 11 8.20 -48.25 -59.34
CA SER C 11 9.10 -47.57 -60.30
C SER C 11 10.28 -46.93 -59.61
N LEU C 12 10.14 -46.62 -58.32
CA LEU C 12 11.20 -45.96 -57.58
C LEU C 12 12.41 -46.88 -57.50
N PRO C 13 13.63 -46.33 -57.63
CA PRO C 13 14.86 -47.15 -57.49
C PRO C 13 14.92 -48.02 -56.24
N VAL C 14 14.24 -47.63 -55.17
CA VAL C 14 14.39 -48.31 -53.89
C VAL C 14 13.64 -49.65 -53.91
N PHE C 15 12.64 -49.81 -54.80
CA PHE C 15 11.94 -51.09 -54.93
C PHE C 15 12.89 -52.19 -55.35
N GLN C 16 13.87 -51.84 -56.20
CA GLN C 16 14.88 -52.76 -56.68
C GLN C 16 15.70 -53.32 -55.54
N PHE C 17 15.78 -52.57 -54.43
CA PHE C 17 16.65 -52.93 -53.32
C PHE C 17 15.82 -53.30 -52.10
N ARG C 18 14.51 -53.54 -52.28
CA ARG C 18 13.51 -53.72 -51.21
C ARG C 18 13.91 -54.84 -50.25
N ASP C 19 14.05 -56.05 -50.78
CA ASP C 19 14.35 -57.24 -50.00
C ASP C 19 15.70 -57.07 -49.30
N GLN C 20 16.66 -56.48 -50.02
CA GLN C 20 18.01 -56.26 -49.50
C GLN C 20 17.96 -55.33 -48.28
N ILE C 21 17.16 -54.23 -48.36
CA ILE C 21 17.11 -53.27 -47.25
C ILE C 21 16.60 -53.94 -46.00
N ILE C 22 15.51 -54.71 -46.14
CA ILE C 22 14.89 -55.41 -45.02
C ILE C 22 15.88 -56.35 -44.35
N GLN C 23 16.72 -56.99 -45.16
CA GLN C 23 17.73 -57.90 -44.62
C GLN C 23 18.82 -57.11 -43.92
N ALA C 24 19.21 -55.97 -44.51
CA ALA C 24 20.24 -55.09 -43.93
C ALA C 24 19.79 -54.59 -42.56
N VAL C 25 18.50 -54.29 -42.42
CA VAL C 25 17.97 -53.79 -41.16
C VAL C 25 17.97 -54.93 -40.14
N LYS C 26 17.59 -56.14 -40.57
CA LYS C 26 17.55 -57.26 -39.65
C LYS C 26 18.96 -57.66 -39.23
N ASP C 27 19.93 -57.50 -40.14
CA ASP C 27 21.32 -57.91 -39.92
C ASP C 27 22.07 -56.94 -39.00
N ASN C 28 21.90 -55.64 -39.18
CA ASN C 28 22.61 -54.68 -38.36
C ASN C 28 21.66 -53.89 -37.46
N GLN C 29 22.19 -53.42 -36.35
CA GLN C 29 21.37 -52.65 -35.42
C GLN C 29 21.29 -51.19 -35.84
N ILE C 30 22.41 -50.61 -36.26
CA ILE C 30 22.42 -49.27 -36.84
C ILE C 30 22.84 -49.41 -38.29
N LEU C 31 22.22 -48.62 -39.18
CA LEU C 31 22.52 -48.68 -40.61
C LEU C 31 22.50 -47.30 -41.24
N ILE C 32 23.57 -46.93 -41.93
CA ILE C 32 23.57 -45.72 -42.74
C ILE C 32 22.94 -46.04 -44.09
N VAL C 33 21.97 -45.24 -44.49
CA VAL C 33 21.38 -45.31 -45.83
C VAL C 33 21.68 -44.01 -46.56
N VAL C 34 22.13 -44.13 -47.80
CA VAL C 34 22.36 -42.95 -48.62
C VAL C 34 21.37 -43.00 -49.77
N GLY C 35 20.47 -42.02 -49.81
CA GLY C 35 19.55 -41.96 -50.92
C GLY C 35 19.64 -40.61 -51.61
N GLU C 36 19.96 -40.59 -52.89
CA GLU C 36 19.95 -39.34 -53.62
C GLU C 36 18.50 -39.03 -53.98
N THR C 37 18.21 -37.75 -54.29
CA THR C 37 16.86 -37.30 -54.58
C THR C 37 16.24 -38.14 -55.69
N GLY C 38 15.03 -38.64 -55.43
CA GLY C 38 14.31 -39.52 -56.31
C GLY C 38 14.45 -40.99 -55.95
N SER C 39 15.30 -41.32 -54.97
CA SER C 39 15.47 -42.70 -54.52
C SER C 39 14.17 -43.24 -53.94
N GLY C 40 13.44 -42.40 -53.21
CA GLY C 40 12.19 -42.83 -52.62
C GLY C 40 12.34 -43.46 -51.27
N LYS C 41 13.49 -43.29 -50.63
CA LYS C 41 13.76 -43.90 -49.32
C LYS C 41 12.80 -43.40 -48.26
N THR C 42 12.44 -42.11 -48.30
CA THR C 42 11.63 -41.49 -47.26
C THR C 42 10.25 -42.14 -47.14
N THR C 43 9.59 -42.41 -48.25
CA THR C 43 8.23 -42.92 -48.17
C THR C 43 8.15 -44.44 -48.29
N GLN C 44 9.24 -45.11 -48.58
CA GLN C 44 9.19 -46.54 -48.86
C GLN C 44 9.77 -47.40 -47.75
N VAL C 45 10.97 -47.06 -47.25
CA VAL C 45 11.68 -47.89 -46.27
C VAL C 45 10.80 -48.11 -45.05
N THR C 46 10.07 -47.07 -44.67
CA THR C 46 9.17 -47.11 -43.54
C THR C 46 8.10 -48.19 -43.74
N GLN C 47 7.53 -48.22 -44.96
CA GLN C 47 6.50 -49.18 -45.31
C GLN C 47 7.08 -50.59 -45.37
N TYR C 48 8.25 -50.72 -46.03
CA TYR C 48 8.95 -51.99 -46.22
C TYR C 48 9.13 -52.72 -44.88
N LEU C 49 9.57 -51.98 -43.86
CA LEU C 49 9.82 -52.56 -42.55
C LEU C 49 8.49 -52.96 -41.90
N ALA C 50 7.45 -52.15 -42.11
CA ALA C 50 6.11 -52.46 -41.60
C ALA C 50 5.56 -53.71 -42.27
N GLU C 51 5.68 -53.78 -43.60
CA GLU C 51 5.29 -54.94 -44.40
C GLU C 51 6.01 -56.20 -43.89
N ALA C 52 7.28 -56.08 -43.56
CA ALA C 52 8.14 -57.18 -43.14
C ALA C 52 8.06 -57.49 -41.65
N GLY C 53 7.06 -56.93 -40.96
CA GLY C 53 6.68 -57.37 -39.63
C GLY C 53 7.31 -56.66 -38.45
N PHE C 54 8.02 -55.55 -38.70
CA PHE C 54 8.70 -54.79 -37.65
C PHE C 54 7.70 -54.14 -36.71
N THR C 55 6.49 -53.84 -37.18
CA THR C 55 5.46 -53.18 -36.37
C THR C 55 4.66 -54.17 -35.55
N LYS C 56 5.34 -55.12 -34.91
CA LYS C 56 4.72 -56.13 -34.09
C LYS C 56 5.05 -55.91 -32.62
N TYR C 57 6.32 -55.75 -32.30
CA TYR C 57 6.71 -55.56 -30.92
C TYR C 57 6.80 -54.08 -30.58
N GLY C 58 6.86 -53.20 -31.57
CA GLY C 58 6.96 -51.77 -31.37
C GLY C 58 6.42 -50.95 -32.54
N MET C 59 6.65 -49.64 -32.52
CA MET C 59 6.19 -48.70 -33.53
C MET C 59 7.37 -48.22 -34.37
N ILE C 60 7.09 -47.73 -35.57
CA ILE C 60 8.14 -47.24 -36.48
C ILE C 60 8.12 -45.71 -36.54
N GLY C 61 9.15 -45.08 -36.00
CA GLY C 61 9.26 -43.62 -36.01
C GLY C 61 10.25 -43.13 -37.05
N CYS C 62 9.89 -42.09 -37.79
CA CYS C 62 10.80 -41.44 -38.73
C CYS C 62 10.82 -39.93 -38.51
N THR C 63 12.02 -39.38 -38.29
CA THR C 63 12.18 -37.93 -38.05
C THR C 63 12.20 -37.18 -39.38
N GLN C 64 11.74 -35.93 -39.32
CA GLN C 64 11.86 -35.00 -40.46
C GLN C 64 12.32 -33.68 -39.86
N PRO C 65 13.29 -32.96 -40.45
CA PRO C 65 13.75 -31.69 -39.91
C PRO C 65 12.71 -30.55 -39.97
N ARG C 66 11.73 -30.65 -40.85
CA ARG C 66 10.69 -29.61 -41.00
C ARG C 66 9.32 -30.19 -40.66
N ARG C 67 8.45 -29.40 -40.04
CA ARG C 67 7.07 -29.83 -39.69
C ARG C 67 6.32 -30.15 -40.98
N VAL C 68 6.49 -29.33 -42.01
CA VAL C 68 5.77 -29.53 -43.30
C VAL C 68 6.19 -30.86 -43.90
N ALA C 69 7.48 -31.19 -43.85
CA ALA C 69 7.98 -32.45 -44.43
C ALA C 69 7.34 -33.62 -43.70
N ALA C 70 7.15 -33.48 -42.40
CA ALA C 70 6.56 -34.53 -41.57
C ALA C 70 5.12 -34.78 -41.99
N VAL C 71 4.36 -33.71 -42.28
CA VAL C 71 2.95 -33.86 -42.64
C VAL C 71 2.81 -34.31 -44.10
N SER C 72 3.61 -33.74 -45.02
CA SER C 72 3.66 -34.15 -46.43
C SER C 72 3.84 -35.65 -46.57
N VAL C 73 4.90 -36.18 -45.95
CA VAL C 73 5.30 -37.56 -46.13
C VAL C 73 4.28 -38.48 -45.46
N ALA C 74 3.77 -38.09 -44.29
CA ALA C 74 2.71 -38.86 -43.63
C ALA C 74 1.47 -38.93 -44.50
N LYS C 75 1.12 -37.83 -45.19
CA LYS C 75 -0.03 -37.80 -46.09
C LYS C 75 0.17 -38.79 -47.23
N ARG C 76 1.37 -38.77 -47.84
CA ARG C 76 1.67 -39.62 -48.99
C ARG C 76 1.74 -41.09 -48.56
N VAL C 77 2.36 -41.38 -47.42
CA VAL C 77 2.50 -42.78 -47.01
C VAL C 77 1.14 -43.33 -46.58
N ALA C 78 0.29 -42.50 -45.96
CA ALA C 78 -1.06 -42.95 -45.60
C ALA C 78 -1.87 -43.29 -46.85
N GLU C 79 -1.79 -42.43 -47.88
CA GLU C 79 -2.52 -42.66 -49.13
C GLU C 79 -1.96 -43.90 -49.83
N GLU C 80 -0.62 -44.08 -49.81
CA GLU C 80 -0.01 -45.25 -50.44
C GLU C 80 -0.44 -46.51 -49.71
N VAL C 81 -0.55 -46.45 -48.38
CA VAL C 81 -0.93 -47.63 -47.59
C VAL C 81 -2.45 -47.78 -47.69
N GLY C 82 -3.15 -46.72 -48.11
CA GLY C 82 -4.60 -46.77 -48.27
C GLY C 82 -5.38 -46.73 -46.99
N CYS C 83 -4.78 -46.22 -45.93
CA CYS C 83 -5.46 -46.01 -44.66
C CYS C 83 -5.77 -44.52 -44.48
N GLN C 84 -6.59 -44.23 -43.47
CA GLN C 84 -6.88 -42.86 -43.09
C GLN C 84 -5.71 -42.30 -42.30
N LEU C 85 -5.33 -41.06 -42.63
CA LEU C 85 -4.23 -40.40 -41.94
C LEU C 85 -4.55 -40.33 -40.46
N GLY C 86 -3.57 -40.68 -39.64
CA GLY C 86 -3.73 -40.69 -38.21
C GLY C 86 -4.08 -42.05 -37.68
N GLN C 87 -4.35 -43.02 -38.57
CA GLN C 87 -4.70 -44.38 -38.19
C GLN C 87 -3.42 -45.19 -38.23
N GLU C 88 -3.22 -46.07 -39.22
CA GLU C 88 -1.99 -46.86 -39.30
C GLU C 88 -0.77 -45.98 -39.56
N VAL C 89 -0.93 -44.95 -40.40
CA VAL C 89 0.12 -43.98 -40.65
C VAL C 89 -0.35 -42.65 -40.08
N GLY C 90 0.46 -42.09 -39.17
CA GLY C 90 0.17 -40.81 -38.56
C GLY C 90 1.41 -39.94 -38.47
N TYR C 91 1.21 -38.71 -37.97
CA TYR C 91 2.33 -37.82 -37.69
C TYR C 91 2.16 -37.09 -36.36
N THR C 92 3.29 -36.69 -35.76
CA THR C 92 3.26 -35.87 -34.55
C THR C 92 4.26 -34.74 -34.65
N ILE C 93 3.75 -33.50 -34.56
CA ILE C 93 4.54 -32.29 -34.51
C ILE C 93 3.97 -31.43 -33.39
N ARG C 94 4.60 -30.28 -33.13
CA ARG C 94 4.15 -29.43 -32.03
C ARG C 94 2.74 -28.95 -32.32
N PHE C 95 1.87 -29.04 -31.30
CA PHE C 95 0.47 -28.65 -31.23
C PHE C 95 -0.43 -29.60 -32.02
N GLU C 96 0.12 -30.66 -32.63
CA GLU C 96 -0.69 -31.48 -33.52
C GLU C 96 -0.19 -32.93 -33.48
N ASP C 97 -0.80 -33.73 -32.60
CA ASP C 97 -0.60 -35.18 -32.46
C ASP C 97 -1.66 -35.97 -33.22
N VAL C 98 -1.42 -36.17 -34.52
CA VAL C 98 -2.35 -36.92 -35.38
C VAL C 98 -2.04 -38.44 -35.32
N THR C 99 -1.91 -38.96 -34.11
CA THR C 99 -1.63 -40.38 -33.87
C THR C 99 -2.80 -41.00 -33.11
N SER C 100 -3.01 -42.32 -33.28
CA SER C 100 -4.07 -43.10 -32.65
C SER C 100 -3.47 -44.37 -32.03
N PRO C 101 -4.22 -45.23 -31.32
CA PRO C 101 -3.58 -46.44 -30.77
C PRO C 101 -3.19 -47.45 -31.83
N ALA C 102 -3.83 -47.41 -32.99
CA ALA C 102 -3.54 -48.34 -34.09
C ALA C 102 -2.43 -47.84 -35.00
N THR C 103 -1.67 -46.81 -34.60
CA THR C 103 -0.59 -46.31 -35.43
C THR C 103 0.67 -47.14 -35.34
N LYS C 104 1.16 -47.54 -36.51
CA LYS C 104 2.36 -48.35 -36.64
C LYS C 104 3.50 -47.54 -37.21
N ILE C 105 3.20 -46.64 -38.16
CA ILE C 105 4.19 -45.77 -38.79
C ILE C 105 3.97 -44.34 -38.30
N LYS C 106 5.02 -43.70 -37.79
CA LYS C 106 4.86 -42.39 -37.17
C LYS C 106 5.93 -41.43 -37.70
N TYR C 107 5.55 -40.48 -38.55
CA TYR C 107 6.46 -39.43 -38.97
C TYR C 107 6.45 -38.30 -37.95
N MET C 108 7.60 -37.66 -37.73
CA MET C 108 7.66 -36.66 -36.67
C MET C 108 8.80 -35.69 -36.95
N THR C 109 8.77 -34.56 -36.25
CA THR C 109 9.89 -33.59 -36.37
C THR C 109 11.05 -34.13 -35.54
N ASP C 110 12.29 -33.76 -35.85
CA ASP C 110 13.44 -34.24 -35.06
C ASP C 110 13.30 -33.74 -33.62
N GLY C 111 12.87 -32.49 -33.45
CA GLY C 111 12.67 -31.90 -32.11
C GLY C 111 11.65 -32.68 -31.30
N MET C 112 10.59 -33.17 -31.94
CA MET C 112 9.55 -33.92 -31.20
C MET C 112 10.17 -35.19 -30.58
N LEU C 113 10.98 -35.92 -31.34
CA LEU C 113 11.63 -37.16 -30.84
C LEU C 113 12.58 -36.80 -29.70
N GLN C 114 13.30 -35.68 -29.85
CA GLN C 114 14.29 -35.20 -28.85
C GLN C 114 13.55 -34.99 -27.52
N ARG C 115 12.39 -34.34 -27.58
CA ARG C 115 11.56 -34.11 -26.36
C ARG C 115 11.03 -35.45 -25.84
N GLU C 116 10.64 -36.35 -26.74
CA GLU C 116 10.08 -37.68 -26.37
C GLU C 116 11.13 -38.49 -25.61
N ILE C 117 12.39 -38.42 -26.04
CA ILE C 117 13.49 -39.20 -25.40
C ILE C 117 13.70 -38.76 -23.94
N LEU C 118 13.50 -37.47 -23.64
CA LEU C 118 13.71 -36.95 -22.27
C LEU C 118 12.77 -37.66 -21.28
N MET C 119 11.51 -37.86 -21.68
CA MET C 119 10.52 -38.55 -20.85
C MET C 119 10.70 -40.07 -20.88
N ASP C 120 11.35 -40.60 -21.92
CA ASP C 120 11.50 -42.05 -22.08
C ASP C 120 12.82 -42.34 -22.79
N PRO C 121 13.95 -42.28 -22.07
CA PRO C 121 15.28 -42.41 -22.72
C PRO C 121 15.51 -43.72 -23.46
N ASP C 122 14.72 -44.75 -23.21
CA ASP C 122 14.83 -46.00 -23.92
C ASP C 122 13.98 -46.07 -25.16
N LEU C 123 13.01 -45.15 -25.30
CA LEU C 123 12.01 -45.14 -26.38
C LEU C 123 11.42 -46.55 -26.51
N LYS C 124 10.75 -46.97 -25.44
CA LYS C 124 10.14 -48.29 -25.38
C LYS C 124 8.95 -48.44 -26.31
N ARG C 125 8.36 -47.34 -26.71
CA ARG C 125 7.19 -47.34 -27.54
C ARG C 125 7.53 -47.66 -29.00
N TYR C 126 8.80 -47.58 -29.37
CA TYR C 126 9.20 -47.64 -30.78
C TYR C 126 10.08 -48.88 -31.00
N SER C 127 9.86 -49.62 -32.08
CA SER C 127 10.76 -50.70 -32.50
C SER C 127 11.89 -50.27 -33.44
N VAL C 128 11.66 -49.32 -34.34
CA VAL C 128 12.71 -48.85 -35.23
C VAL C 128 12.60 -47.32 -35.32
N ILE C 129 13.75 -46.66 -35.34
CA ILE C 129 13.83 -45.21 -35.51
C ILE C 129 14.64 -44.88 -36.73
N MET C 130 14.08 -44.06 -37.60
CA MET C 130 14.77 -43.67 -38.81
C MET C 130 15.00 -42.17 -38.73
N LEU C 131 16.26 -41.75 -38.89
CA LEU C 131 16.58 -40.33 -38.84
C LEU C 131 16.71 -39.87 -40.29
N ASP C 132 15.70 -39.17 -40.79
CA ASP C 132 15.70 -38.81 -42.19
C ASP C 132 16.24 -37.40 -42.38
N GLU C 133 16.73 -37.15 -43.59
CA GLU C 133 17.31 -35.88 -44.02
C GLU C 133 18.36 -35.39 -43.04
N ALA C 134 19.17 -36.33 -42.55
CA ALA C 134 20.13 -36.06 -41.50
C ALA C 134 21.32 -35.26 -42.00
N HIS C 135 21.52 -35.20 -43.33
CA HIS C 135 22.59 -34.39 -43.90
C HIS C 135 22.40 -32.90 -43.65
N GLU C 136 21.18 -32.47 -43.33
CA GLU C 136 20.90 -31.07 -43.03
C GLU C 136 21.47 -30.65 -41.68
N ARG C 137 21.65 -31.61 -40.76
CA ARG C 137 22.42 -31.41 -39.52
C ARG C 137 21.85 -30.30 -38.64
N THR C 138 20.54 -30.39 -38.41
CA THR C 138 19.88 -29.61 -37.38
C THR C 138 20.40 -30.04 -36.01
N ILE C 139 20.26 -29.12 -35.04
CA ILE C 139 20.71 -29.37 -33.67
C ILE C 139 20.05 -30.63 -33.10
N ALA C 140 18.75 -30.80 -33.36
CA ALA C 140 18.02 -31.94 -32.82
C ALA C 140 18.56 -33.23 -33.41
N THR C 141 18.86 -33.23 -34.72
CA THR C 141 19.41 -34.42 -35.38
C THR C 141 20.74 -34.82 -34.75
N ASP C 142 21.67 -33.84 -34.60
CA ASP C 142 23.01 -34.10 -34.05
C ASP C 142 22.91 -34.61 -32.61
N VAL C 143 21.94 -34.11 -31.86
CA VAL C 143 21.70 -34.56 -30.49
C VAL C 143 21.15 -35.97 -30.53
N LEU C 144 20.25 -36.23 -31.48
CA LEU C 144 19.65 -37.56 -31.58
C LEU C 144 20.71 -38.58 -31.98
N PHE C 145 21.70 -38.20 -32.79
CA PHE C 145 22.81 -39.09 -33.16
C PHE C 145 23.43 -39.67 -31.90
N ALA C 146 23.84 -38.78 -30.99
CA ALA C 146 24.52 -39.15 -29.76
C ALA C 146 23.61 -39.97 -28.85
N LEU C 147 22.38 -39.50 -28.64
CA LEU C 147 21.49 -40.16 -27.69
C LEU C 147 21.06 -41.54 -28.18
N LEU C 148 20.82 -41.69 -29.48
CA LEU C 148 20.39 -42.99 -30.00
C LEU C 148 21.54 -43.98 -29.94
N LYS C 149 22.78 -43.49 -30.11
CA LYS C 149 23.96 -44.33 -30.02
C LYS C 149 24.08 -44.93 -28.63
N LYS C 150 23.80 -44.14 -27.60
CA LYS C 150 23.77 -44.62 -26.23
C LYS C 150 22.57 -45.53 -25.98
N THR C 151 21.41 -45.15 -26.52
CA THR C 151 20.15 -45.89 -26.30
C THR C 151 20.27 -47.30 -26.86
N VAL C 152 21.00 -47.43 -27.98
CA VAL C 152 21.23 -48.72 -28.64
C VAL C 152 21.95 -49.68 -27.72
N LYS C 153 22.93 -49.19 -26.94
CA LYS C 153 23.65 -50.05 -25.99
C LYS C 153 22.73 -50.72 -24.98
N ARG C 154 21.75 -49.96 -24.47
CA ARG C 154 20.83 -50.41 -23.43
C ARG C 154 19.63 -51.17 -23.97
N ARG C 155 19.45 -51.22 -25.28
CA ARG C 155 18.23 -51.78 -25.86
C ARG C 155 18.49 -52.42 -27.23
N PRO C 156 18.88 -53.72 -27.23
CA PRO C 156 19.33 -54.38 -28.47
C PRO C 156 18.23 -54.68 -29.49
N ASP C 157 16.96 -54.71 -29.10
CA ASP C 157 15.92 -54.95 -30.09
C ASP C 157 15.67 -53.70 -30.93
N LEU C 158 16.01 -52.52 -30.43
CA LEU C 158 15.82 -51.26 -31.12
C LEU C 158 16.74 -51.20 -32.34
N LYS C 159 16.16 -50.90 -33.50
CA LYS C 159 16.87 -50.76 -34.77
C LYS C 159 16.87 -49.29 -35.18
N VAL C 160 18.04 -48.76 -35.55
CA VAL C 160 18.13 -47.34 -35.92
C VAL C 160 18.72 -47.21 -37.33
N ILE C 161 18.13 -46.32 -38.11
CA ILE C 161 18.55 -46.02 -39.49
C ILE C 161 18.86 -44.54 -39.56
N VAL C 162 20.02 -44.18 -40.10
CA VAL C 162 20.43 -42.78 -40.22
C VAL C 162 20.76 -42.48 -41.68
N THR C 163 20.03 -41.53 -42.26
CA THR C 163 20.30 -41.20 -43.66
C THR C 163 21.54 -40.30 -43.75
N SER C 164 22.17 -40.29 -44.92
CA SER C 164 23.35 -39.47 -45.09
C SER C 164 23.57 -39.08 -46.54
N ALA C 165 24.24 -37.94 -46.71
CA ALA C 165 24.78 -37.55 -48.01
C ALA C 165 25.91 -38.50 -48.38
N THR C 166 26.24 -38.56 -49.69
CA THR C 166 27.31 -39.45 -50.16
C THR C 166 28.64 -39.13 -49.46
N LEU C 167 28.92 -37.83 -49.26
CA LEU C 167 30.26 -37.42 -48.86
C LEU C 167 30.50 -37.83 -47.42
N ASP C 168 29.55 -37.54 -46.55
CA ASP C 168 29.65 -37.76 -45.11
C ASP C 168 29.33 -39.21 -44.73
N ALA C 169 28.98 -40.06 -45.70
CA ALA C 169 28.56 -41.44 -45.42
C ALA C 169 29.60 -42.22 -44.65
N GLU C 170 30.87 -42.10 -45.04
CA GLU C 170 31.93 -42.86 -44.37
C GLU C 170 32.09 -42.32 -42.96
N LYS C 171 32.06 -40.99 -42.85
CA LYS C 171 32.17 -40.28 -41.58
C LYS C 171 31.06 -40.71 -40.63
N PHE C 172 29.82 -40.78 -41.13
CA PHE C 172 28.72 -41.29 -40.31
C PHE C 172 28.97 -42.71 -39.85
N SER C 173 29.45 -43.58 -40.75
CA SER C 173 29.70 -44.99 -40.41
C SER C 173 30.66 -45.16 -39.23
N GLU C 174 31.83 -44.50 -39.28
CA GLU C 174 32.84 -44.63 -38.22
C GLU C 174 32.26 -44.20 -36.88
N TYR C 175 31.51 -43.08 -36.88
CA TYR C 175 30.85 -42.63 -35.66
C TYR C 175 29.83 -43.67 -35.19
N PHE C 176 29.00 -44.20 -36.08
CA PHE C 176 28.03 -45.20 -35.63
C PHE C 176 28.61 -46.61 -35.68
N ASN C 177 29.74 -46.80 -34.98
CA ASN C 177 30.33 -48.10 -34.66
C ASN C 177 30.81 -48.87 -35.90
N SER C 178 31.22 -48.13 -36.93
CA SER C 178 31.72 -48.65 -38.23
C SER C 178 30.76 -49.66 -38.85
N CYS C 179 29.46 -49.31 -38.85
CA CYS C 179 28.40 -50.17 -39.34
C CYS C 179 28.24 -49.96 -40.85
N PRO C 180 27.55 -50.86 -41.58
CA PRO C 180 27.56 -50.77 -43.06
C PRO C 180 26.83 -49.55 -43.60
N ILE C 181 27.07 -49.29 -44.89
CA ILE C 181 26.48 -48.16 -45.58
C ILE C 181 25.75 -48.72 -46.79
N PHE C 182 24.43 -48.61 -46.78
CA PHE C 182 23.60 -49.05 -47.90
C PHE C 182 23.32 -47.89 -48.84
N THR C 183 23.72 -48.00 -50.10
CA THR C 183 23.55 -46.92 -51.07
C THR C 183 22.41 -47.23 -52.03
N ILE C 184 21.52 -46.26 -52.23
CA ILE C 184 20.40 -46.38 -53.16
C ILE C 184 20.57 -45.37 -54.28
N PRO C 185 20.49 -45.79 -55.55
CA PRO C 185 20.60 -44.85 -56.68
C PRO C 185 19.37 -43.95 -56.79
N GLY C 186 19.55 -42.77 -57.40
CA GLY C 186 18.43 -41.84 -57.46
C GLY C 186 18.13 -41.22 -58.81
N ARG C 187 16.83 -41.17 -59.13
CA ARG C 187 16.34 -40.63 -60.42
C ARG C 187 16.11 -39.12 -60.26
N THR C 188 16.82 -38.32 -61.06
CA THR C 188 16.69 -36.87 -61.11
C THR C 188 16.80 -36.42 -62.54
N PHE C 189 15.93 -35.49 -62.96
CA PHE C 189 16.06 -34.99 -64.33
C PHE C 189 17.39 -34.25 -64.46
N PRO C 190 18.10 -34.39 -65.60
CA PRO C 190 19.38 -33.73 -65.76
C PRO C 190 19.28 -32.21 -65.74
N VAL C 191 20.28 -31.56 -65.14
CA VAL C 191 20.29 -30.07 -65.11
C VAL C 191 21.63 -29.62 -65.70
N GLU C 192 21.61 -28.84 -66.78
CA GLU C 192 22.90 -28.38 -67.32
C GLU C 192 23.40 -27.29 -66.39
N ILE C 193 24.68 -27.31 -66.02
CA ILE C 193 25.19 -26.28 -65.10
C ILE C 193 26.19 -25.39 -65.85
N LEU C 194 25.93 -24.09 -65.86
CA LEU C 194 26.80 -23.13 -66.58
C LEU C 194 27.45 -22.20 -65.56
N TYR C 195 28.76 -22.05 -65.63
CA TYR C 195 29.53 -21.21 -64.69
C TYR C 195 29.92 -19.91 -65.39
N SER C 196 29.98 -18.81 -64.64
CA SER C 196 30.44 -17.53 -65.22
C SER C 196 31.90 -17.70 -65.62
N ARG C 197 32.29 -17.18 -66.78
CA ARG C 197 33.70 -17.33 -67.23
C ARG C 197 34.60 -16.59 -66.23
N GLU C 198 34.19 -15.40 -65.79
CA GLU C 198 35.02 -14.60 -64.86
C GLU C 198 34.17 -14.23 -63.65
N PRO C 199 34.78 -13.86 -62.51
CA PRO C 199 34.03 -13.55 -61.31
C PRO C 199 33.07 -12.37 -61.48
N GLU C 200 31.93 -12.43 -60.81
CA GLU C 200 30.95 -11.32 -60.89
C GLU C 200 31.15 -10.41 -59.67
N PRO C 201 31.54 -9.14 -59.87
CA PRO C 201 31.76 -8.22 -58.77
C PRO C 201 30.45 -7.95 -58.02
N ASP C 202 29.34 -7.80 -58.75
CA ASP C 202 28.05 -7.59 -58.11
C ASP C 202 27.17 -8.78 -58.45
N TYR C 203 26.79 -9.55 -57.42
CA TYR C 203 25.97 -10.75 -57.60
C TYR C 203 24.51 -10.37 -57.84
N LEU C 204 24.08 -9.21 -57.35
CA LEU C 204 22.71 -8.75 -57.53
C LEU C 204 22.48 -8.35 -58.98
N GLU C 205 23.41 -7.56 -59.53
CA GLU C 205 23.34 -7.09 -60.91
C GLU C 205 23.42 -8.28 -61.85
N ALA C 206 24.38 -9.18 -61.60
CA ALA C 206 24.60 -10.37 -62.42
C ALA C 206 23.34 -11.22 -62.47
N ALA C 207 22.62 -11.30 -61.35
CA ALA C 207 21.40 -12.10 -61.25
C ALA C 207 20.31 -11.45 -62.09
N LEU C 208 20.20 -10.13 -62.04
CA LEU C 208 19.23 -9.38 -62.83
C LEU C 208 19.54 -9.50 -64.32
N THR C 209 20.82 -9.29 -64.68
CA THR C 209 21.33 -9.47 -66.04
C THR C 209 21.00 -10.87 -66.57
N THR C 210 21.20 -11.90 -65.73
CA THR C 210 21.01 -13.30 -66.14
C THR C 210 19.53 -13.59 -66.34
N VAL C 211 18.65 -13.05 -65.50
CA VAL C 211 17.20 -13.28 -65.64
C VAL C 211 16.73 -12.69 -66.97
N MET C 212 17.24 -11.51 -67.30
CA MET C 212 16.90 -10.85 -68.56
C MET C 212 17.35 -11.71 -69.73
N GLN C 213 18.64 -12.08 -69.76
CA GLN C 213 19.23 -12.96 -70.77
C GLN C 213 18.33 -14.18 -70.99
N ILE C 214 18.06 -14.93 -69.90
CA ILE C 214 17.27 -16.16 -69.95
C ILE C 214 15.93 -15.89 -70.62
N HIS C 215 15.27 -14.79 -70.20
CA HIS C 215 13.92 -14.51 -70.68
C HIS C 215 13.93 -14.24 -72.17
N LEU C 216 14.86 -13.42 -72.61
CA LEU C 216 14.84 -12.91 -73.97
C LEU C 216 15.44 -13.90 -74.96
N THR C 217 16.21 -14.91 -74.50
CA THR C 217 16.97 -15.78 -75.39
C THR C 217 16.90 -17.29 -75.14
N GLU C 218 16.12 -17.78 -74.19
CA GLU C 218 16.11 -19.22 -73.92
C GLU C 218 14.71 -19.81 -74.13
N PRO C 219 14.63 -21.12 -74.41
CA PRO C 219 13.30 -21.80 -74.58
C PRO C 219 12.45 -21.76 -73.34
N PRO C 220 11.08 -22.04 -73.44
CA PRO C 220 10.17 -21.89 -72.30
C PRO C 220 10.56 -22.56 -71.00
N GLY C 221 10.02 -22.05 -69.89
CA GLY C 221 10.25 -22.59 -68.57
C GLY C 221 10.50 -21.49 -67.55
N ASP C 222 9.89 -21.61 -66.38
CA ASP C 222 9.93 -20.59 -65.34
C ASP C 222 11.29 -20.57 -64.64
N ILE C 223 11.65 -19.39 -64.11
CA ILE C 223 12.96 -19.14 -63.51
C ILE C 223 12.84 -19.04 -61.99
N LEU C 224 13.86 -19.53 -61.26
CA LEU C 224 13.96 -19.40 -59.81
C LEU C 224 15.31 -18.79 -59.45
N VAL C 225 15.29 -17.60 -58.84
CA VAL C 225 16.50 -16.88 -58.46
C VAL C 225 16.66 -16.95 -56.94
N PHE C 226 17.86 -17.28 -56.47
CA PHE C 226 18.14 -17.29 -55.04
C PHE C 226 18.88 -16.04 -54.58
N LEU C 227 18.20 -15.20 -53.80
CA LEU C 227 18.84 -14.03 -53.22
C LEU C 227 18.85 -14.20 -51.69
N THR C 228 19.18 -13.12 -50.97
CA THR C 228 19.67 -13.27 -49.61
C THR C 228 18.72 -12.76 -48.54
N GLY C 229 17.94 -11.71 -48.82
CA GLY C 229 17.11 -11.10 -47.80
C GLY C 229 15.83 -10.55 -48.40
N GLN C 230 14.93 -10.09 -47.54
CA GLN C 230 13.66 -9.52 -48.01
C GLN C 230 13.88 -8.21 -48.75
N GLU C 231 14.65 -7.30 -48.17
CA GLU C 231 14.87 -5.98 -48.82
C GLU C 231 15.55 -6.20 -50.18
N GLU C 232 16.53 -7.09 -50.24
CA GLU C 232 17.28 -7.31 -51.48
C GLU C 232 16.34 -7.87 -52.55
N ILE C 233 15.41 -8.74 -52.17
CA ILE C 233 14.48 -9.35 -53.13
C ILE C 233 13.49 -8.32 -53.63
N ASP C 234 12.93 -7.52 -52.73
CA ASP C 234 11.94 -6.50 -53.10
C ASP C 234 12.58 -5.45 -54.01
N THR C 235 13.83 -5.10 -53.72
CA THR C 235 14.58 -4.16 -54.55
C THR C 235 14.83 -4.78 -55.93
N ALA C 236 15.11 -6.08 -55.97
CA ALA C 236 15.28 -6.80 -57.22
C ALA C 236 13.99 -6.83 -58.03
N CYS C 237 12.84 -7.06 -57.37
CA CYS C 237 11.57 -7.11 -58.09
C CYS C 237 11.25 -5.77 -58.74
N GLU C 238 11.45 -4.65 -58.04
CA GLU C 238 11.16 -3.32 -58.59
C GLU C 238 12.07 -3.03 -59.78
N ILE C 239 13.36 -3.32 -59.66
CA ILE C 239 14.33 -3.05 -60.73
C ILE C 239 14.00 -3.89 -61.95
N LEU C 240 13.68 -5.17 -61.74
CA LEU C 240 13.45 -6.07 -62.87
C LEU C 240 12.19 -5.59 -63.61
N TYR C 241 11.12 -5.27 -62.85
CA TYR C 241 9.87 -4.75 -63.42
C TYR C 241 10.11 -3.49 -64.25
N GLU C 242 11.00 -2.60 -63.78
CA GLU C 242 11.27 -1.33 -64.46
C GLU C 242 12.10 -1.54 -65.72
N ARG C 243 12.99 -2.53 -65.71
CA ARG C 243 13.81 -2.82 -66.89
C ARG C 243 12.99 -3.49 -67.98
N MET C 244 12.07 -4.39 -67.61
CA MET C 244 11.25 -5.08 -68.60
C MET C 244 10.31 -4.11 -69.29
N LYS C 245 9.67 -3.22 -68.53
CA LYS C 245 8.74 -2.24 -69.11
C LYS C 245 9.48 -1.27 -70.02
N ALA C 246 10.71 -0.90 -69.63
CA ALA C 246 11.54 0.01 -70.41
C ALA C 246 11.89 -0.58 -71.78
N LEU C 247 12.13 -1.89 -71.84
CA LEU C 247 12.57 -2.52 -73.09
C LEU C 247 11.53 -2.32 -74.19
N GLY C 248 10.25 -2.51 -73.86
CA GLY C 248 9.21 -2.31 -74.83
C GLY C 248 7.89 -2.97 -74.51
N PRO C 249 6.87 -2.64 -75.29
CA PRO C 249 5.53 -3.22 -75.08
C PRO C 249 5.41 -4.59 -75.73
N SER C 250 6.08 -4.72 -76.89
CA SER C 250 6.05 -5.94 -77.70
C SER C 250 6.72 -7.13 -77.02
N VAL C 251 7.66 -6.89 -76.12
CA VAL C 251 8.42 -7.95 -75.44
C VAL C 251 7.47 -8.81 -74.58
N PRO C 252 7.65 -10.13 -74.55
CA PRO C 252 6.75 -11.02 -73.79
C PRO C 252 6.76 -10.75 -72.29
N GLU C 253 5.58 -10.91 -71.67
CA GLU C 253 5.40 -10.60 -70.26
C GLU C 253 6.24 -11.50 -69.36
N LEU C 254 6.84 -10.88 -68.35
CA LEU C 254 7.58 -11.56 -67.29
C LEU C 254 6.88 -11.31 -65.96
N ILE C 255 6.24 -12.35 -65.42
CA ILE C 255 5.59 -12.27 -64.11
C ILE C 255 6.66 -12.43 -63.04
N ILE C 256 6.86 -11.37 -62.25
CA ILE C 256 7.92 -11.27 -61.24
C ILE C 256 7.30 -11.41 -59.85
N LEU C 257 7.65 -12.49 -59.14
CA LEU C 257 7.05 -12.76 -57.83
C LEU C 257 8.11 -13.03 -56.77
N PRO C 258 8.06 -12.32 -55.64
CA PRO C 258 8.95 -12.63 -54.51
C PRO C 258 8.47 -13.83 -53.71
N ILE C 259 9.41 -14.47 -53.01
CA ILE C 259 9.07 -15.45 -51.98
C ILE C 259 10.08 -15.48 -50.83
N TYR C 260 9.58 -15.29 -49.62
CA TYR C 260 10.31 -15.34 -48.36
C TYR C 260 9.32 -15.73 -47.27
N SER C 261 9.84 -16.23 -46.14
CA SER C 261 8.98 -16.69 -45.05
C SER C 261 8.15 -15.55 -44.48
N ALA C 262 8.71 -14.34 -44.45
CA ALA C 262 8.03 -13.16 -43.90
C ALA C 262 6.81 -12.79 -44.73
N LEU C 263 6.78 -13.20 -45.98
CA LEU C 263 5.74 -12.86 -46.95
C LEU C 263 4.42 -13.53 -46.59
N PRO C 264 3.32 -12.78 -46.54
CA PRO C 264 2.00 -13.31 -46.15
C PRO C 264 1.59 -14.46 -47.06
N SER C 265 0.80 -15.39 -46.49
CA SER C 265 0.38 -16.60 -47.20
C SER C 265 -0.39 -16.28 -48.47
N GLU C 266 -1.22 -15.22 -48.46
CA GLU C 266 -1.95 -14.84 -49.67
C GLU C 266 -0.96 -14.51 -50.78
N MET C 267 0.10 -13.77 -50.43
CA MET C 267 1.06 -13.38 -51.44
C MET C 267 2.01 -14.53 -51.74
N GLN C 268 2.22 -15.44 -50.78
CA GLN C 268 3.07 -16.60 -51.10
C GLN C 268 2.38 -17.52 -52.08
N SER C 269 1.04 -17.53 -52.07
CA SER C 269 0.27 -18.48 -52.87
C SER C 269 0.32 -18.18 -54.37
N ARG C 270 0.65 -16.95 -54.75
CA ARG C 270 0.66 -16.62 -56.17
C ARG C 270 1.86 -17.22 -56.91
N ILE C 271 2.81 -17.82 -56.20
CA ILE C 271 3.98 -18.40 -56.86
C ILE C 271 3.67 -19.83 -57.31
N PHE C 272 2.46 -20.31 -57.04
CA PHE C 272 2.04 -21.65 -57.41
C PHE C 272 1.06 -21.60 -58.57
N GLU C 273 0.55 -20.41 -58.94
CA GLU C 273 -0.36 -20.25 -60.06
C GLU C 273 0.46 -20.27 -61.34
N PRO C 274 -0.03 -20.95 -62.39
CA PRO C 274 0.63 -20.99 -63.68
C PRO C 274 0.56 -19.62 -64.36
N ALA C 275 1.30 -19.47 -65.46
CA ALA C 275 1.35 -18.19 -66.20
C ALA C 275 0.78 -18.37 -67.61
N GLY C 278 0.46 -16.42 -72.36
CA GLY C 278 1.74 -17.08 -72.69
C GLY C 278 2.93 -16.27 -72.20
N SER C 279 3.04 -16.12 -70.89
CA SER C 279 4.13 -15.33 -70.28
C SER C 279 5.09 -16.23 -69.52
N ARG C 280 6.22 -15.65 -69.14
CA ARG C 280 7.23 -16.37 -68.32
C ARG C 280 7.21 -15.75 -66.92
N LYS C 281 7.20 -16.62 -65.91
CA LYS C 281 7.14 -16.26 -64.47
C LYS C 281 8.53 -16.40 -63.87
N VAL C 282 9.00 -15.40 -63.12
CA VAL C 282 10.33 -15.53 -62.47
C VAL C 282 10.12 -15.47 -60.96
N VAL C 283 10.65 -16.44 -60.21
CA VAL C 283 10.45 -16.37 -58.74
C VAL C 283 11.77 -15.97 -58.10
N ILE C 284 11.74 -14.85 -57.41
CA ILE C 284 12.92 -14.31 -56.72
C ILE C 284 12.84 -14.68 -55.25
N ALA C 285 13.76 -15.53 -54.79
CA ALA C 285 13.58 -16.27 -53.55
C ALA C 285 14.78 -16.16 -52.61
N THR C 286 14.53 -16.41 -51.33
CA THR C 286 15.57 -16.76 -50.37
C THR C 286 15.78 -18.26 -50.44
N ASN C 287 16.66 -18.78 -49.58
CA ASN C 287 16.87 -20.22 -49.48
C ASN C 287 15.65 -21.03 -49.01
N ILE C 288 14.50 -20.38 -48.77
CA ILE C 288 13.29 -21.11 -48.41
C ILE C 288 12.88 -22.02 -49.55
N ALA C 289 13.06 -21.56 -50.79
CA ALA C 289 12.73 -22.30 -52.00
C ALA C 289 13.66 -23.47 -52.23
N GLU C 290 14.81 -23.46 -51.56
CA GLU C 290 15.80 -24.52 -51.68
C GLU C 290 15.27 -25.86 -51.15
N THR C 291 14.56 -25.86 -50.03
CA THR C 291 14.08 -27.11 -49.45
C THR C 291 12.69 -27.03 -48.85
N SER C 292 12.35 -25.94 -48.17
CA SER C 292 11.05 -25.87 -47.51
C SER C 292 9.92 -25.72 -48.51
N ILE C 293 10.08 -24.80 -49.46
CA ILE C 293 9.07 -24.54 -50.49
C ILE C 293 9.47 -25.28 -51.76
N THR C 294 8.57 -26.08 -52.30
CA THR C 294 8.80 -26.84 -53.52
C THR C 294 7.91 -26.26 -54.62
N ILE C 295 8.52 -25.55 -55.55
CA ILE C 295 7.77 -24.93 -56.64
C ILE C 295 7.79 -25.85 -57.84
N ASP C 296 6.64 -26.02 -58.48
CA ASP C 296 6.53 -26.86 -59.66
C ASP C 296 6.71 -26.01 -60.91
N TYR C 297 7.27 -26.64 -61.94
CA TYR C 297 7.50 -26.06 -63.26
C TYR C 297 8.57 -24.97 -63.21
N ILE C 298 9.61 -25.17 -62.41
CA ILE C 298 10.84 -24.39 -62.52
C ILE C 298 11.79 -25.22 -63.33
N TYR C 299 12.30 -24.64 -64.43
CA TYR C 299 13.28 -25.34 -65.25
C TYR C 299 14.60 -24.58 -65.32
N TYR C 300 14.66 -23.36 -64.80
CA TYR C 300 15.85 -22.52 -64.79
C TYR C 300 16.11 -22.01 -63.38
N VAL C 301 17.37 -22.07 -62.95
CA VAL C 301 17.83 -21.56 -61.66
C VAL C 301 18.99 -20.60 -61.88
N VAL C 302 18.90 -19.41 -61.28
CA VAL C 302 20.00 -18.47 -61.20
C VAL C 302 20.58 -18.54 -59.79
N ASP C 303 21.87 -18.88 -59.69
CA ASP C 303 22.54 -19.12 -58.42
C ASP C 303 23.67 -18.10 -58.23
N PRO C 304 23.39 -16.96 -57.61
CA PRO C 304 24.46 -16.00 -57.29
C PRO C 304 25.51 -16.52 -56.33
N GLY C 305 25.17 -17.53 -55.52
CA GLY C 305 26.14 -18.24 -54.71
C GLY C 305 26.23 -17.82 -53.27
N PHE C 306 25.32 -16.98 -52.79
CA PHE C 306 25.39 -16.48 -51.43
C PHE C 306 24.16 -16.84 -50.61
N VAL C 307 24.37 -16.97 -49.31
CA VAL C 307 23.30 -17.13 -48.35
C VAL C 307 23.63 -16.23 -47.15
N LYS C 308 22.59 -15.82 -46.44
CA LYS C 308 22.75 -15.03 -45.21
C LYS C 308 22.87 -16.07 -44.10
N GLN C 309 24.01 -16.14 -43.42
CA GLN C 309 24.25 -17.16 -42.41
C GLN C 309 24.39 -16.60 -41.01
N ASN C 310 23.78 -17.32 -40.08
CA ASN C 310 23.86 -17.06 -38.66
C ASN C 310 25.14 -17.70 -38.12
N ALA C 311 25.88 -16.95 -37.32
CA ALA C 311 26.98 -17.49 -36.52
C ALA C 311 27.05 -16.79 -35.17
N TYR C 312 27.05 -17.57 -34.11
CA TYR C 312 27.04 -17.08 -32.73
C TYR C 312 28.46 -16.79 -32.25
N ASP C 313 28.61 -15.64 -31.59
CA ASP C 313 29.86 -15.24 -30.92
C ASP C 313 29.64 -15.23 -29.42
N PRO C 314 30.05 -16.29 -28.70
CA PRO C 314 29.79 -16.38 -27.26
C PRO C 314 30.52 -15.34 -26.42
N LYS C 315 31.71 -14.92 -26.85
CA LYS C 315 32.45 -13.83 -26.22
C LYS C 315 31.59 -12.59 -26.04
N LEU C 316 30.92 -12.17 -27.11
CA LEU C 316 30.13 -10.95 -27.14
C LEU C 316 28.65 -11.22 -26.95
N GLY C 317 28.23 -12.48 -27.00
CA GLY C 317 26.83 -12.83 -26.79
C GLY C 317 25.95 -12.32 -27.90
N MET C 318 26.37 -12.58 -29.14
CA MET C 318 25.80 -11.91 -30.30
C MET C 318 25.81 -12.82 -31.52
N ASP C 319 24.65 -12.91 -32.18
CA ASP C 319 24.54 -13.56 -33.48
C ASP C 319 25.01 -12.62 -34.58
N SER C 320 25.63 -13.19 -35.60
CA SER C 320 26.04 -12.41 -36.76
C SER C 320 25.34 -12.96 -38.01
N LEU C 321 24.60 -12.11 -38.72
CA LEU C 321 23.99 -12.52 -39.98
C LEU C 321 24.88 -11.93 -41.07
N VAL C 322 25.56 -12.79 -41.83
CA VAL C 322 26.48 -12.30 -42.85
C VAL C 322 26.20 -13.01 -44.16
N VAL C 323 26.09 -12.23 -45.25
CA VAL C 323 26.01 -12.78 -46.59
C VAL C 323 27.34 -13.47 -46.84
N THR C 324 27.36 -14.78 -46.95
CA THR C 324 28.60 -15.50 -47.19
C THR C 324 28.39 -16.51 -48.31
N PRO C 325 29.47 -16.99 -48.94
CA PRO C 325 29.31 -18.04 -49.98
C PRO C 325 28.63 -19.29 -49.44
N ILE C 326 27.78 -19.88 -50.26
CA ILE C 326 27.14 -21.15 -49.93
C ILE C 326 28.14 -22.29 -50.01
N SER C 327 27.70 -23.48 -49.62
CA SER C 327 28.52 -24.68 -49.73
C SER C 327 28.26 -25.39 -51.05
N GLN C 328 29.12 -26.37 -51.35
CA GLN C 328 28.93 -27.20 -52.55
C GLN C 328 27.59 -27.91 -52.47
N ALA C 329 27.31 -28.57 -51.32
CA ALA C 329 26.08 -29.31 -51.10
C ALA C 329 24.87 -28.41 -51.34
N GLN C 330 24.97 -27.18 -50.84
CA GLN C 330 23.91 -26.19 -50.94
C GLN C 330 23.73 -25.78 -52.39
N ALA C 331 24.86 -25.56 -53.09
CA ALA C 331 24.84 -25.19 -54.50
C ALA C 331 24.21 -26.29 -55.36
N ASN C 332 24.51 -27.55 -55.03
CA ASN C 332 23.95 -28.67 -55.78
C ASN C 332 22.45 -28.80 -55.51
N GLN C 333 22.06 -28.60 -54.25
CA GLN C 333 20.65 -28.61 -53.86
C GLN C 333 19.89 -27.58 -54.68
N ARG C 334 20.46 -26.38 -54.82
CA ARG C 334 19.84 -25.27 -55.57
C ARG C 334 19.62 -25.68 -57.03
N ALA C 335 20.70 -26.18 -57.67
CA ALA C 335 20.69 -26.66 -59.05
C ALA C 335 19.55 -27.65 -59.27
N GLY C 336 19.39 -28.60 -58.33
CA GLY C 336 18.39 -29.66 -58.41
C GLY C 336 16.96 -29.17 -58.48
N ARG C 337 16.71 -27.91 -58.13
CA ARG C 337 15.37 -27.32 -58.19
C ARG C 337 14.94 -27.08 -59.63
N ALA C 338 15.89 -26.93 -60.55
CA ALA C 338 15.57 -26.85 -61.97
C ALA C 338 15.13 -28.21 -62.53
N GLY C 339 15.53 -29.30 -61.89
CA GLY C 339 15.24 -30.64 -62.34
C GLY C 339 14.04 -31.29 -61.69
N ARG C 340 13.28 -30.57 -60.88
CA ARG C 340 12.15 -31.16 -60.17
C ARG C 340 11.04 -31.64 -61.10
N THR C 341 10.63 -30.82 -62.07
CA THR C 341 9.53 -31.22 -62.94
C THR C 341 10.04 -31.88 -64.22
N GLY C 342 10.98 -31.25 -64.89
CA GLY C 342 11.59 -31.85 -66.06
C GLY C 342 13.03 -31.39 -66.15
N PRO C 343 13.72 -31.76 -67.24
CA PRO C 343 15.14 -31.40 -67.40
C PRO C 343 15.34 -29.89 -67.42
N GLY C 344 16.49 -29.45 -66.92
CA GLY C 344 16.65 -28.02 -66.75
C GLY C 344 18.06 -27.46 -66.80
N LYS C 345 18.20 -26.18 -66.48
CA LYS C 345 19.49 -25.49 -66.48
C LYS C 345 19.67 -24.73 -65.17
N CYS C 346 20.93 -24.59 -64.76
CA CYS C 346 21.26 -23.78 -63.59
C CYS C 346 22.41 -22.88 -64.02
N PHE C 347 22.22 -21.58 -63.84
CA PHE C 347 23.27 -20.62 -64.13
C PHE C 347 23.94 -20.22 -62.83
N ARG C 348 25.15 -20.72 -62.60
CA ARG C 348 25.91 -20.31 -61.42
C ARG C 348 26.70 -19.06 -61.79
N LEU C 349 26.66 -18.05 -60.92
CA LEU C 349 27.30 -16.77 -61.19
C LEU C 349 28.71 -16.72 -60.62
N TYR C 350 29.32 -17.87 -60.39
CA TYR C 350 30.68 -18.00 -59.92
C TYR C 350 31.45 -18.96 -60.83
N THR C 351 32.76 -18.78 -60.85
CA THR C 351 33.67 -19.60 -61.69
C THR C 351 33.76 -21.00 -61.10
N GLU C 352 34.18 -21.98 -61.91
CA GLU C 352 34.33 -23.39 -61.47
C GLU C 352 35.36 -23.46 -60.35
N ALA C 353 36.44 -22.68 -60.45
CA ALA C 353 37.49 -22.67 -59.41
C ALA C 353 36.84 -22.22 -58.10
N ALA C 354 35.95 -21.24 -58.15
CA ALA C 354 35.27 -20.80 -56.93
C ALA C 354 34.50 -21.92 -56.26
N TYR C 355 33.86 -22.80 -57.06
CA TYR C 355 33.09 -23.90 -56.49
C TYR C 355 33.99 -24.78 -55.63
N GLN C 356 35.17 -25.14 -56.16
CA GLN C 356 36.08 -25.98 -55.39
C GLN C 356 36.96 -25.17 -54.43
N SER C 357 37.56 -24.09 -54.94
CA SER C 357 38.51 -23.27 -54.18
C SER C 357 37.86 -22.50 -53.02
N GLU C 358 36.71 -21.88 -53.23
CA GLU C 358 36.19 -21.01 -52.17
C GLU C 358 34.92 -21.49 -51.50
N MET C 359 34.36 -22.64 -51.88
CA MET C 359 33.12 -23.10 -51.26
C MET C 359 33.38 -24.39 -50.48
N LEU C 360 32.97 -24.39 -49.22
CA LEU C 360 33.13 -25.58 -48.37
C LEU C 360 32.27 -26.70 -48.93
N PRO C 361 32.72 -27.96 -48.87
CA PRO C 361 31.86 -29.04 -49.41
C PRO C 361 30.53 -29.14 -48.69
N THR C 362 30.52 -28.96 -47.37
CA THR C 362 29.31 -29.08 -46.57
C THR C 362 29.14 -27.83 -45.73
N THR C 363 27.90 -27.38 -45.55
CA THR C 363 27.65 -26.23 -44.69
C THR C 363 27.97 -26.59 -43.26
N ILE C 364 28.64 -25.70 -42.53
CA ILE C 364 29.01 -25.93 -41.12
C ILE C 364 27.74 -26.25 -40.33
N PRO C 365 27.69 -27.40 -39.64
CA PRO C 365 26.49 -27.81 -38.89
C PRO C 365 26.00 -26.76 -37.89
N ASP C 366 24.68 -26.74 -37.68
CA ASP C 366 24.05 -25.74 -36.83
C ASP C 366 24.64 -25.75 -35.43
N ILE C 367 24.95 -26.94 -34.92
CA ILE C 367 25.40 -27.11 -33.54
C ILE C 367 26.72 -26.38 -33.29
N GLN C 368 27.53 -26.18 -34.34
CA GLN C 368 28.82 -25.51 -34.24
C GLN C 368 28.75 -24.02 -34.49
N ARG C 369 27.55 -23.43 -34.61
CA ARG C 369 27.44 -21.99 -34.82
C ARG C 369 26.15 -21.38 -34.25
N GLN C 370 25.50 -22.01 -33.28
CA GLN C 370 24.37 -21.40 -32.57
C GLN C 370 24.65 -21.39 -31.07
N ASN C 371 23.87 -20.57 -30.36
CA ASN C 371 23.78 -20.62 -28.91
C ASN C 371 23.37 -22.02 -28.50
N LEU C 372 23.91 -22.52 -27.39
CA LEU C 372 23.64 -23.91 -27.02
C LEU C 372 22.98 -24.10 -25.67
N ALA C 373 22.58 -23.02 -24.96
CA ALA C 373 21.97 -23.10 -23.63
C ALA C 373 20.83 -24.10 -23.57
N ASN C 374 20.01 -24.08 -24.61
CA ASN C 374 18.77 -24.90 -24.69
C ASN C 374 19.15 -26.38 -24.73
N THR C 375 20.08 -26.72 -25.61
CA THR C 375 20.57 -28.08 -25.78
C THR C 375 21.32 -28.56 -24.54
N ILE C 376 22.10 -27.68 -23.90
CA ILE C 376 22.85 -28.03 -22.70
C ILE C 376 21.88 -28.34 -21.56
N LEU C 377 20.83 -27.55 -21.42
CA LEU C 377 19.84 -27.74 -20.37
C LEU C 377 19.13 -29.08 -20.57
N LEU C 378 18.79 -29.41 -21.82
CA LEU C 378 18.09 -30.65 -22.12
C LEU C 378 18.97 -31.84 -21.75
N LEU C 379 20.28 -31.74 -22.03
CA LEU C 379 21.19 -32.85 -21.78
C LEU C 379 21.37 -33.04 -20.29
N LYS C 380 21.56 -31.94 -19.56
CA LYS C 380 21.61 -31.99 -18.10
C LYS C 380 20.31 -32.55 -17.52
N ALA C 381 19.17 -32.21 -18.13
CA ALA C 381 17.88 -32.70 -17.65
C ALA C 381 17.81 -34.22 -17.78
N MET C 382 18.44 -34.76 -18.81
CA MET C 382 18.51 -36.20 -19.05
C MET C 382 19.57 -36.86 -18.17
N GLY C 383 20.29 -36.07 -17.38
CA GLY C 383 21.23 -36.59 -16.42
C GLY C 383 22.58 -36.91 -17.03
N ILE C 384 23.00 -36.12 -18.01
CA ILE C 384 24.32 -36.27 -18.63
C ILE C 384 25.19 -35.11 -18.15
N ASN C 385 26.39 -35.44 -17.73
CA ASN C 385 27.35 -34.50 -17.16
C ASN C 385 28.61 -34.63 -18.00
N ASP C 386 29.57 -33.73 -17.75
CA ASP C 386 30.82 -33.63 -18.49
C ASP C 386 30.53 -33.51 -19.99
N LEU C 387 29.77 -32.47 -20.33
CA LEU C 387 29.27 -32.30 -21.68
C LEU C 387 30.36 -31.95 -22.68
N LEU C 388 31.52 -31.48 -22.21
CA LEU C 388 32.58 -31.15 -23.14
C LEU C 388 33.15 -32.41 -23.76
N ARG C 389 33.01 -33.53 -23.07
CA ARG C 389 33.48 -34.83 -23.52
C ARG C 389 32.33 -35.64 -24.14
N PHE C 390 31.17 -35.01 -24.31
CA PHE C 390 29.98 -35.66 -24.85
C PHE C 390 30.26 -36.12 -26.27
N ASP C 391 29.66 -37.25 -26.65
CA ASP C 391 29.99 -37.88 -27.92
C ASP C 391 29.17 -37.26 -29.05
N PHE C 392 29.53 -36.02 -29.37
CA PHE C 392 28.97 -35.31 -30.51
C PHE C 392 29.78 -35.68 -31.73
N MET C 393 29.09 -35.94 -32.84
CA MET C 393 29.75 -36.33 -34.10
C MET C 393 30.64 -35.17 -34.54
N ASP C 394 30.10 -33.96 -34.47
CA ASP C 394 30.90 -32.73 -34.75
C ASP C 394 30.87 -31.93 -33.45
N PRO C 395 31.99 -31.83 -32.71
CA PRO C 395 31.97 -31.13 -31.44
C PRO C 395 31.76 -29.63 -31.63
N PRO C 396 30.85 -29.00 -30.85
CA PRO C 396 30.63 -27.56 -30.92
C PRO C 396 31.82 -26.84 -30.27
N PRO C 397 32.07 -25.55 -30.60
CA PRO C 397 33.21 -24.83 -30.04
C PRO C 397 33.19 -24.85 -28.50
N VAL C 398 34.35 -25.06 -27.91
CA VAL C 398 34.47 -25.21 -26.42
C VAL C 398 33.97 -23.93 -25.75
N ASN C 399 34.32 -22.77 -26.30
CA ASN C 399 33.89 -21.51 -25.69
C ASN C 399 32.37 -21.45 -25.62
N THR C 400 31.71 -21.78 -26.74
CA THR C 400 30.24 -21.77 -26.82
C THR C 400 29.65 -22.68 -25.74
N MET C 401 30.28 -23.84 -25.53
CA MET C 401 29.85 -24.81 -24.53
C MET C 401 30.04 -24.23 -23.13
N LEU C 402 31.20 -23.61 -22.89
CA LEU C 402 31.56 -23.04 -21.60
C LEU C 402 30.63 -21.88 -21.24
N THR C 403 30.32 -21.03 -22.23
CA THR C 403 29.46 -19.87 -22.03
C THR C 403 28.06 -20.33 -21.66
N ALA C 404 27.58 -21.39 -22.34
CA ALA C 404 26.25 -21.93 -22.10
C ALA C 404 26.15 -22.42 -20.66
N LEU C 405 27.19 -23.10 -20.21
CA LEU C 405 27.25 -23.65 -18.85
C LEU C 405 27.26 -22.51 -17.83
N GLU C 406 28.02 -21.44 -18.12
CA GLU C 406 28.07 -20.26 -17.25
C GLU C 406 26.70 -19.60 -17.19
N GLU C 407 26.02 -19.53 -18.33
CA GLU C 407 24.69 -18.93 -18.43
C GLU C 407 23.72 -19.69 -17.54
N LEU C 408 23.72 -21.02 -17.64
CA LEU C 408 22.82 -21.86 -16.86
C LEU C 408 23.17 -21.84 -15.38
N TYR C 409 24.47 -21.69 -15.05
CA TYR C 409 24.87 -21.49 -13.66
C TYR C 409 24.26 -20.19 -13.13
N ALA C 410 24.43 -19.11 -13.89
CA ALA C 410 24.01 -17.77 -13.50
C ALA C 410 22.50 -17.69 -13.28
N LEU C 411 21.74 -18.52 -13.98
CA LEU C 411 20.29 -18.57 -13.89
C LEU C 411 19.84 -19.49 -12.77
N GLY C 412 20.76 -20.22 -12.14
CA GLY C 412 20.37 -21.11 -11.07
C GLY C 412 19.89 -22.46 -11.55
N ALA C 413 20.06 -22.74 -12.85
CA ALA C 413 19.71 -24.04 -13.38
C ALA C 413 20.75 -25.07 -12.95
N LEU C 414 21.99 -24.62 -12.77
CA LEU C 414 23.08 -25.45 -12.31
C LEU C 414 23.67 -24.88 -11.04
N ASP C 415 24.21 -25.77 -10.21
CA ASP C 415 24.88 -25.43 -8.97
C ASP C 415 26.37 -25.18 -9.24
N ASP C 416 27.11 -24.90 -8.15
CA ASP C 416 28.54 -24.58 -8.26
C ASP C 416 29.31 -25.75 -8.86
N GLU C 417 28.94 -26.97 -8.48
CA GLU C 417 29.58 -28.17 -9.00
C GLU C 417 29.33 -28.33 -10.50
N GLY C 418 28.15 -27.93 -10.96
CA GLY C 418 27.72 -28.11 -12.34
C GLY C 418 26.47 -28.97 -12.49
N LEU C 419 25.88 -29.44 -11.40
CA LEU C 419 24.76 -30.36 -11.47
C LEU C 419 23.44 -29.62 -11.58
N LEU C 420 22.44 -30.30 -12.12
CA LEU C 420 21.12 -29.73 -12.33
C LEU C 420 20.44 -29.46 -10.99
N THR C 421 19.94 -28.25 -10.82
CA THR C 421 19.22 -27.82 -9.62
C THR C 421 17.72 -28.12 -9.77
N ARG C 422 17.01 -27.89 -8.66
CA ARG C 422 15.55 -28.08 -8.62
C ARG C 422 14.90 -27.15 -9.62
N LEU C 423 15.39 -25.90 -9.67
CA LEU C 423 14.90 -24.91 -10.61
C LEU C 423 15.19 -25.37 -12.04
N GLY C 424 16.42 -25.84 -12.24
CA GLY C 424 16.88 -26.37 -13.53
C GLY C 424 15.95 -27.40 -14.14
N ARG C 425 15.50 -28.35 -13.33
CA ARG C 425 14.64 -29.42 -13.82
C ARG C 425 13.28 -28.84 -14.19
N LYS C 426 12.82 -27.81 -13.47
CA LYS C 426 11.52 -27.19 -13.73
C LYS C 426 11.58 -26.42 -15.03
N MET C 427 12.69 -25.71 -15.25
CA MET C 427 12.93 -24.90 -16.45
C MET C 427 12.96 -25.77 -17.69
N ALA C 428 13.47 -26.99 -17.58
CA ALA C 428 13.57 -27.89 -18.72
C ALA C 428 12.21 -28.42 -19.15
N ASP C 429 11.19 -28.32 -18.29
CA ASP C 429 9.85 -28.75 -18.68
C ASP C 429 9.23 -27.76 -19.67
N PHE C 430 9.76 -26.55 -19.75
CA PHE C 430 9.30 -25.52 -20.67
C PHE C 430 10.06 -25.61 -21.98
N PRO C 431 9.39 -25.59 -23.10
CA PRO C 431 10.06 -25.60 -24.41
C PRO C 431 10.49 -24.27 -24.99
N MET C 432 11.59 -23.73 -24.45
CA MET C 432 12.17 -22.47 -24.90
C MET C 432 13.57 -22.36 -24.34
N GLU C 433 14.24 -21.30 -24.74
CA GLU C 433 15.57 -21.01 -24.25
C GLU C 433 15.47 -20.78 -22.74
N PRO C 434 16.45 -21.26 -21.97
CA PRO C 434 16.41 -21.20 -20.50
C PRO C 434 16.20 -19.83 -19.91
N SER C 435 16.70 -18.79 -20.55
CA SER C 435 16.50 -17.44 -20.04
C SER C 435 15.02 -17.08 -20.01
N LEU C 436 14.23 -17.57 -20.97
CA LEU C 436 12.79 -17.29 -20.97
C LEU C 436 12.07 -18.08 -19.87
N SER C 437 12.46 -19.34 -19.66
CA SER C 437 11.86 -20.17 -18.61
C SER C 437 12.19 -19.59 -17.24
N LYS C 438 13.38 -19.01 -17.08
CA LYS C 438 13.77 -18.37 -15.82
C LYS C 438 12.85 -17.19 -15.55
N VAL C 439 12.55 -16.43 -16.59
CA VAL C 439 11.70 -15.25 -16.49
C VAL C 439 10.28 -15.66 -16.06
N LEU C 440 9.77 -16.77 -16.60
CA LEU C 440 8.41 -17.24 -16.28
C LEU C 440 8.28 -17.60 -14.81
N ILE C 441 9.27 -18.29 -14.28
CA ILE C 441 9.25 -18.77 -12.90
C ILE C 441 9.53 -17.60 -11.96
N ALA C 442 10.39 -16.68 -12.38
CA ALA C 442 10.61 -15.46 -11.63
C ALA C 442 9.34 -14.61 -11.57
N SER C 443 8.51 -14.66 -12.61
CA SER C 443 7.29 -13.87 -12.67
C SER C 443 6.25 -14.37 -11.68
N VAL C 444 6.38 -15.64 -11.26
CA VAL C 444 5.49 -16.21 -10.24
C VAL C 444 5.64 -15.45 -8.94
N ASP C 445 6.90 -15.30 -8.48
CA ASP C 445 7.17 -14.58 -7.24
C ASP C 445 6.83 -13.11 -7.38
N LYS C 446 7.06 -12.54 -8.57
CA LYS C 446 6.82 -11.14 -8.82
C LYS C 446 5.37 -10.85 -9.17
N GLY C 447 4.51 -11.86 -9.18
CA GLY C 447 3.08 -11.67 -9.31
C GLY C 447 2.64 -11.14 -10.66
N CYS C 448 3.30 -11.54 -11.74
CA CYS C 448 2.96 -11.09 -13.08
C CYS C 448 3.05 -12.22 -14.10
N SER C 449 2.68 -13.44 -13.68
CA SER C 449 2.81 -14.59 -14.57
C SER C 449 1.90 -14.47 -15.81
N ASP C 450 0.69 -13.92 -15.62
CA ASP C 450 -0.30 -13.85 -16.70
C ASP C 450 0.22 -13.02 -17.86
N GLU C 451 0.81 -11.87 -17.56
CA GLU C 451 1.37 -11.03 -18.60
C GLU C 451 2.62 -11.69 -19.20
N MET C 452 3.46 -12.28 -18.34
CA MET C 452 4.75 -12.81 -18.77
C MET C 452 4.60 -13.98 -19.73
N VAL C 453 3.54 -14.79 -19.60
CA VAL C 453 3.29 -15.91 -20.51
C VAL C 453 3.03 -15.38 -21.91
N THR C 454 2.25 -14.29 -22.00
CA THR C 454 1.96 -13.68 -23.29
C THR C 454 3.22 -13.13 -23.92
N ILE C 455 4.04 -12.42 -23.13
CA ILE C 455 5.26 -11.81 -23.64
C ILE C 455 6.21 -12.88 -24.16
N VAL C 456 6.38 -13.95 -23.37
CA VAL C 456 7.24 -15.08 -23.73
C VAL C 456 6.73 -15.74 -25.02
N SER C 457 5.41 -15.83 -25.17
CA SER C 457 4.79 -16.41 -26.36
C SER C 457 5.09 -15.56 -27.60
N MET C 458 5.13 -14.24 -27.43
CA MET C 458 5.42 -13.30 -28.51
C MET C 458 6.89 -13.36 -28.92
N LEU C 459 7.79 -13.59 -27.96
CA LEU C 459 9.23 -13.64 -28.25
C LEU C 459 9.59 -14.81 -29.16
N ASN C 460 8.90 -15.95 -28.99
CA ASN C 460 9.14 -17.15 -29.79
C ASN C 460 8.88 -16.95 -31.28
N LEU C 461 7.99 -16.03 -31.63
CA LEU C 461 7.54 -15.80 -33.00
C LEU C 461 8.70 -15.29 -33.86
N GLN C 462 8.59 -15.52 -35.17
CA GLN C 462 9.62 -15.12 -36.12
C GLN C 462 9.41 -13.68 -36.63
N GLN C 463 8.27 -13.38 -37.22
CA GLN C 463 8.00 -12.02 -37.69
C GLN C 463 6.59 -11.70 -37.26
N ILE C 464 6.45 -10.58 -36.57
CA ILE C 464 5.18 -10.14 -36.05
C ILE C 464 4.60 -9.00 -36.87
N PHE C 465 5.39 -7.98 -37.16
CA PHE C 465 4.86 -6.82 -37.86
C PHE C 465 5.26 -6.84 -39.34
N TYR C 466 4.25 -6.89 -40.22
CA TYR C 466 4.50 -6.90 -41.66
C TYR C 466 4.85 -5.50 -42.14
N ARG C 467 5.89 -5.40 -42.97
CA ARG C 467 6.32 -4.07 -43.48
C ARG C 467 6.41 -4.10 -45.00
N PRO C 468 5.30 -3.96 -45.76
CA PRO C 468 5.37 -3.96 -47.23
C PRO C 468 6.19 -2.80 -47.79
N LYS C 469 6.88 -3.05 -48.91
CA LYS C 469 7.84 -2.09 -49.45
C LYS C 469 7.16 -0.76 -49.79
N ASP C 470 6.02 -0.84 -50.49
CA ASP C 470 5.31 0.35 -50.95
C ASP C 470 4.59 1.04 -49.79
N LYS C 471 4.05 0.26 -48.86
CA LYS C 471 3.28 0.78 -47.75
C LYS C 471 4.06 0.69 -46.45
N GLN C 472 5.32 1.09 -46.51
CA GLN C 472 6.24 1.02 -45.39
C GLN C 472 5.85 2.03 -44.30
N GLN C 473 5.71 3.32 -44.65
CA GLN C 473 5.34 4.37 -43.68
C GLN C 473 4.02 4.04 -42.98
N GLN C 474 3.03 3.55 -43.73
CA GLN C 474 1.72 3.24 -43.16
C GLN C 474 1.82 2.14 -42.12
N ALA C 475 2.73 1.18 -42.32
CA ALA C 475 2.94 0.09 -41.37
C ALA C 475 3.46 0.61 -40.05
N ASP C 476 4.47 1.49 -40.11
CA ASP C 476 5.07 2.06 -38.93
C ASP C 476 4.05 2.84 -38.12
N GLN C 477 3.19 3.59 -38.81
CA GLN C 477 2.16 4.38 -38.13
C GLN C 477 1.22 3.45 -37.36
N LYS C 478 0.81 2.34 -38.00
CA LYS C 478 -0.11 1.39 -37.37
C LYS C 478 0.56 0.74 -36.16
N LYS C 479 1.84 0.40 -36.30
CA LYS C 479 2.62 -0.25 -35.25
C LYS C 479 2.77 0.65 -34.03
N ALA C 480 3.01 1.95 -34.26
CA ALA C 480 3.33 2.89 -33.18
C ALA C 480 2.18 3.02 -32.18
N LYS C 481 0.98 2.65 -32.60
CA LYS C 481 -0.21 2.72 -31.75
C LYS C 481 -0.07 1.81 -30.55
N PHE C 482 0.59 0.67 -30.76
CA PHE C 482 0.80 -0.33 -29.69
C PHE C 482 2.06 -0.01 -28.89
N HIS C 483 2.81 1.01 -29.28
CA HIS C 483 4.06 1.29 -28.56
C HIS C 483 3.78 1.59 -27.09
N ASP C 484 4.63 1.05 -26.21
CA ASP C 484 4.58 1.29 -24.75
C ASP C 484 5.77 2.17 -24.44
N PRO C 485 5.70 3.09 -23.46
CA PRO C 485 6.81 3.97 -23.14
C PRO C 485 8.08 3.20 -22.71
N THR C 486 7.91 2.08 -22.01
CA THR C 486 9.02 1.23 -21.51
C THR C 486 9.76 0.51 -22.64
N GLY C 487 9.11 0.27 -23.77
CA GLY C 487 9.77 -0.40 -24.89
C GLY C 487 9.07 -1.64 -25.37
N ASP C 488 9.84 -2.61 -25.85
CA ASP C 488 9.28 -3.59 -26.79
C ASP C 488 8.57 -4.74 -26.10
N HIS C 489 9.03 -5.19 -24.92
CA HIS C 489 8.40 -6.34 -24.26
C HIS C 489 6.96 -6.03 -23.91
N LEU C 490 6.73 -4.86 -23.34
CA LEU C 490 5.39 -4.44 -22.98
C LEU C 490 4.58 -4.19 -24.24
N THR C 491 5.24 -3.67 -25.29
CA THR C 491 4.57 -3.42 -26.57
C THR C 491 4.02 -4.71 -27.14
N LEU C 492 4.82 -5.80 -27.05
CA LEU C 492 4.38 -7.12 -27.50
C LEU C 492 3.15 -7.58 -26.73
N LEU C 493 3.06 -7.22 -25.44
CA LEU C 493 1.89 -7.52 -24.63
C LEU C 493 0.66 -6.81 -25.20
N ASN C 494 0.83 -5.53 -25.58
CA ASN C 494 -0.27 -4.73 -26.12
C ASN C 494 -0.80 -5.32 -27.41
N VAL C 495 0.09 -5.76 -28.31
CA VAL C 495 -0.31 -6.29 -29.61
C VAL C 495 -1.17 -7.54 -29.43
N TYR C 496 -0.80 -8.41 -28.49
CA TYR C 496 -1.57 -9.64 -28.27
C TYR C 496 -2.92 -9.29 -27.65
N ASN C 497 -2.92 -8.38 -26.68
CA ASN C 497 -4.17 -8.01 -26.00
C ASN C 497 -5.14 -7.38 -26.99
N ALA C 498 -4.63 -6.49 -27.85
CA ALA C 498 -5.47 -5.80 -28.83
C ALA C 498 -6.02 -6.79 -29.85
N TRP C 499 -5.20 -7.77 -30.26
CA TRP C 499 -5.64 -8.88 -31.10
C TRP C 499 -6.77 -9.64 -30.42
N LYS C 500 -6.54 -10.05 -29.15
CA LYS C 500 -7.53 -10.76 -28.34
C LYS C 500 -8.84 -9.98 -28.26
N ASN C 501 -8.75 -8.69 -27.96
CA ASN C 501 -9.92 -7.83 -27.75
C ASN C 501 -10.70 -7.59 -29.04
N SER C 502 -10.10 -7.82 -30.19
CA SER C 502 -10.77 -7.77 -31.48
C SER C 502 -11.34 -9.13 -31.89
N GLY C 503 -11.46 -10.05 -30.93
CA GLY C 503 -12.00 -11.37 -31.21
C GLY C 503 -11.12 -12.23 -32.08
N TYR C 504 -9.80 -12.00 -32.01
CA TYR C 504 -8.76 -12.77 -32.71
C TYR C 504 -8.94 -12.69 -34.21
N SER C 505 -9.22 -11.48 -34.69
CA SER C 505 -9.61 -11.25 -36.07
C SER C 505 -8.41 -11.21 -37.01
N ASN C 506 -8.49 -12.00 -38.09
CA ASN C 506 -7.53 -11.92 -39.18
C ASN C 506 -7.65 -10.59 -39.90
N ALA C 507 -8.86 -10.04 -39.95
CA ALA C 507 -9.09 -8.72 -40.57
C ALA C 507 -8.30 -7.68 -39.81
N TRP C 508 -8.42 -7.69 -38.47
CA TRP C 508 -7.74 -6.75 -37.57
C TRP C 508 -6.24 -6.80 -37.81
N CYS C 509 -5.70 -8.01 -38.00
CA CYS C 509 -4.28 -8.21 -38.26
C CYS C 509 -3.89 -7.53 -39.57
N PHE C 510 -4.60 -7.88 -40.66
CA PHE C 510 -4.37 -7.31 -41.98
C PHE C 510 -4.38 -5.78 -41.91
N GLU C 511 -5.44 -5.23 -41.29
CA GLU C 511 -5.63 -3.79 -41.14
C GLU C 511 -4.41 -3.15 -40.47
N ASN C 512 -3.93 -3.77 -39.39
CA ASN C 512 -2.88 -3.16 -38.56
C ASN C 512 -1.49 -3.65 -38.92
N TYR C 513 -1.38 -4.34 -40.06
CA TYR C 513 -0.13 -4.74 -40.70
C TYR C 513 0.65 -5.72 -39.81
N ILE C 514 -0.07 -6.67 -39.24
CA ILE C 514 0.44 -7.67 -38.29
C ILE C 514 0.17 -9.06 -38.82
N GLN C 515 1.22 -9.89 -38.86
CA GLN C 515 1.20 -11.25 -39.37
C GLN C 515 0.29 -12.12 -38.53
N ALA C 516 -0.85 -12.53 -39.12
CA ALA C 516 -1.81 -13.40 -38.46
C ALA C 516 -1.19 -14.74 -38.10
N ARG C 517 -0.25 -15.22 -38.92
CA ARG C 517 0.44 -16.50 -38.69
C ARG C 517 1.16 -16.45 -37.36
N ALA C 518 1.83 -15.33 -37.10
CA ALA C 518 2.56 -15.10 -35.86
C ALA C 518 1.61 -15.11 -34.67
N MET C 519 0.51 -14.36 -34.76
CA MET C 519 -0.42 -14.25 -33.63
C MET C 519 -1.08 -15.60 -33.36
N ARG C 520 -1.44 -16.35 -34.40
CA ARG C 520 -2.06 -17.65 -34.21
C ARG C 520 -1.09 -18.57 -33.50
N ARG C 521 0.19 -18.51 -33.89
CA ARG C 521 1.24 -19.32 -33.29
C ARG C 521 1.43 -18.92 -31.83
N ALA C 522 1.34 -17.62 -31.54
CA ALA C 522 1.51 -17.12 -30.17
C ALA C 522 0.44 -17.69 -29.26
N ARG C 523 -0.80 -17.74 -29.74
CA ARG C 523 -1.91 -18.29 -28.96
C ARG C 523 -1.66 -19.78 -28.70
N ASP C 524 -1.18 -20.49 -29.73
CA ASP C 524 -0.90 -21.91 -29.60
C ASP C 524 0.17 -22.13 -28.53
N VAL C 525 1.22 -21.29 -28.55
CA VAL C 525 2.30 -21.37 -27.58
C VAL C 525 1.75 -21.04 -26.18
N ARG C 526 0.92 -19.98 -26.09
CA ARG C 526 0.38 -19.53 -24.81
C ARG C 526 -0.40 -20.66 -24.14
N GLN C 527 -1.31 -21.28 -24.91
CA GLN C 527 -2.16 -22.36 -24.41
C GLN C 527 -1.32 -23.51 -23.89
N GLN C 528 -0.24 -23.85 -24.62
CA GLN C 528 0.64 -24.93 -24.20
C GLN C 528 1.34 -24.56 -22.90
N ILE C 529 1.86 -23.32 -22.82
CA ILE C 529 2.59 -22.85 -21.65
C ILE C 529 1.69 -22.87 -20.42
N VAL C 530 0.44 -22.38 -20.58
CA VAL C 530 -0.52 -22.35 -19.48
C VAL C 530 -0.76 -23.75 -18.93
N LYS C 531 -0.86 -24.76 -19.82
CA LYS C 531 -1.08 -26.14 -19.39
C LYS C 531 0.12 -26.65 -18.60
N ILE C 532 1.33 -26.33 -19.07
CA ILE C 532 2.56 -26.76 -18.40
C ILE C 532 2.64 -26.15 -17.01
N MET C 533 2.33 -24.84 -16.89
CA MET C 533 2.41 -24.17 -15.60
C MET C 533 1.41 -24.77 -14.64
N GLU C 534 0.19 -25.01 -15.15
CA GLU C 534 -0.86 -25.58 -14.30
C GLU C 534 -0.44 -26.96 -13.85
N ARG C 535 0.18 -27.74 -14.74
CA ARG C 535 0.62 -29.09 -14.39
C ARG C 535 1.68 -29.05 -13.28
N HIS C 536 2.61 -28.12 -13.41
CA HIS C 536 3.76 -28.03 -12.47
C HIS C 536 3.42 -27.11 -11.32
N ARG C 537 2.15 -26.78 -11.17
CA ARG C 537 1.66 -25.97 -10.03
C ARG C 537 2.38 -24.63 -9.96
N HIS C 538 2.57 -23.96 -11.10
CA HIS C 538 3.13 -22.58 -11.12
C HIS C 538 1.93 -21.66 -11.28
N PRO C 539 1.59 -20.78 -10.31
CA PRO C 539 0.40 -19.95 -10.44
C PRO C 539 0.46 -18.86 -11.50
N ILE C 540 -0.63 -18.69 -12.25
CA ILE C 540 -0.68 -17.66 -13.27
C ILE C 540 -1.37 -16.45 -12.66
N ILE C 541 -0.59 -15.45 -12.27
CA ILE C 541 -1.10 -14.28 -11.54
C ILE C 541 -0.95 -13.05 -12.43
N SER C 542 -1.94 -12.17 -12.40
CA SER C 542 -1.89 -10.92 -13.14
C SER C 542 -1.39 -9.80 -12.24
N CYS C 543 -0.50 -8.98 -12.78
CA CYS C 543 -0.02 -7.79 -12.11
C CYS C 543 -0.91 -6.57 -12.31
N GLY C 544 -1.84 -6.64 -13.26
CA GLY C 544 -2.75 -5.55 -13.53
C GLY C 544 -2.05 -4.26 -13.93
N ARG C 545 -2.38 -3.18 -13.21
CA ARG C 545 -1.81 -1.86 -13.47
C ARG C 545 -0.31 -1.78 -13.19
N ASP C 546 0.20 -2.55 -12.22
CA ASP C 546 1.62 -2.45 -11.90
C ASP C 546 2.40 -3.26 -12.92
N THR C 547 2.98 -2.57 -13.91
CA THR C 547 3.71 -3.23 -14.98
C THR C 547 5.20 -3.30 -14.74
N ASP C 548 5.71 -2.51 -13.78
CA ASP C 548 7.11 -2.57 -13.36
C ASP C 548 7.52 -3.99 -12.95
N LYS C 549 6.56 -4.76 -12.41
CA LYS C 549 6.84 -6.10 -11.89
C LYS C 549 7.22 -7.02 -13.04
N ILE C 550 6.72 -6.75 -14.24
CA ILE C 550 7.09 -7.51 -15.43
C ILE C 550 8.54 -7.23 -15.79
N ARG C 551 8.93 -5.95 -15.73
CA ARG C 551 10.30 -5.57 -16.09
C ARG C 551 11.29 -6.16 -15.08
N GLN C 552 10.89 -6.20 -13.81
CA GLN C 552 11.74 -6.75 -12.76
C GLN C 552 12.00 -8.22 -13.02
N ALA C 553 10.95 -8.94 -13.40
CA ALA C 553 11.04 -10.37 -13.69
C ALA C 553 11.98 -10.61 -14.86
N LEU C 554 11.91 -9.76 -15.90
CA LEU C 554 12.79 -9.87 -17.05
C LEU C 554 14.26 -9.80 -16.68
N CYS C 555 14.61 -9.03 -15.64
CA CYS C 555 16.00 -8.96 -15.20
C CYS C 555 16.52 -10.27 -14.64
N ALA C 556 15.63 -11.14 -14.16
CA ALA C 556 16.04 -12.44 -13.64
C ALA C 556 16.66 -13.33 -14.71
N GLY C 557 16.24 -13.14 -15.96
CA GLY C 557 16.70 -13.98 -17.05
C GLY C 557 17.69 -13.27 -17.94
N PHE C 558 17.60 -11.95 -18.10
CA PHE C 558 18.29 -11.29 -19.20
C PHE C 558 19.27 -10.23 -18.72
N PHE C 559 19.75 -10.38 -17.49
CA PHE C 559 20.67 -9.44 -16.86
C PHE C 559 21.96 -9.32 -17.67
N ARG C 560 22.41 -10.41 -18.30
CA ARG C 560 23.62 -10.38 -19.12
C ARG C 560 23.43 -9.44 -20.30
N ASN C 561 22.22 -9.46 -20.89
CA ASN C 561 21.85 -8.62 -22.03
C ASN C 561 21.40 -7.24 -21.54
N THR C 562 22.38 -6.43 -21.14
CA THR C 562 22.08 -5.12 -20.57
C THR C 562 23.09 -4.10 -21.08
N ALA C 563 22.63 -2.86 -21.23
CA ALA C 563 23.47 -1.82 -21.81
C ALA C 563 23.11 -0.47 -21.20
N ARG C 564 24.07 0.45 -21.25
CA ARG C 564 23.90 1.79 -20.65
C ARG C 564 24.16 2.83 -21.72
N LYS C 565 23.22 3.76 -21.88
CA LYS C 565 23.35 4.81 -22.91
C LYS C 565 24.54 5.71 -22.59
N ASP C 566 25.30 6.08 -23.62
CA ASP C 566 26.45 7.00 -23.43
C ASP C 566 26.25 8.20 -24.35
N PRO C 567 26.53 9.44 -23.88
CA PRO C 567 26.38 10.65 -24.68
C PRO C 567 27.64 10.94 -25.51
N GLY C 570 25.63 5.66 -29.42
CA GLY C 570 24.62 4.72 -29.00
C GLY C 570 24.80 4.26 -27.57
N TYR C 571 24.68 2.96 -27.34
CA TYR C 571 24.75 2.41 -26.00
C TYR C 571 26.01 1.57 -25.88
N LYS C 572 26.38 1.24 -24.64
CA LYS C 572 27.49 0.32 -24.39
C LYS C 572 27.07 -0.77 -23.41
N THR C 573 27.43 -2.01 -23.76
CA THR C 573 27.08 -3.19 -22.97
C THR C 573 27.73 -3.11 -21.59
N LEU C 574 27.00 -3.59 -20.58
CA LEU C 574 27.51 -3.57 -19.21
C LEU C 574 28.72 -4.49 -19.05
N THR C 575 28.61 -5.74 -19.52
CA THR C 575 29.66 -6.72 -19.34
C THR C 575 30.90 -6.39 -20.16
N GLU C 576 30.83 -6.66 -21.47
CA GLU C 576 32.00 -6.62 -22.33
C GLU C 576 32.35 -5.20 -22.80
N GLY C 577 31.48 -4.23 -22.58
CA GLY C 577 31.72 -2.85 -22.98
C GLY C 577 31.42 -2.56 -24.43
N THR C 578 30.88 -3.54 -25.15
CA THR C 578 30.68 -3.47 -26.59
C THR C 578 29.65 -2.40 -26.95
N PRO C 579 29.88 -1.52 -27.94
CA PRO C 579 28.88 -0.54 -28.32
C PRO C 579 27.80 -1.26 -29.13
N VAL C 580 26.55 -1.07 -28.74
CA VAL C 580 25.37 -1.70 -29.40
C VAL C 580 24.34 -0.61 -29.65
N TYR C 581 23.46 -0.80 -30.62
CA TYR C 581 22.50 0.26 -30.97
C TYR C 581 21.06 -0.24 -30.95
N LEU C 582 20.11 0.66 -30.70
CA LEU C 582 18.66 0.36 -30.71
C LEU C 582 18.27 0.04 -32.14
N HIS C 583 17.34 -0.87 -32.34
CA HIS C 583 16.92 -1.19 -33.73
C HIS C 583 15.83 -0.21 -34.15
N PRO C 584 15.89 0.41 -35.35
CA PRO C 584 14.80 1.32 -35.76
C PRO C 584 13.35 0.86 -35.58
N SER C 585 13.13 -0.44 -35.49
CA SER C 585 11.79 -0.95 -35.23
C SER C 585 11.37 -0.81 -33.77
N SER C 586 12.31 -0.51 -32.87
CA SER C 586 12.05 -0.52 -31.44
C SER C 586 11.15 0.63 -31.04
N ALA C 587 10.23 0.34 -30.11
CA ALA C 587 9.43 1.39 -29.48
C ALA C 587 10.27 2.40 -28.70
N LEU C 588 11.52 2.10 -28.39
CA LEU C 588 12.39 3.06 -27.70
C LEU C 588 13.27 3.86 -28.64
N PHE C 589 13.09 3.75 -29.97
CA PHE C 589 14.07 4.25 -30.94
C PHE C 589 14.30 5.74 -30.77
N GLY C 590 13.29 6.57 -31.01
CA GLY C 590 13.49 8.00 -30.90
C GLY C 590 13.60 8.53 -29.47
N LYS C 591 13.67 7.62 -28.49
CA LYS C 591 13.43 7.94 -27.08
C LYS C 591 14.73 7.81 -26.29
N GLN C 592 14.75 8.48 -25.15
CA GLN C 592 15.85 8.36 -24.21
C GLN C 592 15.53 7.31 -23.14
N ALA C 593 16.52 6.46 -22.86
CA ALA C 593 16.42 5.49 -21.77
C ALA C 593 17.84 5.10 -21.39
N GLU C 594 18.21 5.38 -20.14
CA GLU C 594 19.61 5.27 -19.73
C GLU C 594 20.02 3.80 -19.59
N TRP C 595 19.19 2.99 -18.96
CA TRP C 595 19.46 1.57 -18.74
C TRP C 595 18.45 0.75 -19.50
N VAL C 596 18.91 -0.20 -20.32
CA VAL C 596 18.01 -1.02 -21.11
C VAL C 596 18.37 -2.50 -21.05
N LEU C 597 17.36 -3.34 -21.21
CA LEU C 597 17.48 -4.78 -21.24
C LEU C 597 16.94 -5.26 -22.59
N TYR C 598 17.64 -6.18 -23.25
CA TYR C 598 17.22 -6.61 -24.57
C TYR C 598 17.14 -8.12 -24.69
N HIS C 599 16.18 -8.59 -25.50
CA HIS C 599 16.02 -10.03 -25.69
C HIS C 599 17.18 -10.68 -26.44
N GLU C 600 17.69 -10.03 -27.48
CA GLU C 600 18.76 -10.64 -28.26
C GLU C 600 19.64 -9.55 -28.85
N LEU C 601 20.87 -9.91 -29.21
CA LEU C 601 21.75 -8.97 -29.89
C LEU C 601 22.25 -9.55 -31.22
N VAL C 602 21.78 -8.98 -32.33
CA VAL C 602 22.08 -9.49 -33.68
C VAL C 602 22.87 -8.44 -34.45
N LEU C 603 23.99 -8.85 -35.07
CA LEU C 603 24.79 -7.93 -35.88
C LEU C 603 24.44 -8.15 -37.36
N THR C 604 23.85 -7.13 -37.98
CA THR C 604 23.56 -7.23 -39.40
C THR C 604 24.40 -6.17 -40.11
N THR C 605 23.85 -4.95 -40.25
CA THR C 605 24.60 -3.84 -40.81
C THR C 605 25.21 -3.00 -39.70
N LYS C 606 24.73 -3.24 -38.48
CA LYS C 606 25.15 -2.58 -37.23
C LYS C 606 24.76 -3.51 -36.07
N GLU C 607 25.43 -3.40 -34.93
CA GLU C 607 25.17 -4.26 -33.78
C GLU C 607 23.88 -3.78 -33.15
N TYR C 608 22.76 -4.45 -33.45
CA TYR C 608 21.44 -3.99 -33.04
C TYR C 608 20.85 -4.82 -31.91
N MET C 609 20.30 -4.13 -30.92
CA MET C 609 19.55 -4.80 -29.87
C MET C 609 18.12 -5.02 -30.37
N HIS C 610 17.64 -6.24 -30.24
CA HIS C 610 16.30 -6.59 -30.68
C HIS C 610 15.42 -6.82 -29.46
N PHE C 611 14.20 -6.27 -29.47
CA PHE C 611 13.23 -6.32 -28.36
C PHE C 611 13.83 -5.70 -27.09
N THR C 612 14.06 -4.40 -27.16
CA THR C 612 14.67 -3.64 -26.07
C THR C 612 13.63 -2.98 -25.17
N THR C 613 13.85 -3.09 -23.85
CA THR C 613 13.01 -2.49 -22.81
C THR C 613 13.87 -1.70 -21.83
N ALA C 614 13.37 -0.55 -21.41
CA ALA C 614 14.01 0.29 -20.41
C ALA C 614 13.91 -0.33 -19.02
N ILE C 615 15.00 -0.25 -18.25
CA ILE C 615 15.06 -0.77 -16.90
C ILE C 615 15.74 0.24 -15.97
N GLU C 616 15.66 -0.06 -14.68
CA GLU C 616 16.25 0.67 -13.57
C GLU C 616 17.28 -0.23 -12.88
N PRO C 617 18.51 0.29 -12.66
CA PRO C 617 19.63 -0.56 -12.18
C PRO C 617 19.41 -1.29 -10.88
N LYS C 618 18.49 -0.83 -10.04
CA LYS C 618 18.18 -1.51 -8.79
C LYS C 618 17.67 -2.93 -9.06
N TRP C 619 16.90 -3.10 -10.13
CA TRP C 619 16.34 -4.40 -10.52
C TRP C 619 17.43 -5.42 -10.86
N LEU C 620 18.54 -4.98 -11.46
CA LEU C 620 19.63 -5.87 -11.84
C LEU C 620 20.29 -6.53 -10.62
N VAL C 621 20.65 -5.73 -9.62
CA VAL C 621 21.29 -6.24 -8.41
C VAL C 621 20.27 -7.01 -7.56
N GLU C 622 19.00 -6.61 -7.62
CA GLU C 622 17.92 -7.35 -6.97
C GLU C 622 17.80 -8.74 -7.58
N ALA C 623 17.76 -8.85 -8.90
CA ALA C 623 17.41 -10.08 -9.59
C ALA C 623 18.62 -10.96 -9.82
N ALA C 624 19.82 -10.39 -9.86
CA ALA C 624 21.05 -11.15 -10.09
C ALA C 624 22.15 -10.68 -9.13
N PRO C 625 22.06 -11.07 -7.85
CA PRO C 625 23.02 -10.57 -6.85
C PRO C 625 24.42 -11.13 -7.06
N THR C 626 24.49 -12.36 -7.55
CA THR C 626 25.75 -13.05 -7.83
C THR C 626 26.54 -12.38 -8.95
N PHE C 627 25.85 -11.81 -9.94
CA PHE C 627 26.50 -11.43 -11.19
C PHE C 627 26.78 -9.93 -11.25
N PHE C 628 26.26 -9.14 -10.31
CA PHE C 628 26.51 -7.71 -10.28
C PHE C 628 27.02 -7.32 -8.91
N LYS C 629 27.70 -6.18 -8.83
CA LYS C 629 28.23 -5.68 -7.57
C LYS C 629 28.25 -4.16 -7.57
N LEU C 630 28.47 -3.60 -6.37
CA LEU C 630 28.47 -2.14 -6.21
C LEU C 630 29.87 -1.60 -5.91
N THR E 1 1.71 -67.17 -2.13
CA THR E 1 0.56 -67.92 -1.65
C THR E 1 0.26 -67.55 -0.20
N ASN E 2 -0.86 -68.05 0.33
CA ASN E 2 -1.27 -67.70 1.68
C ASN E 2 -1.67 -68.97 2.44
N MET E 3 -1.49 -68.93 3.75
CA MET E 3 -1.76 -70.10 4.56
C MET E 3 -3.26 -70.34 4.75
N SER E 4 -3.99 -69.33 5.23
CA SER E 4 -5.41 -69.49 5.50
C SER E 4 -6.27 -68.33 4.98
N ILE E 5 -5.86 -67.68 3.89
CA ILE E 5 -6.66 -66.57 3.36
C ILE E 5 -7.85 -67.09 2.57
N LYS E 6 -7.62 -68.05 1.64
CA LYS E 6 -8.68 -68.63 0.83
C LYS E 6 -9.80 -69.17 1.71
N GLU E 7 -9.45 -69.98 2.71
CA GLU E 7 -10.41 -70.58 3.64
C GLU E 7 -11.30 -69.54 4.30
N GLN E 8 -10.70 -68.46 4.82
CA GLN E 8 -11.43 -67.29 5.34
C GLN E 8 -12.41 -66.73 4.33
N ARG E 9 -11.91 -66.48 3.12
CA ARG E 9 -12.69 -65.94 2.03
C ARG E 9 -13.89 -66.84 1.71
N GLU E 10 -13.68 -68.15 1.71
CA GLU E 10 -14.72 -69.13 1.36
C GLU E 10 -15.64 -69.43 2.54
N SER E 11 -15.22 -69.09 3.76
CA SER E 11 -16.00 -69.33 4.98
C SER E 11 -17.06 -68.28 5.17
N LEU E 12 -16.96 -67.17 4.44
CA LEU E 12 -17.93 -66.11 4.53
C LEU E 12 -19.25 -66.60 3.93
N PRO E 13 -20.38 -66.11 4.46
CA PRO E 13 -21.70 -66.54 3.94
C PRO E 13 -21.99 -66.09 2.54
N VAL E 14 -21.35 -65.04 2.07
CA VAL E 14 -21.59 -64.53 0.73
C VAL E 14 -21.12 -65.52 -0.33
N PHE E 15 -20.03 -66.29 -0.06
CA PHE E 15 -19.49 -67.26 -1.01
C PHE E 15 -20.56 -68.21 -1.52
N GLN E 16 -21.51 -68.57 -0.63
CA GLN E 16 -22.60 -69.47 -0.97
C GLN E 16 -23.50 -68.88 -2.04
N PHE E 17 -23.51 -67.54 -2.16
CA PHE E 17 -24.38 -66.82 -3.06
C PHE E 17 -23.61 -66.17 -4.20
N ARG E 18 -22.33 -66.53 -4.37
CA ARG E 18 -21.38 -65.89 -5.29
C ARG E 18 -21.92 -65.84 -6.71
N ASP E 19 -22.25 -67.01 -7.26
CA ASP E 19 -22.67 -67.14 -8.65
C ASP E 19 -23.97 -66.38 -8.87
N GLN E 20 -24.86 -66.45 -7.88
CA GLN E 20 -26.17 -65.81 -7.92
C GLN E 20 -26.03 -64.27 -7.92
N ILE E 21 -25.11 -63.74 -7.10
CA ILE E 21 -24.82 -62.29 -7.08
C ILE E 21 -24.39 -61.81 -8.45
N ILE E 22 -23.40 -62.49 -9.05
CA ILE E 22 -22.85 -62.10 -10.34
C ILE E 22 -23.95 -62.08 -11.40
N GLN E 23 -24.86 -63.04 -11.33
CA GLN E 23 -25.96 -63.11 -12.29
C GLN E 23 -26.96 -61.99 -12.04
N ALA E 24 -27.26 -61.72 -10.76
CA ALA E 24 -28.16 -60.63 -10.38
C ALA E 24 -27.63 -59.29 -10.88
N VAL E 25 -26.31 -59.09 -10.77
CA VAL E 25 -25.69 -57.84 -11.23
C VAL E 25 -25.80 -57.77 -12.75
N LYS E 26 -25.51 -58.87 -13.45
CA LYS E 26 -25.64 -58.93 -14.90
C LYS E 26 -27.09 -58.64 -15.32
N ASP E 27 -28.04 -59.23 -14.60
CA ASP E 27 -29.46 -59.20 -14.97
C ASP E 27 -30.09 -57.82 -14.78
N ASN E 28 -29.80 -57.14 -13.68
CA ASN E 28 -30.37 -55.83 -13.41
C ASN E 28 -29.31 -54.73 -13.42
N GLN E 29 -29.76 -53.51 -13.75
CA GLN E 29 -28.84 -52.39 -13.79
C GLN E 29 -28.64 -51.77 -12.41
N ILE E 30 -29.72 -51.66 -11.63
CA ILE E 30 -29.61 -51.29 -10.22
C ILE E 30 -30.07 -52.46 -9.39
N LEU E 31 -29.39 -52.71 -8.26
CA LEU E 31 -29.71 -53.84 -7.40
C LEU E 31 -29.53 -53.48 -5.93
N ILE E 32 -30.57 -53.70 -5.12
CA ILE E 32 -30.45 -53.56 -3.68
C ILE E 32 -29.86 -54.84 -3.08
N VAL E 33 -28.82 -54.68 -2.26
CA VAL E 33 -28.18 -55.78 -1.58
C VAL E 33 -28.45 -55.60 -0.09
N VAL E 34 -28.82 -56.68 0.57
CA VAL E 34 -29.12 -56.64 2.01
C VAL E 34 -28.19 -57.64 2.68
N GLY E 35 -27.12 -57.11 3.24
CA GLY E 35 -26.13 -57.92 3.90
C GLY E 35 -26.20 -57.79 5.40
N GLU E 36 -26.68 -58.82 6.11
CA GLU E 36 -26.69 -58.81 7.57
C GLU E 36 -25.23 -58.79 8.01
N THR E 37 -24.93 -58.33 9.26
CA THR E 37 -23.53 -58.26 9.74
C THR E 37 -22.74 -59.53 9.41
N GLY E 38 -21.45 -59.43 9.18
CA GLY E 38 -20.60 -60.57 8.94
C GLY E 38 -20.86 -61.19 7.58
N SER E 39 -21.60 -60.49 6.69
CA SER E 39 -21.91 -60.96 5.35
C SER E 39 -20.67 -61.15 4.50
N GLY E 40 -19.73 -60.22 4.60
CA GLY E 40 -18.53 -60.27 3.81
C GLY E 40 -18.74 -59.63 2.47
N LYS E 41 -19.89 -58.97 2.26
CA LYS E 41 -20.22 -58.32 0.99
C LYS E 41 -19.24 -57.19 0.66
N THR E 42 -18.83 -56.44 1.69
CA THR E 42 -17.97 -55.27 1.53
C THR E 42 -16.64 -55.65 0.88
N THR E 43 -16.03 -56.73 1.33
CA THR E 43 -14.74 -57.14 0.80
C THR E 43 -14.80 -58.15 -0.34
N GLN E 44 -15.97 -58.70 -0.68
CA GLN E 44 -16.00 -59.76 -1.68
C GLN E 44 -16.70 -59.36 -2.96
N VAL E 45 -17.90 -58.74 -2.86
CA VAL E 45 -18.74 -58.39 -4.01
C VAL E 45 -17.94 -57.67 -5.10
N THR E 46 -17.04 -56.77 -4.68
CA THR E 46 -16.14 -56.12 -5.62
C THR E 46 -15.23 -57.12 -6.31
N GLN E 47 -14.67 -58.07 -5.55
CA GLN E 47 -13.78 -59.06 -6.15
C GLN E 47 -14.55 -59.95 -7.12
N TYR E 48 -15.70 -60.47 -6.68
CA TYR E 48 -16.57 -61.34 -7.47
C TYR E 48 -16.83 -60.77 -8.86
N LEU E 49 -17.16 -59.47 -8.91
CA LEU E 49 -17.46 -58.81 -10.17
C LEU E 49 -16.20 -58.65 -11.00
N ALA E 50 -15.07 -58.40 -10.34
CA ALA E 50 -13.77 -58.31 -11.01
C ALA E 50 -13.38 -59.66 -11.61
N GLU E 51 -13.53 -60.72 -10.81
CA GLU E 51 -13.32 -62.10 -11.23
C GLU E 51 -14.18 -62.42 -12.46
N ALA E 52 -15.42 -61.97 -12.46
CA ALA E 52 -16.39 -62.26 -13.50
C ALA E 52 -16.30 -61.31 -14.68
N GLY E 53 -15.25 -60.49 -14.77
CA GLY E 53 -14.91 -59.75 -15.96
C GLY E 53 -15.47 -58.34 -16.07
N PHE E 54 -16.00 -57.78 -14.99
CA PHE E 54 -16.59 -56.45 -15.00
C PHE E 54 -15.54 -55.35 -15.06
N THR E 55 -14.27 -55.68 -14.82
CA THR E 55 -13.20 -54.70 -14.80
C THR E 55 -12.61 -54.46 -16.17
N LYS E 56 -13.07 -55.19 -17.19
CA LYS E 56 -12.51 -55.06 -18.53
C LYS E 56 -12.76 -53.68 -19.12
N TYR E 57 -13.97 -53.14 -18.98
CA TYR E 57 -14.24 -51.86 -19.60
C TYR E 57 -14.14 -50.67 -18.64
N GLY E 58 -14.03 -50.91 -17.33
CA GLY E 58 -14.00 -49.80 -16.38
C GLY E 58 -13.65 -50.29 -15.00
N MET E 59 -13.56 -49.36 -14.05
CA MET E 59 -13.24 -49.70 -12.68
C MET E 59 -14.50 -50.10 -11.92
N ILE E 60 -14.31 -50.82 -10.82
CA ILE E 60 -15.36 -51.03 -9.85
C ILE E 60 -15.11 -50.10 -8.66
N GLY E 61 -16.02 -49.16 -8.47
CA GLY E 61 -15.95 -48.25 -7.34
C GLY E 61 -16.91 -48.64 -6.23
N CYS E 62 -16.41 -48.61 -5.00
CA CYS E 62 -17.22 -48.88 -3.82
C CYS E 62 -17.05 -47.73 -2.84
N THR E 63 -18.15 -47.18 -2.36
CA THR E 63 -18.08 -46.04 -1.45
C THR E 63 -18.29 -46.46 -0.01
N GLN E 64 -17.57 -45.81 0.90
CA GLN E 64 -17.70 -46.03 2.34
C GLN E 64 -17.98 -44.69 3.01
N PRO E 65 -18.88 -44.63 3.98
CA PRO E 65 -19.17 -43.35 4.66
C PRO E 65 -18.03 -42.81 5.52
N ARG E 66 -17.01 -43.62 5.82
CA ARG E 66 -15.87 -43.22 6.64
C ARG E 66 -14.54 -43.43 5.93
N ARG E 67 -13.58 -42.54 6.23
CA ARG E 67 -12.24 -42.62 5.65
C ARG E 67 -11.57 -43.92 6.08
N VAL E 68 -11.56 -44.20 7.39
CA VAL E 68 -10.90 -45.37 7.96
C VAL E 68 -11.46 -46.66 7.34
N ALA E 69 -12.78 -46.70 7.12
CA ALA E 69 -13.42 -47.88 6.54
C ALA E 69 -12.91 -48.10 5.12
N ALA E 70 -12.74 -47.02 4.37
CA ALA E 70 -12.25 -47.09 3.00
C ALA E 70 -10.83 -47.65 2.95
N VAL E 71 -9.99 -47.27 3.92
CA VAL E 71 -8.60 -47.73 3.95
C VAL E 71 -8.51 -49.16 4.44
N SER E 72 -9.24 -49.47 5.53
CA SER E 72 -9.33 -50.83 6.09
C SER E 72 -9.67 -51.85 5.02
N VAL E 73 -10.77 -51.62 4.31
CA VAL E 73 -11.32 -52.59 3.38
C VAL E 73 -10.41 -52.72 2.17
N ALA E 74 -9.88 -51.59 1.68
CA ALA E 74 -8.93 -51.62 0.57
C ALA E 74 -7.68 -52.40 0.96
N LYS E 75 -7.22 -52.24 2.20
CA LYS E 75 -6.07 -53.00 2.69
C LYS E 75 -6.38 -54.49 2.64
N ARG E 76 -7.55 -54.87 3.15
CA ARG E 76 -7.96 -56.27 3.24
C ARG E 76 -8.19 -56.85 1.84
N VAL E 77 -8.82 -56.10 0.93
CA VAL E 77 -9.09 -56.64 -0.38
C VAL E 77 -7.81 -56.74 -1.21
N ALA E 78 -6.86 -55.81 -1.01
CA ALA E 78 -5.55 -55.93 -1.63
C ALA E 78 -4.83 -57.19 -1.20
N GLU E 79 -4.84 -57.48 0.11
CA GLU E 79 -4.13 -58.65 0.60
C GLU E 79 -4.85 -59.94 0.15
N GLU E 80 -6.20 -59.91 0.10
CA GLU E 80 -6.95 -61.05 -0.42
C GLU E 80 -6.67 -61.27 -1.91
N VAL E 81 -6.47 -60.19 -2.68
CA VAL E 81 -6.17 -60.30 -4.11
C VAL E 81 -4.68 -60.53 -4.31
N GLY E 82 -3.88 -60.29 -3.28
CA GLY E 82 -2.46 -60.58 -3.32
C GLY E 82 -1.65 -59.58 -4.10
N CYS E 83 -2.18 -58.39 -4.31
CA CYS E 83 -1.49 -57.31 -4.98
C CYS E 83 -1.04 -56.28 -3.95
N GLN E 84 -0.19 -55.36 -4.39
CA GLN E 84 0.25 -54.27 -3.53
C GLN E 84 -0.85 -53.22 -3.47
N LEU E 85 -1.02 -52.60 -2.31
CA LEU E 85 -2.06 -51.58 -2.18
C LEU E 85 -1.74 -50.43 -3.13
N GLY E 86 -2.75 -49.94 -3.85
CA GLY E 86 -2.51 -48.88 -4.80
C GLY E 86 -2.41 -49.38 -6.22
N GLN E 87 -2.27 -50.68 -6.40
CA GLN E 87 -2.15 -51.40 -7.65
C GLN E 87 -3.56 -51.77 -8.09
N GLU E 88 -3.86 -53.04 -8.36
CA GLU E 88 -5.21 -53.45 -8.77
C GLU E 88 -6.26 -53.01 -7.74
N VAL E 89 -5.95 -53.07 -6.45
CA VAL E 89 -6.91 -52.65 -5.44
C VAL E 89 -6.31 -51.37 -4.84
N GLY E 90 -7.08 -50.27 -4.88
CA GLY E 90 -6.60 -49.01 -4.35
C GLY E 90 -7.72 -48.27 -3.67
N TYR E 91 -7.36 -47.22 -2.92
CA TYR E 91 -8.38 -46.41 -2.28
C TYR E 91 -8.14 -44.94 -2.59
N THR E 92 -9.21 -44.15 -2.54
CA THR E 92 -9.09 -42.70 -2.65
C THR E 92 -9.93 -42.01 -1.60
N ILE E 93 -9.27 -41.20 -0.76
CA ILE E 93 -9.94 -40.36 0.23
C ILE E 93 -9.29 -38.99 0.13
N ARG E 94 -9.78 -38.03 0.92
CA ARG E 94 -9.23 -36.68 0.86
C ARG E 94 -7.78 -36.72 1.30
N PHE E 95 -6.91 -36.02 0.54
CA PHE E 95 -5.47 -35.86 0.74
C PHE E 95 -4.68 -37.12 0.41
N GLU E 96 -5.35 -38.18 0.00
CA GLU E 96 -4.71 -39.50 -0.16
C GLU E 96 -5.37 -40.29 -1.30
N ASP E 97 -4.84 -40.10 -2.51
CA ASP E 97 -5.22 -40.89 -3.70
C ASP E 97 -4.20 -42.00 -3.96
N VAL E 98 -4.39 -43.12 -3.25
CA VAL E 98 -3.55 -44.30 -3.40
C VAL E 98 -4.10 -45.20 -4.51
N THR E 99 -4.07 -44.69 -5.74
CA THR E 99 -4.52 -45.41 -6.93
C THR E 99 -3.48 -45.22 -8.03
N SER E 100 -3.49 -46.14 -9.00
CA SER E 100 -2.56 -46.15 -10.12
C SER E 100 -3.28 -46.48 -11.43
N PRO E 101 -2.65 -46.30 -12.61
CA PRO E 101 -3.33 -46.70 -13.88
C PRO E 101 -3.74 -48.17 -13.97
N ALA E 102 -3.24 -49.03 -13.07
CA ALA E 102 -3.54 -50.45 -13.01
C ALA E 102 -4.73 -50.75 -12.10
N THR E 103 -5.30 -49.71 -11.47
CA THR E 103 -6.34 -49.92 -10.48
C THR E 103 -7.66 -50.30 -11.14
N LYS E 104 -8.23 -51.40 -10.66
CA LYS E 104 -9.47 -51.96 -11.15
C LYS E 104 -10.56 -52.02 -10.09
N ILE E 105 -10.20 -52.18 -8.82
CA ILE E 105 -11.12 -52.05 -7.69
C ILE E 105 -10.70 -50.84 -6.87
N LYS E 106 -11.66 -49.94 -6.62
CA LYS E 106 -11.38 -48.65 -5.98
C LYS E 106 -12.38 -48.39 -4.86
N TYR E 107 -11.90 -48.47 -3.62
CA TYR E 107 -12.69 -48.06 -2.46
C TYR E 107 -12.53 -46.56 -2.24
N MET E 108 -13.62 -45.91 -1.82
CA MET E 108 -13.57 -44.46 -1.68
C MET E 108 -14.61 -43.99 -0.67
N THR E 109 -14.47 -42.75 -0.23
CA THR E 109 -15.49 -42.14 0.61
C THR E 109 -16.60 -41.65 -0.31
N ASP E 110 -17.82 -41.65 0.22
CA ASP E 110 -19.00 -41.23 -0.59
C ASP E 110 -18.76 -39.80 -1.01
N GLY E 111 -18.14 -39.01 -0.13
CA GLY E 111 -17.81 -37.62 -0.46
C GLY E 111 -16.89 -37.55 -1.66
N MET E 112 -15.93 -38.45 -1.75
CA MET E 112 -15.01 -38.46 -2.91
C MET E 112 -15.80 -38.71 -4.20
N LEU E 113 -16.73 -39.66 -4.20
CA LEU E 113 -17.50 -39.93 -5.43
C LEU E 113 -18.38 -38.72 -5.75
N GLN E 114 -18.93 -38.07 -4.74
CA GLN E 114 -19.77 -36.88 -4.96
C GLN E 114 -18.92 -35.81 -5.66
N ARG E 115 -17.70 -35.62 -5.20
CA ARG E 115 -16.77 -34.64 -5.81
C ARG E 115 -16.43 -35.07 -7.24
N GLU E 116 -16.19 -36.36 -7.47
CA GLU E 116 -15.84 -36.85 -8.83
C GLU E 116 -17.00 -36.69 -9.82
N ILE E 117 -18.23 -36.87 -9.36
CA ILE E 117 -19.43 -36.83 -10.20
C ILE E 117 -19.60 -35.41 -10.75
N LEU E 118 -19.17 -34.39 -10.01
CA LEU E 118 -19.27 -33.00 -10.49
C LEU E 118 -18.42 -32.78 -11.73
N MET E 119 -17.20 -33.31 -11.74
CA MET E 119 -16.28 -33.16 -12.87
C MET E 119 -16.60 -34.12 -14.00
N ASP E 120 -17.32 -35.22 -13.72
CA ASP E 120 -17.64 -36.23 -14.73
C ASP E 120 -19.00 -36.85 -14.41
N PRO E 121 -20.10 -36.15 -14.74
CA PRO E 121 -21.45 -36.61 -14.33
C PRO E 121 -21.87 -37.97 -14.85
N ASP E 122 -21.18 -38.51 -15.84
CA ASP E 122 -21.54 -39.81 -16.38
C ASP E 122 -20.68 -40.92 -15.83
N LEU E 123 -19.65 -40.58 -15.03
CA LEU E 123 -18.70 -41.50 -14.42
C LEU E 123 -18.26 -42.53 -15.44
N LYS E 124 -17.62 -42.03 -16.51
CA LYS E 124 -17.15 -42.88 -17.60
C LYS E 124 -16.06 -43.83 -17.12
N ARG E 125 -15.29 -43.41 -16.12
CA ARG E 125 -14.19 -44.18 -15.61
C ARG E 125 -14.62 -45.48 -14.93
N TYR E 126 -15.86 -45.57 -14.44
CA TYR E 126 -16.25 -46.75 -13.67
C TYR E 126 -17.33 -47.56 -14.41
N SER E 127 -17.14 -48.89 -14.44
CA SER E 127 -18.14 -49.84 -14.93
C SER E 127 -19.21 -50.22 -13.90
N VAL E 128 -18.84 -50.30 -12.62
CA VAL E 128 -19.75 -50.64 -11.53
C VAL E 128 -19.54 -49.70 -10.35
N ILE E 129 -20.64 -49.19 -9.79
CA ILE E 129 -20.62 -48.35 -8.59
C ILE E 129 -21.37 -49.07 -7.50
N MET E 130 -20.73 -49.24 -6.35
CA MET E 130 -21.39 -49.89 -5.23
C MET E 130 -21.47 -48.88 -4.10
N LEU E 131 -22.67 -48.65 -3.58
CA LEU E 131 -22.83 -47.71 -2.47
C LEU E 131 -22.91 -48.55 -1.21
N ASP E 132 -21.83 -48.59 -0.44
CA ASP E 132 -21.81 -49.46 0.72
C ASP E 132 -22.20 -48.68 1.97
N GLU E 133 -22.71 -49.42 2.95
CA GLU E 133 -23.16 -48.91 4.26
C GLU E 133 -24.13 -47.74 4.08
N ALA E 134 -25.02 -47.88 3.10
CA ALA E 134 -25.95 -46.82 2.72
C ALA E 134 -27.05 -46.63 3.73
N HIS E 135 -27.25 -47.61 4.62
CA HIS E 135 -28.23 -47.48 5.70
C HIS E 135 -27.88 -46.37 6.67
N GLU E 136 -26.61 -45.95 6.71
CA GLU E 136 -26.16 -44.87 7.57
C GLU E 136 -26.68 -43.52 7.10
N ARG E 137 -26.97 -43.38 5.80
CA ARG E 137 -27.70 -42.23 5.23
C ARG E 137 -27.00 -40.90 5.49
N THR E 138 -25.71 -40.87 5.17
CA THR E 138 -24.96 -39.63 5.08
C THR E 138 -25.51 -38.79 3.92
N ILE E 139 -25.26 -37.47 4.01
CA ILE E 139 -25.73 -36.54 3.00
C ILE E 139 -25.18 -36.91 1.63
N ALA E 140 -23.90 -37.32 1.56
CA ALA E 140 -23.28 -37.67 0.29
C ALA E 140 -23.94 -38.89 -0.31
N THR E 141 -24.23 -39.90 0.52
CA THR E 141 -24.88 -41.12 0.06
C THR E 141 -26.27 -40.83 -0.49
N ASP E 142 -27.04 -40.00 0.23
CA ASP E 142 -28.39 -39.65 -0.21
C ASP E 142 -28.36 -38.80 -1.48
N VAL E 143 -27.36 -37.94 -1.61
CA VAL E 143 -27.15 -37.20 -2.86
C VAL E 143 -26.80 -38.18 -3.98
N LEU E 144 -25.98 -39.18 -3.67
CA LEU E 144 -25.55 -40.13 -4.68
C LEU E 144 -26.71 -40.98 -5.17
N PHE E 145 -27.68 -41.30 -4.28
CA PHE E 145 -28.90 -42.02 -4.67
C PHE E 145 -29.56 -41.33 -5.86
N ALA E 146 -29.83 -40.04 -5.69
CA ALA E 146 -30.49 -39.24 -6.71
C ALA E 146 -29.64 -39.14 -7.98
N LEU E 147 -28.35 -38.79 -7.83
CA LEU E 147 -27.49 -38.55 -8.98
C LEU E 147 -27.24 -39.82 -9.78
N LEU E 148 -27.07 -40.97 -9.10
CA LEU E 148 -26.79 -42.22 -9.82
C LEU E 148 -28.04 -42.67 -10.55
N LYS E 149 -29.21 -42.37 -10.00
CA LYS E 149 -30.48 -42.72 -10.62
C LYS E 149 -30.58 -41.99 -11.95
N LYS E 150 -30.19 -40.70 -11.95
CA LYS E 150 -30.19 -39.87 -13.15
C LYS E 150 -29.14 -40.36 -14.13
N THR E 151 -27.96 -40.72 -13.62
CA THR E 151 -26.85 -41.14 -14.45
C THR E 151 -27.18 -42.44 -15.19
N VAL E 152 -27.83 -43.38 -14.48
CA VAL E 152 -28.23 -44.69 -15.03
C VAL E 152 -29.05 -44.53 -16.31
N LYS E 153 -29.97 -43.55 -16.36
CA LYS E 153 -30.81 -43.37 -17.55
C LYS E 153 -29.99 -42.83 -18.72
N ARG E 154 -28.87 -42.18 -18.39
CA ARG E 154 -27.94 -41.61 -19.40
C ARG E 154 -26.90 -42.64 -19.79
N ARG E 155 -26.57 -43.54 -18.87
CA ARG E 155 -25.53 -44.57 -19.12
C ARG E 155 -26.10 -45.96 -18.84
N PRO E 156 -26.41 -46.76 -19.88
CA PRO E 156 -26.87 -48.14 -19.72
C PRO E 156 -25.81 -49.16 -19.28
N ASP E 157 -24.57 -48.99 -19.76
CA ASP E 157 -23.50 -49.97 -19.45
C ASP E 157 -23.21 -50.01 -17.95
N LEU E 158 -23.26 -48.85 -17.30
CA LEU E 158 -22.95 -48.75 -15.85
C LEU E 158 -23.94 -49.58 -15.03
N LYS E 159 -23.44 -50.22 -13.98
CA LYS E 159 -24.24 -51.05 -13.03
C LYS E 159 -24.10 -50.41 -11.65
N VAL E 160 -25.21 -50.23 -10.93
CA VAL E 160 -25.18 -49.61 -9.61
C VAL E 160 -25.70 -50.60 -8.57
N ILE E 161 -24.98 -50.72 -7.46
CA ILE E 161 -25.35 -51.60 -6.36
C ILE E 161 -25.55 -50.74 -5.12
N VAL E 162 -26.69 -50.85 -4.45
CA VAL E 162 -26.95 -50.04 -3.25
C VAL E 162 -27.26 -50.96 -2.07
N THR E 163 -26.44 -50.88 -1.03
CA THR E 163 -26.71 -51.71 0.14
C THR E 163 -27.84 -51.10 0.97
N SER E 164 -28.50 -51.94 1.77
CA SER E 164 -29.61 -51.45 2.58
C SER E 164 -29.81 -52.30 3.82
N ALA E 165 -30.42 -51.67 4.83
CA ALA E 165 -30.93 -52.40 5.98
C ALA E 165 -32.13 -53.23 5.52
N THR E 166 -32.48 -54.27 6.30
CA THR E 166 -33.61 -55.11 5.94
C THR E 166 -34.91 -54.29 5.88
N LEU E 167 -35.06 -53.31 6.78
CA LEU E 167 -36.35 -52.65 6.93
C LEU E 167 -36.61 -51.74 5.74
N ASP E 168 -35.63 -50.93 5.38
CA ASP E 168 -35.74 -49.94 4.30
C ASP E 168 -35.55 -50.56 2.93
N ALA E 169 -35.29 -51.87 2.84
CA ALA E 169 -35.03 -52.53 1.56
C ALA E 169 -36.17 -52.33 0.57
N GLU E 170 -37.41 -52.48 1.03
CA GLU E 170 -38.55 -52.33 0.12
C GLU E 170 -38.64 -50.88 -0.32
N LYS E 171 -38.40 -49.96 0.62
CA LYS E 171 -38.44 -48.52 0.36
C LYS E 171 -37.34 -48.13 -0.61
N PHE E 172 -36.15 -48.73 -0.46
CA PHE E 172 -35.07 -48.49 -1.42
C PHE E 172 -35.43 -49.03 -2.79
N SER E 173 -36.14 -50.15 -2.83
CA SER E 173 -36.47 -50.75 -4.12
C SER E 173 -37.39 -49.86 -4.95
N GLU E 174 -38.52 -49.41 -4.36
CA GLU E 174 -39.47 -48.59 -5.11
C GLU E 174 -38.80 -47.32 -5.62
N TYR E 175 -37.93 -46.72 -4.82
CA TYR E 175 -37.19 -45.55 -5.27
C TYR E 175 -36.31 -45.89 -6.46
N PHE E 176 -35.56 -47.00 -6.38
CA PHE E 176 -34.70 -47.34 -7.51
C PHE E 176 -35.44 -48.22 -8.51
N ASN E 177 -36.56 -47.70 -9.04
CA ASN E 177 -37.26 -48.25 -10.21
C ASN E 177 -37.84 -49.64 -9.94
N SER E 178 -38.20 -49.92 -8.68
CA SER E 178 -38.79 -51.19 -8.22
C SER E 178 -37.96 -52.40 -8.64
N CYS E 179 -36.64 -52.31 -8.44
CA CYS E 179 -35.71 -53.33 -8.86
C CYS E 179 -35.54 -54.41 -7.77
N PRO E 180 -34.94 -55.58 -8.09
CA PRO E 180 -34.85 -56.68 -7.11
C PRO E 180 -33.99 -56.43 -5.87
N ILE E 181 -34.37 -57.06 -4.76
CA ILE E 181 -33.62 -56.98 -3.51
C ILE E 181 -32.94 -58.32 -3.30
N PHE E 182 -31.62 -58.31 -3.19
CA PHE E 182 -30.84 -59.52 -2.96
C PHE E 182 -30.40 -59.56 -1.50
N THR E 183 -30.75 -60.60 -0.76
CA THR E 183 -30.43 -60.65 0.66
C THR E 183 -29.40 -61.75 0.95
N ILE E 184 -28.37 -61.38 1.70
CA ILE E 184 -27.29 -62.27 2.11
C ILE E 184 -27.35 -62.46 3.62
N PRO E 185 -27.37 -63.70 4.12
CA PRO E 185 -27.37 -63.90 5.57
C PRO E 185 -25.98 -63.71 6.13
N GLY E 186 -25.90 -63.37 7.42
CA GLY E 186 -24.62 -63.10 8.06
C GLY E 186 -24.40 -63.89 9.34
N ARG E 187 -23.14 -63.86 9.82
CA ARG E 187 -22.78 -64.48 11.10
C ARG E 187 -22.61 -63.41 12.17
N THR E 188 -23.55 -63.37 13.10
CA THR E 188 -23.44 -62.53 14.28
C THR E 188 -23.80 -63.46 15.42
N PHE E 189 -22.97 -63.49 16.46
CA PHE E 189 -23.30 -64.36 17.58
C PHE E 189 -24.55 -63.83 18.27
N PRO E 190 -25.41 -64.71 18.80
CA PRO E 190 -26.65 -64.24 19.44
C PRO E 190 -26.41 -63.38 20.67
N VAL E 191 -27.19 -62.31 20.81
CA VAL E 191 -27.06 -61.43 21.95
C VAL E 191 -28.37 -61.44 22.72
N GLU E 192 -28.34 -61.80 24.00
CA GLU E 192 -29.57 -61.77 24.77
C GLU E 192 -29.92 -60.31 25.04
N ILE E 193 -31.16 -59.92 24.80
CA ILE E 193 -31.57 -58.55 25.01
C ILE E 193 -32.42 -58.55 26.27
N LEU E 194 -31.98 -57.79 27.27
CA LEU E 194 -32.68 -57.72 28.55
C LEU E 194 -33.22 -56.30 28.74
N TYR E 195 -34.53 -56.16 28.76
CA TYR E 195 -35.15 -54.88 29.02
C TYR E 195 -35.28 -54.64 30.51
N SER E 196 -35.44 -53.38 30.88
CA SER E 196 -35.87 -53.05 32.24
C SER E 196 -37.35 -53.35 32.40
N ARG E 197 -37.73 -53.66 33.64
CA ARG E 197 -39.12 -54.00 33.94
C ARG E 197 -40.01 -52.75 33.89
N GLU E 198 -39.58 -51.69 34.57
CA GLU E 198 -40.27 -50.42 34.64
C GLU E 198 -39.34 -49.37 33.99
N PRO E 199 -39.86 -48.19 33.54
CA PRO E 199 -38.98 -47.10 33.10
C PRO E 199 -37.92 -46.66 34.12
N GLU E 200 -36.88 -46.00 33.62
CA GLU E 200 -35.73 -45.59 34.43
C GLU E 200 -35.69 -44.08 34.54
N PRO E 201 -36.07 -43.51 35.70
CA PRO E 201 -35.92 -42.05 35.93
C PRO E 201 -34.61 -41.40 35.52
N ASP E 202 -33.47 -42.01 35.87
CA ASP E 202 -32.16 -41.41 35.66
C ASP E 202 -31.30 -42.39 34.86
N TYR E 203 -30.99 -42.03 33.61
CA TYR E 203 -30.30 -42.95 32.72
C TYR E 203 -28.83 -43.09 33.11
N LEU E 204 -28.23 -42.05 33.70
CA LEU E 204 -26.83 -42.09 34.09
C LEU E 204 -26.67 -43.05 35.26
N GLU E 205 -27.54 -42.91 36.27
CA GLU E 205 -27.49 -43.73 37.47
C GLU E 205 -27.69 -45.19 37.11
N ALA E 206 -28.72 -45.45 36.30
CA ALA E 206 -29.11 -46.79 35.87
C ALA E 206 -27.94 -47.47 35.15
N ALA E 207 -27.20 -46.69 34.36
CA ALA E 207 -26.09 -47.23 33.60
C ALA E 207 -24.96 -47.62 34.55
N LEU E 208 -24.67 -46.77 35.53
CA LEU E 208 -23.63 -47.03 36.51
C LEU E 208 -24.01 -48.25 37.35
N THR E 209 -25.27 -48.32 37.76
CA THR E 209 -25.79 -49.42 38.58
C THR E 209 -25.69 -50.74 37.80
N THR E 210 -26.06 -50.71 36.51
CA THR E 210 -26.03 -51.89 35.66
C THR E 210 -24.60 -52.39 35.48
N VAL E 211 -23.64 -51.46 35.30
CA VAL E 211 -22.23 -51.83 35.12
C VAL E 211 -21.75 -52.56 36.36
N MET E 212 -22.14 -52.07 37.54
CA MET E 212 -21.77 -52.69 38.81
C MET E 212 -22.36 -54.09 38.86
N GLN E 213 -23.68 -54.19 38.65
CA GLN E 213 -24.39 -55.48 38.59
C GLN E 213 -23.68 -56.48 37.70
N ILE E 214 -23.43 -56.11 36.43
CA ILE E 214 -22.80 -57.00 35.45
C ILE E 214 -21.47 -57.52 36.00
N HIS E 215 -20.66 -56.59 36.55
CA HIS E 215 -19.33 -56.94 37.02
C HIS E 215 -19.41 -57.93 38.17
N LEU E 216 -20.27 -57.64 39.14
CA LEU E 216 -20.29 -58.39 40.39
C LEU E 216 -21.05 -59.70 40.25
N THR E 217 -21.90 -59.86 39.22
CA THR E 217 -22.79 -61.01 39.15
C THR E 217 -22.86 -61.75 37.81
N GLU E 218 -22.07 -61.39 36.79
CA GLU E 218 -22.18 -62.08 35.52
C GLU E 218 -20.86 -62.75 35.14
N PRO E 219 -20.90 -63.81 34.31
CA PRO E 219 -19.68 -64.49 33.85
C PRO E 219 -18.74 -63.59 33.07
N PRO E 220 -17.43 -64.00 32.87
CA PRO E 220 -16.43 -63.12 32.22
C PRO E 220 -16.81 -62.49 30.88
N GLY E 221 -16.14 -61.38 30.55
CA GLY E 221 -16.37 -60.66 29.31
C GLY E 221 -16.47 -59.16 29.54
N ASP E 222 -15.84 -58.36 28.68
CA ASP E 222 -15.75 -56.92 28.86
C ASP E 222 -17.05 -56.21 28.50
N ILE E 223 -17.27 -55.04 29.11
CA ILE E 223 -18.50 -54.26 29.00
C ILE E 223 -18.28 -53.01 28.15
N LEU E 224 -19.32 -52.64 27.39
CA LEU E 224 -19.38 -51.40 26.61
C LEU E 224 -20.63 -50.61 26.97
N VAL E 225 -20.44 -49.40 27.50
CA VAL E 225 -21.56 -48.52 27.89
C VAL E 225 -21.65 -47.36 26.92
N PHE E 226 -22.86 -47.05 26.45
CA PHE E 226 -23.08 -45.91 25.55
C PHE E 226 -23.66 -44.71 26.30
N LEU E 227 -22.87 -43.65 26.44
CA LEU E 227 -23.35 -42.39 26.99
C LEU E 227 -23.31 -41.33 25.89
N THR E 228 -23.49 -40.06 26.29
CA THR E 228 -23.92 -39.02 25.37
C THR E 228 -22.85 -37.98 25.05
N GLY E 229 -21.96 -37.65 25.98
CA GLY E 229 -20.99 -36.60 25.76
C GLY E 229 -19.71 -36.83 26.55
N GLN E 230 -18.73 -35.97 26.33
CA GLN E 230 -17.40 -36.12 26.98
C GLN E 230 -17.49 -35.84 28.48
N GLU E 231 -18.18 -34.77 28.88
CA GLU E 231 -18.25 -34.45 30.31
C GLU E 231 -19.03 -35.52 31.07
N GLU E 232 -20.13 -36.01 30.48
CA GLU E 232 -20.94 -37.04 31.13
C GLU E 232 -20.12 -38.33 31.29
N ILE E 233 -19.35 -38.69 30.26
CA ILE E 233 -18.54 -39.91 30.31
C ILE E 233 -17.46 -39.79 31.37
N ASP E 234 -16.77 -38.63 31.41
CA ASP E 234 -15.70 -38.41 32.38
C ASP E 234 -16.25 -38.41 33.81
N THR E 235 -17.44 -37.85 33.98
CA THR E 235 -18.12 -37.86 35.27
C THR E 235 -18.50 -39.29 35.66
N ALA E 236 -18.94 -40.09 34.68
CA ALA E 236 -19.25 -41.50 34.89
C ALA E 236 -17.99 -42.28 35.26
N CYS E 237 -16.88 -42.02 34.59
CA CYS E 237 -15.63 -42.73 34.86
C CYS E 237 -15.15 -42.47 36.29
N GLU E 238 -15.20 -41.21 36.74
CA GLU E 238 -14.75 -40.91 38.11
C GLU E 238 -15.72 -41.52 39.14
N ILE E 239 -17.04 -41.44 38.88
CA ILE E 239 -18.04 -41.96 39.82
C ILE E 239 -17.89 -43.47 39.97
N LEU E 240 -17.69 -44.18 38.85
CA LEU E 240 -17.59 -45.64 38.87
C LEU E 240 -16.34 -46.06 39.64
N TYR E 241 -15.21 -45.41 39.38
CA TYR E 241 -13.95 -45.68 40.09
C TYR E 241 -14.11 -45.50 41.60
N GLU E 242 -14.88 -44.49 42.03
CA GLU E 242 -15.05 -44.23 43.46
C GLU E 242 -15.99 -45.25 44.11
N ARG E 243 -16.97 -45.75 43.37
CA ARG E 243 -17.87 -46.77 43.89
C ARG E 243 -17.18 -48.13 43.98
N MET E 244 -16.28 -48.43 43.04
CA MET E 244 -15.53 -49.68 43.03
C MET E 244 -14.52 -49.72 44.16
N LYS E 245 -13.87 -48.59 44.45
CA LYS E 245 -12.94 -48.52 45.60
C LYS E 245 -13.69 -48.73 46.91
N ALA E 246 -14.89 -48.16 47.03
CA ALA E 246 -15.68 -48.24 48.26
C ALA E 246 -15.99 -49.69 48.62
N LEU E 247 -16.16 -50.56 47.61
CA LEU E 247 -16.48 -51.97 47.84
C LEU E 247 -15.34 -52.67 48.58
N GLY E 248 -14.10 -52.30 48.30
CA GLY E 248 -12.94 -52.85 48.97
C GLY E 248 -12.03 -53.60 48.01
N PRO E 249 -10.80 -53.89 48.43
CA PRO E 249 -9.86 -54.58 47.54
C PRO E 249 -10.12 -56.07 47.35
N SER E 250 -11.16 -56.62 47.96
CA SER E 250 -11.48 -58.03 47.80
C SER E 250 -12.14 -58.32 46.47
N VAL E 251 -12.75 -57.31 45.86
CA VAL E 251 -13.53 -57.48 44.63
C VAL E 251 -12.58 -57.38 43.42
N PRO E 252 -12.79 -58.20 42.37
CA PRO E 252 -11.91 -58.14 41.20
C PRO E 252 -11.85 -56.76 40.58
N GLU E 253 -10.65 -56.38 40.14
CA GLU E 253 -10.39 -55.05 39.58
C GLU E 253 -11.20 -54.80 38.32
N LEU E 254 -11.75 -53.59 38.20
CA LEU E 254 -12.46 -53.17 37.01
C LEU E 254 -11.71 -52.02 36.35
N ILE E 255 -11.23 -52.24 35.13
CA ILE E 255 -10.53 -51.22 34.36
C ILE E 255 -11.54 -50.35 33.63
N ILE E 256 -11.59 -49.08 33.99
CA ILE E 256 -12.58 -48.13 33.49
C ILE E 256 -11.91 -47.20 32.49
N LEU E 257 -12.31 -47.28 31.22
CA LEU E 257 -11.68 -46.48 30.17
C LEU E 257 -12.72 -45.72 29.34
N PRO E 258 -12.56 -44.40 29.20
CA PRO E 258 -13.43 -43.62 28.32
C PRO E 258 -13.04 -43.77 26.85
N ILE E 259 -14.00 -43.52 25.96
CA ILE E 259 -13.70 -43.32 24.54
C ILE E 259 -14.70 -42.34 23.91
N TYR E 260 -14.14 -41.33 23.24
CA TYR E 260 -14.86 -40.35 22.45
C TYR E 260 -13.87 -39.68 21.52
N SER E 261 -14.41 -38.99 20.48
CA SER E 261 -13.60 -38.45 19.40
C SER E 261 -12.58 -37.43 19.91
N ALA E 262 -12.99 -36.60 20.88
CA ALA E 262 -12.14 -35.56 21.44
C ALA E 262 -10.91 -36.11 22.15
N LEU E 263 -10.94 -37.37 22.53
CA LEU E 263 -9.93 -38.00 23.38
C LEU E 263 -8.68 -38.28 22.56
N PRO E 264 -7.49 -37.85 23.03
CA PRO E 264 -6.24 -38.03 22.26
C PRO E 264 -6.03 -39.50 21.91
N SER E 265 -5.38 -39.72 20.76
CA SER E 265 -5.17 -41.07 20.23
C SER E 265 -4.39 -41.97 21.20
N GLU E 266 -3.39 -41.40 21.89
CA GLU E 266 -2.60 -42.18 22.83
C GLU E 266 -3.52 -42.77 23.90
N MET E 267 -4.50 -41.98 24.37
CA MET E 267 -5.39 -42.40 25.43
C MET E 267 -6.53 -43.25 24.87
N GLN E 268 -6.86 -43.05 23.58
CA GLN E 268 -7.86 -43.89 22.93
C GLN E 268 -7.35 -45.30 22.73
N SER E 269 -6.04 -45.45 22.60
CA SER E 269 -5.41 -46.72 22.27
C SER E 269 -5.48 -47.71 23.42
N ARG E 270 -5.71 -47.24 24.66
CA ARG E 270 -5.73 -48.12 25.81
C ARG E 270 -6.97 -49.00 25.83
N ILE E 271 -8.02 -48.65 25.08
CA ILE E 271 -9.27 -49.41 25.11
C ILE E 271 -9.12 -50.73 24.36
N PHE E 272 -8.11 -50.84 23.50
CA PHE E 272 -7.90 -52.05 22.72
C PHE E 272 -7.00 -53.04 23.44
N GLU E 273 -6.23 -52.57 24.41
CA GLU E 273 -5.34 -53.43 25.17
C GLU E 273 -6.17 -54.35 26.07
N PRO E 274 -5.85 -55.65 26.14
CA PRO E 274 -6.64 -56.54 26.98
C PRO E 274 -6.42 -56.29 28.45
N ALA E 275 -7.43 -56.61 29.25
CA ALA E 275 -7.36 -56.42 30.68
C ALA E 275 -6.35 -57.36 31.33
N PRO E 276 -5.70 -56.95 32.43
CA PRO E 276 -4.78 -57.85 33.12
C PRO E 276 -5.55 -59.04 33.67
N PRO E 277 -4.99 -60.25 33.65
CA PRO E 277 -5.78 -61.44 34.04
C PRO E 277 -6.44 -61.33 35.41
N GLY E 278 -7.70 -61.77 35.46
CA GLY E 278 -8.53 -61.71 36.65
C GLY E 278 -9.27 -60.41 36.80
N SER E 279 -9.14 -59.51 35.84
CA SER E 279 -9.78 -58.20 35.82
C SER E 279 -10.73 -58.07 34.64
N ARG E 280 -11.70 -57.17 34.77
CA ARG E 280 -12.66 -56.93 33.70
C ARG E 280 -12.57 -55.48 33.24
N LYS E 281 -12.73 -55.28 31.94
CA LYS E 281 -12.66 -53.96 31.31
C LYS E 281 -14.08 -53.46 31.10
N VAL E 282 -14.33 -52.18 31.42
CA VAL E 282 -15.52 -51.49 30.95
C VAL E 282 -15.11 -50.27 30.12
N VAL E 283 -15.68 -50.17 28.93
CA VAL E 283 -15.48 -49.05 28.02
C VAL E 283 -16.72 -48.16 28.04
N ILE E 284 -16.57 -46.95 28.56
CA ILE E 284 -17.65 -45.95 28.59
C ILE E 284 -17.53 -45.05 27.36
N ALA E 285 -18.51 -45.12 26.46
CA ALA E 285 -18.37 -44.63 25.10
C ALA E 285 -19.51 -43.71 24.70
N THR E 286 -19.25 -42.88 23.68
CA THR E 286 -20.31 -42.27 22.89
C THR E 286 -20.71 -43.25 21.79
N ASN E 287 -21.46 -42.74 20.81
CA ASN E 287 -21.86 -43.51 19.64
C ASN E 287 -20.69 -43.79 18.69
N ILE E 288 -19.47 -43.40 19.08
CA ILE E 288 -18.27 -43.69 18.31
C ILE E 288 -18.07 -45.20 18.23
N ALA E 289 -18.37 -45.90 19.32
CA ALA E 289 -18.20 -47.34 19.43
C ALA E 289 -19.20 -48.11 18.59
N GLU E 290 -20.30 -47.48 18.17
CA GLU E 290 -21.31 -48.15 17.36
C GLU E 290 -20.79 -48.56 15.99
N THR E 291 -20.09 -47.66 15.31
CA THR E 291 -19.62 -48.01 13.97
C THR E 291 -18.16 -47.66 13.73
N SER E 292 -17.77 -46.44 14.11
CA SER E 292 -16.42 -45.96 13.82
C SER E 292 -15.35 -46.83 14.47
N ILE E 293 -15.53 -47.17 15.74
CA ILE E 293 -14.54 -47.95 16.48
C ILE E 293 -15.12 -49.32 16.77
N THR E 294 -14.38 -50.37 16.44
CA THR E 294 -14.78 -51.74 16.71
C THR E 294 -13.86 -52.31 17.78
N ILE E 295 -14.40 -52.60 18.95
CA ILE E 295 -13.60 -53.11 20.06
C ILE E 295 -13.84 -54.61 20.13
N ASP E 296 -12.75 -55.38 20.20
CA ASP E 296 -12.87 -56.83 20.28
C ASP E 296 -12.97 -57.25 21.73
N TYR E 297 -13.64 -58.39 21.94
CA TYR E 297 -13.83 -59.07 23.23
C TYR E 297 -14.76 -58.25 24.11
N ILE E 298 -15.77 -57.62 23.52
CA ILE E 298 -16.91 -57.09 24.25
C ILE E 298 -18.04 -58.11 24.17
N TYR E 299 -18.53 -58.52 25.34
CA TYR E 299 -19.64 -59.44 25.43
C TYR E 299 -20.85 -58.85 26.13
N TYR E 300 -20.73 -57.67 26.72
CA TYR E 300 -21.82 -57.01 27.45
C TYR E 300 -21.97 -55.57 26.95
N VAL E 301 -23.21 -55.16 26.73
CA VAL E 301 -23.51 -53.79 26.32
C VAL E 301 -24.58 -53.22 27.26
N VAL E 302 -24.32 -52.03 27.80
CA VAL E 302 -25.32 -51.26 28.54
C VAL E 302 -25.83 -50.14 27.64
N ASP E 303 -27.14 -50.14 27.39
CA ASP E 303 -27.79 -49.22 26.45
C ASP E 303 -28.79 -48.33 27.20
N PRO E 304 -28.36 -47.16 27.69
CA PRO E 304 -29.32 -46.23 28.30
C PRO E 304 -30.38 -45.71 27.35
N GLY E 305 -30.14 -45.73 26.04
CA GLY E 305 -31.14 -45.44 25.04
C GLY E 305 -31.12 -44.04 24.48
N PHE E 306 -30.09 -43.24 24.78
CA PHE E 306 -30.03 -41.86 24.33
C PHE E 306 -28.80 -41.58 23.48
N VAL E 307 -28.93 -40.59 22.58
CA VAL E 307 -27.81 -40.05 21.83
C VAL E 307 -27.99 -38.54 21.82
N LYS E 308 -26.88 -37.81 21.70
CA LYS E 308 -26.90 -36.37 21.49
C LYS E 308 -27.04 -36.09 20.00
N GLN E 309 -28.17 -35.54 19.56
CA GLN E 309 -28.45 -35.36 18.14
C GLN E 309 -28.49 -33.91 17.70
N ASN E 310 -27.90 -33.68 16.52
CA ASN E 310 -27.89 -32.40 15.86
C ASN E 310 -29.17 -32.26 15.04
N ALA E 311 -29.83 -31.11 15.15
CA ALA E 311 -30.92 -30.73 14.26
C ALA E 311 -30.89 -29.25 13.96
N TYR E 312 -30.94 -28.91 12.67
CA TYR E 312 -30.81 -27.54 12.18
C TYR E 312 -32.18 -26.85 12.18
N ASP E 313 -32.19 -25.60 12.67
CA ASP E 313 -33.36 -24.73 12.60
C ASP E 313 -33.09 -23.57 11.66
N PRO E 314 -33.57 -23.66 10.40
CA PRO E 314 -33.30 -22.63 9.39
C PRO E 314 -33.79 -21.23 9.71
N LYS E 315 -34.95 -21.09 10.37
CA LYS E 315 -35.46 -19.75 10.69
C LYS E 315 -34.50 -19.00 11.60
N LEU E 316 -33.99 -19.67 12.61
CA LEU E 316 -33.08 -19.04 13.56
C LEU E 316 -31.63 -19.19 13.14
N GLY E 317 -31.36 -20.07 12.17
CA GLY E 317 -30.01 -20.27 11.68
C GLY E 317 -29.13 -20.89 12.76
N MET E 318 -29.61 -21.98 13.35
CA MET E 318 -29.04 -22.52 14.57
C MET E 318 -29.18 -24.04 14.65
N ASP E 319 -28.06 -24.72 14.94
CA ASP E 319 -28.07 -26.13 15.27
C ASP E 319 -28.53 -26.33 16.71
N SER E 320 -29.26 -27.41 16.96
CA SER E 320 -29.64 -27.77 18.32
C SER E 320 -29.08 -29.14 18.66
N LEU E 321 -28.27 -29.24 19.70
CA LEU E 321 -27.75 -30.52 20.15
C LEU E 321 -28.59 -30.93 21.35
N VAL E 322 -29.35 -32.01 21.22
CA VAL E 322 -30.26 -32.44 22.28
C VAL E 322 -30.08 -33.93 22.52
N VAL E 323 -29.89 -34.30 23.79
CA VAL E 323 -29.96 -35.70 24.22
C VAL E 323 -31.37 -36.18 23.89
N THR E 324 -31.52 -37.07 22.92
CA THR E 324 -32.84 -37.55 22.55
C THR E 324 -32.81 -39.07 22.45
N PRO E 325 -33.99 -39.74 22.54
CA PRO E 325 -34.01 -41.20 22.36
C PRO E 325 -33.42 -41.65 21.04
N ILE E 326 -32.71 -42.77 21.07
CA ILE E 326 -32.20 -43.38 19.85
C ILE E 326 -33.31 -44.07 19.08
N SER E 327 -32.99 -44.57 17.91
CA SER E 327 -33.91 -45.32 17.09
C SER E 327 -33.77 -46.82 17.34
N GLN E 328 -34.72 -47.59 16.79
CA GLN E 328 -34.64 -49.04 16.88
C GLN E 328 -33.37 -49.55 16.20
N ALA E 329 -33.13 -49.07 14.96
CA ALA E 329 -31.95 -49.45 14.18
C ALA E 329 -30.69 -49.19 14.99
N GLN E 330 -30.65 -48.03 15.65
CA GLN E 330 -29.50 -47.61 16.42
C GLN E 330 -29.34 -48.53 17.63
N ALA E 331 -30.46 -48.82 18.30
CA ALA E 331 -30.49 -49.73 19.45
C ALA E 331 -30.00 -51.12 19.07
N ASN E 332 -30.42 -51.61 17.90
CA ASN E 332 -30.01 -52.92 17.43
C ASN E 332 -28.53 -52.95 17.11
N GLN E 333 -28.03 -51.88 16.48
CA GLN E 333 -26.61 -51.72 16.17
C GLN E 333 -25.80 -51.85 17.45
N ARG E 334 -26.24 -51.16 18.52
CA ARG E 334 -25.55 -51.13 19.81
C ARG E 334 -25.45 -52.56 20.37
N ALA E 335 -26.60 -53.24 20.41
CA ALA E 335 -26.71 -54.63 20.87
C ALA E 335 -25.70 -55.52 20.16
N GLY E 336 -25.59 -55.38 18.84
CA GLY E 336 -24.72 -56.19 18.00
C GLY E 336 -23.24 -56.11 18.35
N ARG E 337 -22.84 -55.09 19.11
CA ARG E 337 -21.46 -54.93 19.53
C ARG E 337 -21.08 -55.97 20.58
N ALA E 338 -22.07 -56.46 21.32
CA ALA E 338 -21.85 -57.58 22.24
C ALA E 338 -21.63 -58.88 21.49
N GLY E 339 -22.18 -59.01 20.29
CA GLY E 339 -22.07 -60.23 19.51
C GLY E 339 -21.03 -60.18 18.42
N ARG E 340 -19.90 -59.53 18.71
CA ARG E 340 -18.82 -59.40 17.73
C ARG E 340 -17.88 -60.59 17.87
N THR E 341 -17.17 -60.66 19.00
CA THR E 341 -16.22 -61.75 19.24
C THR E 341 -16.95 -63.07 19.49
N GLY E 342 -17.94 -63.04 20.38
CA GLY E 342 -18.70 -64.22 20.72
C GLY E 342 -20.07 -63.86 21.25
N PRO E 343 -20.83 -64.88 21.69
CA PRO E 343 -22.20 -64.64 22.19
C PRO E 343 -22.20 -63.70 23.38
N GLY E 344 -23.27 -62.92 23.52
CA GLY E 344 -23.24 -61.87 24.50
C GLY E 344 -24.61 -61.43 24.99
N LYS E 345 -24.60 -60.36 25.77
CA LYS E 345 -25.80 -59.80 26.38
C LYS E 345 -25.85 -58.28 26.16
N CYS E 346 -27.06 -57.74 26.08
CA CYS E 346 -27.29 -56.30 25.98
C CYS E 346 -28.35 -55.94 26.99
N PHE E 347 -28.02 -55.02 27.88
CA PHE E 347 -28.96 -54.51 28.89
C PHE E 347 -29.51 -53.17 28.39
N ARG E 348 -30.76 -53.19 27.92
CA ARG E 348 -31.45 -51.98 27.52
C ARG E 348 -32.20 -51.43 28.73
N LEU E 349 -31.89 -50.18 29.10
CA LEU E 349 -32.44 -49.56 30.30
C LEU E 349 -33.68 -48.76 29.98
N TYR E 350 -34.62 -49.46 29.37
CA TYR E 350 -35.90 -48.98 28.87
C TYR E 350 -36.73 -50.21 28.57
N THR E 351 -38.04 -50.04 28.70
CA THR E 351 -39.03 -51.14 28.56
C THR E 351 -39.14 -51.57 27.10
N GLU E 352 -39.65 -52.79 26.90
CA GLU E 352 -39.88 -53.39 25.55
C GLU E 352 -40.91 -52.52 24.83
N ALA E 353 -41.93 -52.05 25.54
CA ALA E 353 -42.97 -51.18 24.96
C ALA E 353 -42.31 -49.91 24.42
N ALA E 354 -41.33 -49.35 25.14
CA ALA E 354 -40.70 -48.13 24.65
C ALA E 354 -39.95 -48.39 23.35
N TYR E 355 -39.34 -49.57 23.23
CA TYR E 355 -38.66 -49.95 22.00
C TYR E 355 -39.67 -50.02 20.85
N GLN E 356 -40.73 -50.79 21.06
CA GLN E 356 -41.75 -51.05 20.05
C GLN E 356 -42.49 -49.78 19.63
N SER E 357 -42.89 -48.92 20.58
CA SER E 357 -43.72 -47.79 20.19
C SER E 357 -43.17 -46.40 20.47
N GLU E 358 -42.19 -46.23 21.36
CA GLU E 358 -41.72 -44.87 21.65
C GLU E 358 -40.40 -44.53 20.95
N MET E 359 -39.90 -45.45 20.13
CA MET E 359 -38.64 -45.26 19.42
C MET E 359 -38.89 -45.33 17.93
N LEU E 360 -38.34 -44.37 17.19
CA LEU E 360 -38.46 -44.37 15.74
C LEU E 360 -37.74 -45.61 15.19
N PRO E 361 -38.28 -46.25 14.14
CA PRO E 361 -37.58 -47.43 13.60
C PRO E 361 -36.19 -47.14 13.07
N THR E 362 -36.01 -45.98 12.45
CA THR E 362 -34.72 -45.58 11.93
C THR E 362 -34.44 -44.12 12.29
N THR E 363 -33.17 -43.79 12.41
CA THR E 363 -32.77 -42.42 12.75
C THR E 363 -33.13 -41.51 11.58
N ILE E 364 -33.57 -40.29 11.90
CA ILE E 364 -33.91 -39.34 10.82
C ILE E 364 -32.66 -39.10 9.98
N PRO E 365 -32.74 -39.18 8.64
CA PRO E 365 -31.57 -39.01 7.78
C PRO E 365 -30.92 -37.65 7.96
N ASP E 366 -29.59 -37.63 7.76
CA ASP E 366 -28.81 -36.42 7.94
C ASP E 366 -29.30 -35.29 7.03
N ILE E 367 -29.72 -35.64 5.81
CA ILE E 367 -30.13 -34.65 4.81
C ILE E 367 -31.35 -33.85 5.30
N GLN E 368 -32.16 -34.44 6.18
CA GLN E 368 -33.35 -33.80 6.70
C GLN E 368 -33.12 -33.05 8.01
N ARG E 369 -31.86 -32.88 8.45
CA ARG E 369 -31.63 -32.13 9.68
C ARG E 369 -30.29 -31.40 9.77
N GLN E 370 -29.64 -31.09 8.66
CA GLN E 370 -28.46 -30.23 8.60
C GLN E 370 -28.67 -29.05 7.66
N ASN E 371 -27.81 -28.05 7.81
CA ASN E 371 -27.67 -26.99 6.83
C ASN E 371 -27.36 -27.62 5.49
N LEU E 372 -27.91 -27.06 4.41
CA LEU E 372 -27.75 -27.68 3.11
C LEU E 372 -27.05 -26.81 2.06
N ALA E 373 -26.54 -25.64 2.43
CA ALA E 373 -25.91 -24.68 1.51
C ALA E 373 -24.87 -25.35 0.62
N ASN E 374 -24.05 -26.22 1.23
CA ASN E 374 -22.93 -26.86 0.56
C ASN E 374 -23.45 -27.81 -0.52
N THR E 375 -24.41 -28.64 -0.13
CA THR E 375 -25.05 -29.61 -1.01
C THR E 375 -25.86 -28.92 -2.10
N ILE E 376 -26.54 -27.82 -1.77
CA ILE E 376 -27.35 -27.08 -2.73
C ILE E 376 -26.44 -26.45 -3.78
N LEU E 377 -25.31 -25.88 -3.35
CA LEU E 377 -24.36 -25.25 -4.26
C LEU E 377 -23.78 -26.28 -5.23
N LEU E 378 -23.48 -27.48 -4.72
CA LEU E 378 -22.91 -28.54 -5.55
C LEU E 378 -23.89 -28.95 -6.64
N LEU E 379 -25.18 -29.04 -6.31
CA LEU E 379 -26.21 -29.46 -7.25
C LEU E 379 -26.40 -28.40 -8.34
N LYS E 380 -26.46 -27.13 -7.95
CA LYS E 380 -26.48 -26.03 -8.92
C LYS E 380 -25.25 -26.07 -9.81
N ALA E 381 -24.09 -26.41 -9.24
CA ALA E 381 -22.85 -26.46 -10.02
C ALA E 381 -22.94 -27.54 -11.10
N MET E 382 -23.65 -28.62 -10.81
CA MET E 382 -23.86 -29.71 -11.77
C MET E 382 -24.97 -29.39 -12.75
N GLY E 383 -25.60 -28.23 -12.60
CA GLY E 383 -26.58 -27.71 -13.52
C GLY E 383 -27.97 -28.26 -13.29
N ILE E 384 -28.35 -28.47 -12.04
CA ILE E 384 -29.70 -28.86 -11.67
C ILE E 384 -30.36 -27.66 -11.01
N ASN E 385 -31.62 -27.39 -11.34
CA ASN E 385 -32.17 -26.08 -11.04
C ASN E 385 -33.40 -26.09 -10.13
N ASP E 386 -34.43 -26.88 -10.44
CA ASP E 386 -35.63 -26.84 -9.60
C ASP E 386 -35.43 -27.81 -8.44
N LEU E 387 -34.61 -27.38 -7.47
CA LEU E 387 -34.10 -28.27 -6.44
C LEU E 387 -35.17 -28.67 -5.43
N LEU E 388 -36.22 -27.87 -5.30
CA LEU E 388 -37.31 -28.18 -4.40
C LEU E 388 -38.10 -29.37 -4.92
N ARG E 389 -37.99 -29.63 -6.22
CA ARG E 389 -38.71 -30.76 -6.86
C ARG E 389 -37.72 -31.89 -7.19
N PHE E 390 -36.47 -31.77 -6.73
CA PHE E 390 -35.43 -32.75 -7.02
C PHE E 390 -35.81 -34.11 -6.43
N ASP E 391 -35.40 -35.19 -7.11
CA ASP E 391 -35.80 -36.54 -6.68
C ASP E 391 -34.93 -37.10 -5.56
N PHE E 392 -35.12 -36.55 -4.36
CA PHE E 392 -34.44 -37.07 -3.18
C PHE E 392 -35.28 -38.21 -2.64
N MET E 393 -34.64 -39.27 -2.14
CA MET E 393 -35.41 -40.39 -1.60
C MET E 393 -36.25 -39.93 -0.42
N ASP E 394 -35.63 -39.18 0.49
CA ASP E 394 -36.29 -38.55 1.62
C ASP E 394 -36.04 -37.07 1.42
N PRO E 395 -37.04 -36.27 1.04
CA PRO E 395 -36.80 -34.84 0.80
C PRO E 395 -36.54 -34.06 2.08
N PRO E 396 -35.62 -33.09 2.02
CA PRO E 396 -35.30 -32.27 3.17
C PRO E 396 -36.39 -31.24 3.41
N PRO E 397 -36.49 -30.67 4.63
CA PRO E 397 -37.54 -29.67 4.91
C PRO E 397 -37.45 -28.52 3.90
N VAL E 398 -38.61 -28.06 3.44
CA VAL E 398 -38.66 -27.01 2.42
C VAL E 398 -38.02 -25.72 2.90
N ASN E 399 -38.21 -25.36 4.17
CA ASN E 399 -37.64 -24.14 4.72
C ASN E 399 -36.11 -24.17 4.69
N THR E 400 -35.54 -25.36 4.93
CA THR E 400 -34.09 -25.54 4.91
C THR E 400 -33.56 -25.30 3.49
N MET E 401 -34.28 -25.81 2.50
CA MET E 401 -33.92 -25.62 1.10
C MET E 401 -33.98 -24.14 0.73
N LEU E 402 -35.07 -23.47 1.13
CA LEU E 402 -35.28 -22.06 0.80
C LEU E 402 -34.17 -21.20 1.43
N THR E 403 -33.82 -21.50 2.69
CA THR E 403 -32.80 -20.74 3.41
C THR E 403 -31.46 -20.88 2.70
N ALA E 404 -31.16 -22.10 2.25
CA ALA E 404 -29.91 -22.40 1.56
C ALA E 404 -29.83 -21.62 0.26
N LEU E 405 -30.95 -21.56 -0.46
CA LEU E 405 -31.04 -20.81 -1.71
C LEU E 405 -30.88 -19.32 -1.44
N GLU E 406 -31.50 -18.82 -0.36
CA GLU E 406 -31.40 -17.40 0.00
C GLU E 406 -29.96 -17.08 0.32
N GLU E 407 -29.31 -17.98 1.06
CA GLU E 407 -27.93 -17.83 1.50
C GLU E 407 -27.02 -17.68 0.28
N LEU E 408 -27.16 -18.60 -0.69
CA LEU E 408 -26.32 -18.60 -1.88
C LEU E 408 -26.61 -17.39 -2.76
N TYR E 409 -27.85 -16.94 -2.81
CA TYR E 409 -28.18 -15.70 -3.50
C TYR E 409 -27.41 -14.53 -2.88
N ALA E 410 -27.50 -14.43 -1.53
CA ALA E 410 -26.87 -13.32 -0.80
C ALA E 410 -25.37 -13.26 -0.99
N LEU E 411 -24.71 -14.40 -1.23
CA LEU E 411 -23.26 -14.44 -1.41
C LEU E 411 -22.87 -14.21 -2.86
N GLY E 412 -23.83 -14.10 -3.75
CA GLY E 412 -23.58 -13.88 -5.16
C GLY E 412 -23.30 -15.14 -5.94
N ALA E 413 -23.57 -16.30 -5.33
CA ALA E 413 -23.40 -17.57 -5.99
C ALA E 413 -24.52 -17.81 -6.98
N LEU E 414 -25.68 -17.25 -6.66
CA LEU E 414 -26.89 -17.40 -7.49
C LEU E 414 -27.35 -16.01 -7.92
N ASP E 415 -27.87 -15.92 -9.15
CA ASP E 415 -28.38 -14.64 -9.69
C ASP E 415 -29.85 -14.43 -9.27
N ASP E 416 -30.45 -13.37 -9.79
CA ASP E 416 -31.84 -12.98 -9.47
C ASP E 416 -32.82 -14.08 -9.88
N GLU E 417 -32.56 -14.78 -11.00
CA GLU E 417 -33.42 -15.88 -11.49
C GLU E 417 -33.08 -17.21 -10.78
N GLY E 418 -32.04 -17.23 -9.95
CA GLY E 418 -31.66 -18.42 -9.19
C GLY E 418 -30.61 -19.26 -9.87
N LEU E 419 -30.16 -18.86 -11.06
CA LEU E 419 -29.13 -19.64 -11.78
C LEU E 419 -27.75 -19.38 -11.17
N LEU E 420 -26.83 -20.31 -11.39
CA LEU E 420 -25.45 -20.23 -10.90
C LEU E 420 -24.69 -19.13 -11.62
N THR E 421 -24.00 -18.30 -10.84
CA THR E 421 -23.13 -17.26 -11.35
C THR E 421 -21.72 -17.79 -11.56
N ARG E 422 -20.89 -16.92 -12.14
CA ARG E 422 -19.48 -17.25 -12.37
C ARG E 422 -18.80 -17.45 -11.04
N LEU E 423 -19.12 -16.58 -10.07
CA LEU E 423 -18.55 -16.67 -8.74
C LEU E 423 -18.98 -17.97 -8.08
N GLY E 424 -20.26 -18.32 -8.26
CA GLY E 424 -20.81 -19.52 -7.66
C GLY E 424 -20.09 -20.77 -8.12
N ARG E 425 -19.77 -20.84 -9.42
CA ARG E 425 -19.04 -21.98 -9.96
C ARG E 425 -17.65 -22.03 -9.33
N LYS E 426 -17.03 -20.86 -9.15
CA LYS E 426 -15.69 -20.80 -8.55
C LYS E 426 -15.76 -21.29 -7.12
N MET E 427 -16.80 -20.86 -6.39
CA MET E 427 -17.00 -21.22 -4.99
C MET E 427 -17.22 -22.73 -4.83
N ALA E 428 -17.84 -23.38 -5.82
CA ALA E 428 -18.10 -24.81 -5.75
C ALA E 428 -16.84 -25.65 -5.91
N ASP E 429 -15.78 -25.09 -6.45
CA ASP E 429 -14.52 -25.81 -6.57
C ASP E 429 -13.85 -25.95 -5.22
N PHE E 430 -14.27 -25.16 -4.24
CA PHE E 430 -13.70 -25.23 -2.91
C PHE E 430 -14.50 -26.22 -2.07
N PRO E 431 -13.86 -27.13 -1.36
CA PRO E 431 -14.59 -28.05 -0.46
C PRO E 431 -14.87 -27.57 0.97
N MET E 432 -15.82 -26.65 1.05
CA MET E 432 -16.25 -26.05 2.33
C MET E 432 -17.58 -25.33 2.11
N GLU E 433 -18.28 -25.05 3.19
CA GLU E 433 -19.57 -24.36 3.12
C GLU E 433 -19.35 -23.05 2.38
N PRO E 434 -20.32 -22.64 1.54
CA PRO E 434 -20.17 -21.47 0.65
C PRO E 434 -19.79 -20.19 1.33
N SER E 435 -20.23 -19.97 2.56
CA SER E 435 -19.86 -18.77 3.29
C SER E 435 -18.36 -18.68 3.48
N LEU E 436 -17.67 -19.82 3.68
CA LEU E 436 -16.22 -19.78 3.85
C LEU E 436 -15.50 -19.50 2.53
N SER E 437 -15.95 -20.14 1.44
CA SER E 437 -15.36 -19.90 0.12
C SER E 437 -15.59 -18.46 -0.34
N LYS E 438 -16.71 -17.86 0.06
CA LYS E 438 -16.96 -16.45 -0.20
C LYS E 438 -15.92 -15.59 0.51
N VAL E 439 -15.61 -15.93 1.75
CA VAL E 439 -14.66 -15.20 2.57
C VAL E 439 -13.26 -15.26 1.96
N LEU E 440 -12.88 -16.43 1.43
CA LEU E 440 -11.55 -16.61 0.83
C LEU E 440 -11.37 -15.72 -0.40
N ILE E 441 -12.39 -15.66 -1.26
CA ILE E 441 -12.33 -14.89 -2.49
C ILE E 441 -12.38 -13.40 -2.17
N ALA E 442 -13.17 -13.03 -1.16
CA ALA E 442 -13.19 -11.66 -0.67
C ALA E 442 -11.84 -11.25 -0.10
N SER E 443 -11.10 -12.20 0.49
CA SER E 443 -9.81 -11.91 1.10
C SER E 443 -8.75 -11.56 0.05
N VAL E 444 -8.96 -11.99 -1.20
CA VAL E 444 -8.07 -11.66 -2.30
C VAL E 444 -8.07 -10.14 -2.51
N ASP E 445 -9.26 -9.56 -2.65
CA ASP E 445 -9.40 -8.12 -2.87
C ASP E 445 -8.92 -7.35 -1.64
N LYS E 446 -9.16 -7.88 -0.45
CA LYS E 446 -8.79 -7.19 0.77
C LYS E 446 -7.34 -7.45 1.15
N GLY E 447 -6.59 -8.22 0.35
CA GLY E 447 -5.16 -8.37 0.53
C GLY E 447 -4.75 -9.11 1.79
N CYS E 448 -5.51 -10.13 2.17
CA CYS E 448 -5.19 -10.93 3.36
C CYS E 448 -5.46 -12.41 3.14
N SER E 449 -5.20 -12.90 1.92
CA SER E 449 -5.48 -14.30 1.60
C SER E 449 -4.63 -15.27 2.43
N ASP E 450 -3.37 -14.92 2.71
CA ASP E 450 -2.44 -15.80 3.44
C ASP E 450 -2.98 -16.13 4.82
N GLU E 451 -3.48 -15.12 5.53
CA GLU E 451 -4.06 -15.28 6.85
C GLU E 451 -5.39 -16.01 6.74
N MET E 452 -6.23 -15.61 5.78
CA MET E 452 -7.58 -16.12 5.68
C MET E 452 -7.59 -17.61 5.33
N VAL E 453 -6.58 -18.07 4.59
CA VAL E 453 -6.48 -19.49 4.26
C VAL E 453 -6.18 -20.29 5.52
N THR E 454 -5.29 -19.78 6.37
CA THR E 454 -5.02 -20.39 7.67
C THR E 454 -6.29 -20.48 8.49
N ILE E 455 -7.02 -19.37 8.58
CA ILE E 455 -8.20 -19.26 9.43
C ILE E 455 -9.28 -20.24 8.98
N VAL E 456 -9.55 -20.26 7.67
CA VAL E 456 -10.58 -21.13 7.09
C VAL E 456 -10.24 -22.59 7.38
N SER E 457 -8.94 -22.92 7.34
CA SER E 457 -8.46 -24.28 7.59
C SER E 457 -8.81 -24.72 9.01
N MET E 458 -8.65 -23.80 9.98
CA MET E 458 -8.95 -24.08 11.38
C MET E 458 -10.44 -24.24 11.61
N LEU E 459 -11.26 -23.56 10.81
CA LEU E 459 -12.70 -23.64 10.95
C LEU E 459 -13.20 -24.99 10.46
N ASN E 460 -14.27 -25.48 11.10
CA ASN E 460 -14.88 -26.78 10.80
C ASN E 460 -13.93 -27.96 11.03
N LEU E 461 -13.15 -27.85 12.09
CA LEU E 461 -12.25 -28.87 12.60
C LEU E 461 -12.98 -29.57 13.74
N GLN E 462 -12.56 -30.79 14.05
CA GLN E 462 -13.24 -31.57 15.08
C GLN E 462 -13.10 -30.93 16.46
N GLN E 463 -11.88 -30.61 16.89
CA GLN E 463 -11.71 -29.94 18.17
C GLN E 463 -10.28 -29.44 18.18
N ILE E 464 -10.05 -28.22 18.64
CA ILE E 464 -8.71 -27.66 18.66
C ILE E 464 -8.11 -27.69 20.06
N PHE E 465 -8.89 -27.36 21.08
CA PHE E 465 -8.34 -27.25 22.43
C PHE E 465 -8.80 -28.43 23.28
N TYR E 466 -7.83 -29.10 23.87
CA TYR E 466 -8.06 -30.27 24.76
C TYR E 466 -8.27 -29.71 26.17
N ARG E 467 -9.34 -30.17 26.84
CA ARG E 467 -9.63 -29.68 28.21
C ARG E 467 -9.87 -30.88 29.13
N PRO E 468 -8.84 -31.63 29.52
CA PRO E 468 -9.00 -32.78 30.41
C PRO E 468 -9.55 -32.27 31.75
N LYS E 469 -10.50 -33.01 32.33
CA LYS E 469 -11.15 -32.56 33.56
C LYS E 469 -10.14 -32.40 34.71
N ASP E 470 -9.14 -33.28 34.76
CA ASP E 470 -8.13 -33.23 35.81
C ASP E 470 -7.36 -31.91 35.76
N LYS E 471 -6.96 -31.48 34.56
CA LYS E 471 -6.20 -30.25 34.38
C LYS E 471 -6.93 -29.33 33.40
N GLN E 472 -8.11 -28.82 33.78
CA GLN E 472 -8.86 -27.92 32.89
C GLN E 472 -8.37 -26.47 33.02
N GLN E 473 -8.16 -26.00 34.26
CA GLN E 473 -7.60 -24.66 34.51
C GLN E 473 -6.28 -24.48 33.77
N GLN E 474 -5.42 -25.50 33.80
CA GLN E 474 -4.09 -25.46 33.17
C GLN E 474 -4.23 -25.24 31.67
N ALA E 475 -5.22 -25.91 31.07
CA ALA E 475 -5.53 -25.79 29.65
C ALA E 475 -5.98 -24.38 29.32
N ASP E 476 -6.89 -23.84 30.12
CA ASP E 476 -7.41 -22.50 29.88
C ASP E 476 -6.28 -21.48 29.93
N GLN E 477 -5.32 -21.65 30.87
CA GLN E 477 -4.20 -20.72 30.97
C GLN E 477 -3.36 -20.75 29.70
N LYS E 478 -3.08 -21.96 29.20
CA LYS E 478 -2.27 -22.10 27.99
C LYS E 478 -3.00 -21.52 26.78
N LYS E 479 -4.30 -21.79 26.70
CA LYS E 479 -5.11 -21.32 25.58
C LYS E 479 -5.14 -19.80 25.50
N ALA E 480 -5.23 -19.13 26.65
CA ALA E 480 -5.40 -17.69 26.70
C ALA E 480 -4.17 -16.94 26.21
N LYS E 481 -3.01 -17.60 26.15
CA LYS E 481 -1.81 -17.01 25.59
C LYS E 481 -1.96 -16.68 24.11
N PHE E 482 -2.90 -17.34 23.43
CA PHE E 482 -3.09 -17.16 22.01
C PHE E 482 -4.20 -16.17 21.67
N HIS E 483 -5.12 -15.91 22.61
CA HIS E 483 -6.24 -14.98 22.47
C HIS E 483 -5.84 -13.65 21.84
N ASP E 484 -6.45 -13.33 20.70
CA ASP E 484 -6.40 -12.01 20.10
C ASP E 484 -7.46 -11.13 20.77
N PRO E 485 -7.20 -9.82 20.93
CA PRO E 485 -8.25 -8.94 21.47
C PRO E 485 -9.56 -8.92 20.69
N THR E 486 -9.50 -9.16 19.38
CA THR E 486 -10.66 -9.09 18.49
C THR E 486 -11.52 -10.34 18.54
N GLY E 487 -10.97 -11.46 19.03
CA GLY E 487 -11.75 -12.65 19.25
C GLY E 487 -11.19 -13.89 18.59
N ASP E 488 -12.08 -14.80 18.18
CA ASP E 488 -11.66 -16.19 18.01
C ASP E 488 -11.01 -16.47 16.66
N HIS E 489 -11.44 -15.81 15.59
CA HIS E 489 -10.86 -16.02 14.25
C HIS E 489 -9.36 -15.74 14.27
N LEU E 490 -8.99 -14.60 14.83
CA LEU E 490 -7.60 -14.20 14.88
C LEU E 490 -6.84 -15.03 15.91
N THR E 491 -7.54 -15.50 16.95
CA THR E 491 -6.95 -16.45 17.89
C THR E 491 -6.53 -17.73 17.16
N LEU E 492 -7.40 -18.22 16.26
CA LEU E 492 -7.10 -19.43 15.50
C LEU E 492 -5.87 -19.22 14.61
N LEU E 493 -5.69 -17.99 14.10
CA LEU E 493 -4.50 -17.64 13.33
C LEU E 493 -3.26 -17.78 14.19
N ASN E 494 -3.33 -17.28 15.43
CA ASN E 494 -2.20 -17.29 16.36
C ASN E 494 -1.79 -18.73 16.69
N VAL E 495 -2.78 -19.60 16.93
CA VAL E 495 -2.52 -21.00 17.29
C VAL E 495 -1.74 -21.68 16.17
N TYR E 496 -2.17 -21.51 14.91
CA TYR E 496 -1.50 -22.15 13.79
C TYR E 496 -0.08 -21.59 13.61
N ASN E 497 0.06 -20.27 13.73
CA ASN E 497 1.36 -19.62 13.56
C ASN E 497 2.34 -20.10 14.62
N ALA E 498 1.88 -20.19 15.88
CA ALA E 498 2.73 -20.62 16.97
C ALA E 498 3.13 -22.08 16.83
N TRP E 499 2.19 -22.91 16.35
CA TRP E 499 2.48 -24.30 15.97
C TRP E 499 3.56 -24.36 14.91
N LYS E 500 3.36 -23.59 13.83
CA LYS E 500 4.31 -23.48 12.72
C LYS E 500 5.69 -23.04 13.20
N ASN E 501 5.74 -22.01 14.05
CA ASN E 501 7.00 -21.44 14.54
C ASN E 501 7.75 -22.37 15.48
N SER E 502 7.06 -23.37 16.04
CA SER E 502 7.68 -24.42 16.84
C SER E 502 8.10 -25.62 16.00
N GLY E 503 8.16 -25.45 14.68
CA GLY E 503 8.57 -26.53 13.79
C GLY E 503 7.57 -27.65 13.69
N TYR E 504 6.28 -27.34 13.90
CA TYR E 504 5.15 -28.26 13.78
C TYR E 504 5.26 -29.41 14.78
N SER E 505 5.64 -29.07 16.00
CA SER E 505 5.97 -30.04 17.03
C SER E 505 4.74 -30.61 17.71
N ASN E 506 4.67 -31.95 17.78
CA ASN E 506 3.65 -32.64 18.57
C ASN E 506 3.88 -32.39 20.06
N ALA E 507 5.13 -32.21 20.47
CA ALA E 507 5.47 -31.90 21.86
C ALA E 507 4.84 -30.57 22.24
N TRP E 508 5.03 -29.56 21.38
CA TRP E 508 4.48 -28.22 21.59
C TRP E 508 2.97 -28.29 21.78
N CYS E 509 2.31 -29.13 20.98
CA CYS E 509 0.88 -29.33 21.06
C CYS E 509 0.50 -29.88 22.43
N PHE E 510 1.11 -31.01 22.81
CA PHE E 510 0.91 -31.66 24.11
C PHE E 510 1.06 -30.64 25.24
N GLU E 511 2.12 -29.82 25.16
CA GLU E 511 2.43 -28.82 26.19
C GLU E 511 1.32 -27.78 26.28
N ASN E 512 0.84 -27.29 25.15
CA ASN E 512 -0.10 -26.17 25.15
C ASN E 512 -1.54 -26.64 25.05
N TYR E 513 -1.76 -27.95 25.24
CA TYR E 513 -3.07 -28.58 25.38
C TYR E 513 -3.90 -28.40 24.11
N ILE E 514 -3.23 -28.55 22.97
CA ILE E 514 -3.80 -28.41 21.64
C ILE E 514 -3.68 -29.75 20.94
N GLN E 515 -4.78 -30.21 20.34
CA GLN E 515 -4.80 -31.50 19.66
C GLN E 515 -3.92 -31.47 18.42
N ALA E 516 -2.97 -32.40 18.37
CA ALA E 516 -2.06 -32.52 17.23
C ALA E 516 -2.83 -32.92 15.97
N ARG E 517 -3.84 -33.78 16.14
CA ARG E 517 -4.65 -34.34 15.06
C ARG E 517 -5.30 -33.22 14.26
N ALA E 518 -5.86 -32.24 14.98
CA ALA E 518 -6.50 -31.07 14.41
C ALA E 518 -5.50 -30.25 13.59
N MET E 519 -4.34 -29.96 14.17
CA MET E 519 -3.36 -29.11 13.49
C MET E 519 -2.82 -29.81 12.25
N ARG E 520 -2.60 -31.13 12.33
CA ARG E 520 -2.13 -31.88 11.17
C ARG E 520 -3.17 -31.84 10.04
N ARG E 521 -4.45 -31.91 10.41
CA ARG E 521 -5.54 -31.80 9.44
C ARG E 521 -5.56 -30.40 8.84
N ALA E 522 -5.41 -29.37 9.70
CA ALA E 522 -5.40 -27.98 9.27
C ALA E 522 -4.34 -27.72 8.20
N ARG E 523 -3.13 -28.29 8.38
CA ARG E 523 -2.06 -28.14 7.40
C ARG E 523 -2.45 -28.82 6.09
N ASP E 524 -3.02 -30.04 6.19
CA ASP E 524 -3.48 -30.78 5.02
C ASP E 524 -4.48 -29.94 4.25
N VAL E 525 -5.43 -29.34 4.97
CA VAL E 525 -6.47 -28.50 4.39
C VAL E 525 -5.83 -27.28 3.73
N ARG E 526 -4.98 -26.55 4.48
CA ARG E 526 -4.32 -25.34 4.00
C ARG E 526 -3.64 -25.57 2.66
N GLN E 527 -2.85 -26.65 2.58
CA GLN E 527 -2.10 -27.01 1.37
C GLN E 527 -3.04 -27.20 0.19
N GLN E 528 -4.19 -27.85 0.44
CA GLN E 528 -5.17 -28.10 -0.60
C GLN E 528 -5.78 -26.79 -1.07
N ILE E 529 -6.14 -25.93 -0.12
CA ILE E 529 -6.79 -24.65 -0.42
C ILE E 529 -5.87 -23.79 -1.26
N VAL E 530 -4.58 -23.73 -0.88
CA VAL E 530 -3.58 -22.93 -1.60
C VAL E 530 -3.50 -23.37 -3.05
N LYS E 531 -3.55 -24.69 -3.31
CA LYS E 531 -3.50 -25.21 -4.67
C LYS E 531 -4.74 -24.77 -5.45
N ILE E 532 -5.90 -24.84 -4.81
CA ILE E 532 -7.18 -24.46 -5.44
C ILE E 532 -7.18 -22.97 -5.75
N MET E 533 -6.70 -22.15 -4.79
CA MET E 533 -6.60 -20.70 -5.01
C MET E 533 -5.68 -20.40 -6.19
N GLU E 534 -4.51 -21.05 -6.22
CA GLU E 534 -3.55 -20.85 -7.29
C GLU E 534 -4.14 -21.27 -8.63
N ARG E 535 -4.87 -22.41 -8.64
CA ARG E 535 -5.55 -22.90 -9.83
C ARG E 535 -6.52 -21.85 -10.37
N HIS E 536 -7.26 -21.18 -9.49
CA HIS E 536 -8.25 -20.18 -9.88
C HIS E 536 -7.64 -18.80 -10.08
N ARG E 537 -6.31 -18.74 -10.24
CA ARG E 537 -5.52 -17.53 -10.47
C ARG E 537 -5.73 -16.47 -9.38
N HIS E 538 -5.85 -16.92 -8.12
CA HIS E 538 -6.04 -16.02 -6.98
C HIS E 538 -4.77 -15.97 -6.14
N PRO E 539 -4.03 -14.86 -6.14
CA PRO E 539 -2.76 -14.81 -5.42
C PRO E 539 -2.93 -14.86 -3.90
N ILE E 540 -1.97 -15.48 -3.24
CA ILE E 540 -1.94 -15.56 -1.78
C ILE E 540 -1.18 -14.33 -1.29
N ILE E 541 -1.86 -13.43 -0.58
CA ILE E 541 -1.25 -12.17 -0.12
C ILE E 541 -1.40 -12.07 1.40
N SER E 542 -0.36 -11.57 2.06
CA SER E 542 -0.36 -11.37 3.51
C SER E 542 -0.74 -9.93 3.82
N CYS E 543 -1.61 -9.76 4.81
CA CYS E 543 -1.94 -8.42 5.30
C CYS E 543 -0.97 -7.90 6.34
N GLY E 544 -0.07 -8.75 6.85
CA GLY E 544 0.89 -8.33 7.87
C GLY E 544 0.15 -7.87 9.10
N ARG E 545 0.41 -6.63 9.52
CA ARG E 545 -0.12 -6.12 10.76
C ARG E 545 -1.52 -5.54 10.58
N ASP E 546 -1.96 -5.31 9.33
CA ASP E 546 -3.26 -4.73 9.01
C ASP E 546 -4.27 -5.88 9.14
N THR E 547 -4.47 -6.24 10.40
CA THR E 547 -5.33 -7.30 10.85
C THR E 547 -6.79 -7.08 10.50
N ASP E 548 -7.23 -5.82 10.45
CA ASP E 548 -8.62 -5.46 10.17
C ASP E 548 -9.10 -6.04 8.85
N LYS E 549 -8.19 -6.13 7.85
CA LYS E 549 -8.55 -6.58 6.50
C LYS E 549 -9.12 -8.00 6.53
N ILE E 550 -8.74 -8.79 7.54
CA ILE E 550 -9.29 -10.12 7.74
C ILE E 550 -10.74 -10.03 8.19
N ARG E 551 -11.00 -9.15 9.15
CA ARG E 551 -12.32 -8.97 9.73
C ARG E 551 -13.29 -8.36 8.71
N GLN E 552 -12.79 -7.48 7.85
CA GLN E 552 -13.60 -6.97 6.73
C GLN E 552 -14.03 -8.11 5.84
N ALA E 553 -13.06 -8.95 5.42
CA ALA E 553 -13.32 -10.06 4.52
C ALA E 553 -14.33 -11.04 5.10
N LEU E 554 -14.23 -11.31 6.41
CA LEU E 554 -15.17 -12.20 7.09
C LEU E 554 -16.61 -11.73 6.97
N CYS E 555 -16.83 -10.41 6.93
CA CYS E 555 -18.18 -9.87 6.77
C CYS E 555 -18.79 -10.17 5.41
N ALA E 556 -17.97 -10.42 4.39
CA ALA E 556 -18.49 -10.74 3.07
C ALA E 556 -19.28 -12.03 3.06
N GLY E 557 -18.92 -12.97 3.95
CA GLY E 557 -19.55 -14.25 3.97
C GLY E 557 -20.50 -14.43 5.13
N PHE E 558 -20.27 -13.73 6.24
CA PHE E 558 -20.93 -14.11 7.47
C PHE E 558 -21.80 -12.97 8.02
N PHE E 559 -22.24 -12.06 7.15
CA PHE E 559 -23.04 -10.90 7.52
C PHE E 559 -24.38 -11.29 8.15
N ARG E 560 -24.89 -12.49 7.81
CA ARG E 560 -26.09 -13.02 8.45
C ARG E 560 -25.80 -13.39 9.90
N ASN E 561 -24.61 -13.91 10.17
CA ASN E 561 -24.27 -14.37 11.51
C ASN E 561 -23.69 -13.22 12.34
N THR E 562 -24.56 -12.29 12.73
CA THR E 562 -24.11 -11.05 13.35
C THR E 562 -25.05 -10.71 14.51
N ALA E 563 -24.48 -10.09 15.54
CA ALA E 563 -25.25 -9.79 16.74
C ALA E 563 -24.76 -8.49 17.38
N ARG E 564 -25.63 -7.84 18.14
CA ARG E 564 -25.26 -6.57 18.81
C ARG E 564 -25.52 -6.69 20.30
N LYS E 565 -24.56 -6.33 21.13
CA LYS E 565 -24.72 -6.50 22.59
C LYS E 565 -25.88 -5.66 23.12
N ASP E 566 -26.71 -6.25 23.99
CA ASP E 566 -27.87 -5.56 24.59
C ASP E 566 -27.43 -4.88 25.89
N PRO E 567 -28.31 -4.12 26.56
CA PRO E 567 -27.96 -3.43 27.81
C PRO E 567 -27.40 -4.44 28.82
N GLY E 570 -27.11 -10.68 27.37
CA GLY E 570 -26.26 -11.19 26.30
C GLY E 570 -26.29 -10.33 25.05
N TYR E 571 -26.43 -10.97 23.89
CA TYR E 571 -26.42 -10.26 22.62
C TYR E 571 -27.71 -10.63 21.90
N LYS E 572 -28.11 -9.84 20.90
CA LYS E 572 -29.29 -10.14 20.10
C LYS E 572 -28.88 -10.19 18.64
N THR E 573 -29.34 -11.21 17.91
CA THR E 573 -29.01 -11.33 16.49
C THR E 573 -29.58 -10.17 15.70
N LEU E 574 -28.81 -9.65 14.75
CA LEU E 574 -29.27 -8.54 13.92
C LEU E 574 -30.55 -8.88 13.16
N THR E 575 -30.60 -10.03 12.50
CA THR E 575 -31.73 -10.40 11.66
C THR E 575 -33.01 -10.70 12.43
N GLU E 576 -33.06 -11.88 13.07
CA GLU E 576 -34.27 -12.36 13.72
C GLU E 576 -34.51 -11.72 15.08
N GLY E 577 -33.50 -11.09 15.66
CA GLY E 577 -33.59 -10.50 16.98
C GLY E 577 -33.42 -11.53 18.07
N THR E 578 -33.02 -12.74 17.71
CA THR E 578 -32.86 -13.84 18.66
C THR E 578 -31.80 -13.50 19.68
N PRO E 579 -31.93 -13.78 20.99
CA PRO E 579 -30.84 -13.54 21.98
C PRO E 579 -29.80 -14.66 21.82
N VAL E 580 -28.53 -14.31 21.54
CA VAL E 580 -27.42 -15.28 21.34
C VAL E 580 -26.41 -15.07 22.48
N TYR E 581 -25.97 -16.16 23.08
CA TYR E 581 -24.96 -16.07 24.15
C TYR E 581 -23.64 -16.60 23.55
N LEU E 582 -22.61 -15.81 23.85
CA LEU E 582 -21.16 -15.90 23.56
C LEU E 582 -20.63 -17.02 24.46
N HIS E 583 -19.77 -17.93 23.92
CA HIS E 583 -19.42 -19.22 24.51
C HIS E 583 -18.27 -19.03 25.47
N PRO E 584 -18.31 -19.57 26.72
CA PRO E 584 -17.20 -19.42 27.68
C PRO E 584 -15.77 -19.70 27.18
N SER E 585 -15.63 -20.48 26.11
CA SER E 585 -14.34 -20.75 25.50
C SER E 585 -13.84 -19.56 24.67
N SER E 586 -14.71 -18.61 24.36
CA SER E 586 -14.37 -17.53 23.43
C SER E 586 -13.34 -16.59 24.02
N ALA E 587 -12.42 -16.16 23.16
CA ALA E 587 -11.46 -15.12 23.52
C ALA E 587 -12.14 -13.79 23.83
N LEU E 588 -13.41 -13.62 23.47
CA LEU E 588 -14.16 -12.41 23.78
C LEU E 588 -15.01 -12.52 25.03
N PHE E 589 -14.90 -13.63 25.79
CA PHE E 589 -15.88 -13.95 26.83
C PHE E 589 -15.99 -12.83 27.88
N GLY E 590 -14.92 -12.56 28.60
CA GLY E 590 -15.03 -11.48 29.57
C GLY E 590 -14.95 -10.11 28.94
N LYS E 591 -14.51 -10.04 27.68
CA LYS E 591 -14.27 -8.81 26.95
C LYS E 591 -15.58 -8.16 26.52
N GLN E 592 -15.47 -6.90 26.15
CA GLN E 592 -16.58 -6.07 25.69
C GLN E 592 -16.47 -5.82 24.20
N ALA E 593 -17.60 -5.91 23.48
CA ALA E 593 -17.61 -5.73 22.03
C ALA E 593 -19.04 -5.52 21.58
N GLU E 594 -19.33 -4.36 20.98
CA GLU E 594 -20.72 -4.01 20.70
C GLU E 594 -21.26 -4.84 19.54
N TRP E 595 -20.49 -4.93 18.45
CA TRP E 595 -20.89 -5.65 17.25
C TRP E 595 -19.97 -6.84 17.05
N VAL E 596 -20.54 -8.04 16.90
CA VAL E 596 -19.76 -9.26 16.73
C VAL E 596 -20.27 -10.11 15.56
N LEU E 597 -19.36 -10.90 15.00
CA LEU E 597 -19.62 -11.82 13.90
C LEU E 597 -19.26 -13.22 14.39
N TYR E 598 -20.04 -14.23 14.00
CA TYR E 598 -19.77 -15.58 14.49
C TYR E 598 -19.84 -16.64 13.39
N HIS E 599 -19.17 -17.77 13.64
CA HIS E 599 -19.07 -18.84 12.65
C HIS E 599 -20.33 -19.68 12.63
N GLU E 600 -20.79 -20.07 13.82
CA GLU E 600 -21.94 -20.93 14.01
C GLU E 600 -22.72 -20.43 15.21
N LEU E 601 -23.97 -20.86 15.25
CA LEU E 601 -24.83 -20.69 16.40
C LEU E 601 -25.39 -22.03 16.82
N VAL E 602 -24.92 -22.56 17.95
CA VAL E 602 -25.32 -23.87 18.45
C VAL E 602 -26.00 -23.75 19.80
N LEU E 603 -27.17 -24.38 19.92
CA LEU E 603 -27.93 -24.38 21.16
C LEU E 603 -27.62 -25.69 21.86
N THR E 604 -26.88 -25.64 22.97
CA THR E 604 -26.85 -26.81 23.82
C THR E 604 -27.48 -26.49 25.16
N THR E 605 -26.71 -25.91 26.07
CA THR E 605 -27.30 -25.43 27.32
C THR E 605 -28.02 -24.11 27.08
N LYS E 606 -27.34 -23.25 26.33
CA LYS E 606 -27.77 -21.89 25.97
C LYS E 606 -27.56 -21.70 24.47
N GLU E 607 -28.20 -20.70 23.86
CA GLU E 607 -27.97 -20.42 22.45
C GLU E 607 -26.61 -19.74 22.36
N TYR E 608 -25.59 -20.51 21.98
CA TYR E 608 -24.19 -20.08 22.03
C TYR E 608 -23.60 -19.77 20.67
N MET E 609 -22.85 -18.67 20.60
CA MET E 609 -22.11 -18.32 19.40
C MET E 609 -20.74 -18.97 19.49
N HIS E 610 -20.31 -19.57 18.39
CA HIS E 610 -19.02 -20.26 18.33
C HIS E 610 -18.13 -19.54 17.33
N PHE E 611 -16.84 -19.40 17.67
CA PHE E 611 -15.84 -18.71 16.84
C PHE E 611 -16.30 -17.28 16.53
N THR E 612 -16.30 -16.48 17.58
CA THR E 612 -16.86 -15.12 17.59
C THR E 612 -15.78 -14.05 17.56
N THR E 613 -15.94 -13.09 16.65
CA THR E 613 -14.99 -12.00 16.43
C THR E 613 -15.73 -10.67 16.41
N ALA E 614 -15.11 -9.66 17.01
CA ALA E 614 -15.62 -8.30 17.04
C ALA E 614 -15.49 -7.60 15.70
N ILE E 615 -16.54 -6.85 15.33
CA ILE E 615 -16.59 -6.11 14.08
C ILE E 615 -17.12 -4.70 14.32
N GLU E 616 -17.02 -3.89 13.27
CA GLU E 616 -17.47 -2.52 13.13
C GLU E 616 -18.55 -2.47 12.05
N PRO E 617 -19.71 -1.86 12.34
CA PRO E 617 -20.86 -1.89 11.41
C PRO E 617 -20.60 -1.37 10.00
N LYS E 618 -19.70 -0.40 9.80
CA LYS E 618 -19.27 0.03 8.47
C LYS E 618 -18.98 -1.15 7.53
N TRP E 619 -18.40 -2.21 8.09
CA TRP E 619 -17.92 -3.33 7.30
C TRP E 619 -19.08 -4.17 6.77
N LEU E 620 -20.21 -4.15 7.47
CA LEU E 620 -21.39 -4.91 7.06
C LEU E 620 -22.05 -4.30 5.82
N VAL E 621 -22.24 -2.99 5.81
CA VAL E 621 -22.84 -2.30 4.68
C VAL E 621 -21.84 -2.26 3.53
N GLU E 622 -20.54 -2.19 3.84
CA GLU E 622 -19.49 -2.31 2.82
C GLU E 622 -19.59 -3.65 2.11
N ALA E 623 -19.66 -4.74 2.88
CA ALA E 623 -19.48 -6.07 2.32
C ALA E 623 -20.78 -6.66 1.80
N ALA E 624 -21.93 -6.20 2.32
CA ALA E 624 -23.24 -6.69 1.89
C ALA E 624 -24.18 -5.52 1.70
N PRO E 625 -24.00 -4.74 0.62
CA PRO E 625 -24.69 -3.44 0.50
C PRO E 625 -26.19 -3.58 0.32
N THR E 626 -26.59 -4.60 -0.42
CA THR E 626 -28.00 -4.84 -0.75
C THR E 626 -28.79 -5.27 0.48
N PHE E 627 -28.16 -6.00 1.40
CA PHE E 627 -28.90 -6.68 2.45
C PHE E 627 -28.86 -5.95 3.78
N PHE E 628 -28.12 -4.85 3.88
CA PHE E 628 -28.12 -4.01 5.07
C PHE E 628 -28.56 -2.61 4.66
N LYS E 629 -29.72 -2.21 5.17
CA LYS E 629 -30.37 -0.92 4.93
C LYS E 629 -29.79 0.12 5.89
N LEU E 630 -29.95 1.40 5.54
CA LEU E 630 -29.46 2.48 6.37
C LEU E 630 -30.60 3.45 6.65
N ALA E 631 -30.75 3.89 7.89
CA ALA E 631 -31.82 4.81 8.25
C ALA E 631 -31.43 5.59 9.50
N PRO E 632 -31.91 6.85 9.64
CA PRO E 632 -31.90 7.55 10.93
C PRO E 632 -32.98 7.09 11.90
N ASN G 2 0.66 69.92 5.61
CA ASN G 2 -0.06 70.64 6.64
C ASN G 2 -0.94 71.76 6.09
N MET G 3 -1.20 71.73 4.78
CA MET G 3 -1.94 72.78 4.11
C MET G 3 -3.33 72.27 3.73
N SER G 4 -4.37 72.97 4.20
CA SER G 4 -5.79 72.69 3.98
C SER G 4 -6.25 71.41 4.66
N ILE G 5 -5.51 70.94 5.67
CA ILE G 5 -5.88 69.73 6.40
C ILE G 5 -6.76 70.10 7.60
N LYS G 6 -6.33 71.09 8.40
CA LYS G 6 -7.09 71.60 9.53
C LYS G 6 -8.45 72.10 9.04
N GLU G 7 -8.43 72.89 7.96
CA GLU G 7 -9.62 73.48 7.36
C GLU G 7 -10.70 72.43 7.10
N GLN G 8 -10.33 71.34 6.37
CA GLN G 8 -11.27 70.26 6.04
C GLN G 8 -11.90 69.74 7.31
N ARG G 9 -11.02 69.38 8.27
CA ARG G 9 -11.39 68.84 9.56
C ARG G 9 -12.41 69.74 10.26
N GLU G 10 -12.14 71.04 10.27
CA GLU G 10 -13.01 72.00 10.95
C GLU G 10 -14.20 72.42 10.12
N SER G 11 -14.25 72.01 8.84
CA SER G 11 -15.34 72.34 7.94
C SER G 11 -16.46 71.32 8.03
N LEU G 12 -16.27 70.26 8.80
CA LEU G 12 -17.24 69.21 9.00
C LEU G 12 -18.28 69.71 10.00
N PRO G 13 -19.55 69.30 9.83
CA PRO G 13 -20.60 69.75 10.75
C PRO G 13 -20.44 69.23 12.17
N VAL G 14 -19.58 68.24 12.39
CA VAL G 14 -19.40 67.66 13.70
C VAL G 14 -18.50 68.54 14.56
N PHE G 15 -17.67 69.39 13.94
CA PHE G 15 -16.83 70.34 14.66
C PHE G 15 -17.66 71.29 15.52
N GLN G 16 -18.83 71.67 15.00
CA GLN G 16 -19.75 72.58 15.69
C GLN G 16 -20.27 71.97 16.97
N PHE G 17 -20.25 70.64 17.07
CA PHE G 17 -20.79 69.91 18.19
C PHE G 17 -19.70 69.22 19.00
N ARG G 18 -18.42 69.55 18.76
CA ARG G 18 -17.26 68.87 19.36
C ARG G 18 -17.28 68.92 20.88
N ASP G 19 -17.51 70.10 21.47
CA ASP G 19 -17.52 70.21 22.92
C ASP G 19 -18.68 69.39 23.50
N GLN G 20 -19.83 69.49 22.85
CA GLN G 20 -21.05 68.79 23.27
C GLN G 20 -20.87 67.28 23.24
N ILE G 21 -20.21 66.76 22.18
CA ILE G 21 -19.98 65.31 22.07
C ILE G 21 -19.15 64.80 23.24
N ILE G 22 -18.00 65.45 23.48
CA ILE G 22 -17.07 65.05 24.53
C ILE G 22 -17.77 65.03 25.89
N GLN G 23 -18.63 66.02 26.12
CA GLN G 23 -19.34 66.09 27.39
C GLN G 23 -20.40 64.99 27.48
N ALA G 24 -21.12 64.75 26.38
CA ALA G 24 -22.12 63.68 26.33
C ALA G 24 -21.47 62.33 26.60
N VAL G 25 -20.27 62.12 26.06
CA VAL G 25 -19.55 60.86 26.27
C VAL G 25 -19.13 60.77 27.73
N LYS G 26 -18.61 61.87 28.30
CA LYS G 26 -18.25 61.90 29.71
C LYS G 26 -19.47 61.64 30.59
N ASP G 27 -20.61 62.23 30.24
CA ASP G 27 -21.81 62.20 31.08
C ASP G 27 -22.47 60.82 31.11
N ASN G 28 -22.58 60.15 29.96
CA ASN G 28 -23.22 58.83 29.91
C ASN G 28 -22.23 57.74 29.54
N GLN G 29 -22.52 56.52 29.98
CA GLN G 29 -21.64 55.40 29.65
C GLN G 29 -21.99 54.80 28.30
N ILE G 30 -23.27 54.72 27.94
CA ILE G 30 -23.64 54.35 26.59
C ILE G 30 -24.35 55.55 25.96
N LEU G 31 -24.08 55.80 24.68
CA LEU G 31 -24.66 56.93 23.97
C LEU G 31 -24.98 56.58 22.53
N ILE G 32 -26.22 56.80 22.10
CA ILE G 32 -26.56 56.68 20.69
C ILE G 32 -26.19 57.96 19.96
N VAL G 33 -25.40 57.83 18.91
CA VAL G 33 -25.00 58.97 18.08
C VAL G 33 -25.66 58.79 16.73
N VAL G 34 -26.53 59.72 16.34
CA VAL G 34 -27.14 59.65 15.03
C VAL G 34 -26.38 60.61 14.15
N GLY G 35 -25.61 60.06 13.21
CA GLY G 35 -24.90 60.93 12.31
C GLY G 35 -25.37 60.75 10.88
N GLU G 36 -25.93 61.80 10.30
CA GLU G 36 -26.41 61.75 8.93
C GLU G 36 -25.19 61.75 8.01
N THR G 37 -25.37 61.25 6.78
CA THR G 37 -24.25 61.12 5.85
C THR G 37 -23.58 62.49 5.65
N GLY G 38 -22.24 62.51 5.73
CA GLY G 38 -21.49 63.74 5.60
C GLY G 38 -21.20 64.43 6.91
N SER G 39 -21.69 63.90 8.04
CA SER G 39 -21.46 64.47 9.36
C SER G 39 -19.99 64.47 9.72
N GLY G 40 -19.30 63.39 9.40
CA GLY G 40 -17.90 63.29 9.73
C GLY G 40 -17.64 62.67 11.08
N LYS G 41 -18.65 62.04 11.68
CA LYS G 41 -18.54 61.39 12.98
C LYS G 41 -17.49 60.28 12.97
N THR G 42 -17.41 59.51 11.88
CA THR G 42 -16.52 58.37 11.79
C THR G 42 -15.05 58.74 11.95
N THR G 43 -14.62 59.81 11.30
CA THR G 43 -13.22 60.21 11.40
C THR G 43 -12.93 61.08 12.61
N GLN G 44 -13.92 61.82 13.10
CA GLN G 44 -13.67 62.91 14.04
C GLN G 44 -13.87 62.54 15.49
N VAL G 45 -14.98 61.85 15.81
CA VAL G 45 -15.35 61.55 17.20
C VAL G 45 -14.22 60.78 17.88
N THR G 46 -13.59 59.90 17.12
CA THR G 46 -12.49 59.09 17.63
C THR G 46 -11.35 60.00 18.08
N GLN G 47 -11.01 60.99 17.25
CA GLN G 47 -9.93 61.92 17.56
C GLN G 47 -10.30 62.81 18.74
N TYR G 48 -11.54 63.34 18.73
CA TYR G 48 -12.05 64.25 19.77
C TYR G 48 -11.88 63.63 21.15
N LEU G 49 -12.23 62.36 21.30
CA LEU G 49 -12.12 61.69 22.58
C LEU G 49 -10.66 61.47 22.95
N ALA G 50 -9.82 61.19 21.95
CA ALA G 50 -8.38 61.04 22.15
C ALA G 50 -7.78 62.37 22.59
N GLU G 51 -8.15 63.45 21.89
CA GLU G 51 -7.77 64.81 22.22
C GLU G 51 -8.16 65.13 23.66
N ALA G 52 -9.35 64.71 24.07
CA ALA G 52 -9.92 64.99 25.38
C ALA G 52 -9.46 64.01 26.45
N GLY G 53 -8.38 63.27 26.20
CA GLY G 53 -7.76 62.41 27.18
C GLY G 53 -8.40 61.06 27.42
N PHE G 54 -9.35 60.64 26.58
CA PHE G 54 -9.97 59.33 26.79
C PHE G 54 -9.00 58.19 26.49
N THR G 55 -7.99 58.42 25.64
CA THR G 55 -6.97 57.38 25.45
C THR G 55 -5.88 57.51 26.48
N LYS G 56 -6.22 57.31 27.74
CA LYS G 56 -5.20 57.42 28.76
C LYS G 56 -4.89 56.05 29.35
N TYR G 57 -5.92 55.34 29.76
CA TYR G 57 -5.73 54.02 30.33
C TYR G 57 -6.05 52.92 29.33
N GLY G 58 -6.55 53.28 28.14
CA GLY G 58 -6.96 52.30 27.16
C GLY G 58 -7.06 52.90 25.78
N MET G 59 -7.31 52.02 24.80
CA MET G 59 -7.45 52.41 23.40
C MET G 59 -8.89 52.82 23.11
N ILE G 60 -9.07 53.58 22.03
CA ILE G 60 -10.39 53.81 21.46
C ILE G 60 -10.56 52.89 20.26
N GLY G 61 -11.50 51.96 20.37
CA GLY G 61 -11.81 51.05 19.27
C GLY G 61 -13.08 51.47 18.55
N CYS G 62 -13.02 51.47 17.22
CA CYS G 62 -14.20 51.76 16.41
C CYS G 62 -14.41 50.66 15.39
N THR G 63 -15.60 50.05 15.41
CA THR G 63 -15.93 48.98 14.47
C THR G 63 -16.36 49.54 13.13
N GLN G 64 -16.13 48.78 12.07
CA GLN G 64 -16.74 49.03 10.79
C GLN G 64 -17.26 47.71 10.23
N PRO G 65 -18.42 47.72 9.57
CA PRO G 65 -18.95 46.47 9.01
C PRO G 65 -18.20 45.97 7.79
N ARG G 66 -17.36 46.78 7.17
CA ARG G 66 -16.59 46.42 5.98
C ARG G 66 -15.10 46.59 6.25
N ARG G 67 -14.30 45.72 5.62
CA ARG G 67 -12.85 45.80 5.79
C ARG G 67 -12.31 47.05 5.11
N VAL G 68 -12.81 47.34 3.90
CA VAL G 68 -12.38 48.50 3.11
C VAL G 68 -12.63 49.78 3.91
N ALA G 69 -13.76 49.85 4.60
CA ALA G 69 -14.10 51.03 5.39
C ALA G 69 -13.13 51.20 6.55
N ALA G 70 -12.75 50.08 7.17
CA ALA G 70 -11.83 50.09 8.29
C ALA G 70 -10.47 50.62 7.88
N VAL G 71 -9.99 50.25 6.69
CA VAL G 71 -8.66 50.69 6.25
C VAL G 71 -8.71 52.13 5.74
N SER G 72 -9.76 52.49 4.96
CA SER G 72 -9.98 53.86 4.49
C SER G 72 -9.93 54.87 5.63
N VAL G 73 -10.75 54.64 6.66
CA VAL G 73 -10.94 55.61 7.72
C VAL G 73 -9.67 55.70 8.57
N ALA G 74 -9.03 54.55 8.84
CA ALA G 74 -7.76 54.52 9.56
C ALA G 74 -6.70 55.28 8.80
N LYS G 75 -6.72 55.18 7.47
CA LYS G 75 -5.77 55.88 6.62
C LYS G 75 -5.97 57.39 6.75
N ARG G 76 -7.24 57.82 6.69
CA ARG G 76 -7.58 59.25 6.78
C ARG G 76 -7.30 59.81 8.17
N VAL G 77 -7.67 59.07 9.23
CA VAL G 77 -7.48 59.52 10.61
C VAL G 77 -5.98 59.69 10.88
N ALA G 78 -5.18 58.72 10.41
CA ALA G 78 -3.72 58.76 10.55
C ALA G 78 -3.18 60.04 9.90
N GLU G 79 -3.67 60.35 8.69
CA GLU G 79 -3.23 61.52 7.95
C GLU G 79 -3.64 62.79 8.70
N GLU G 80 -4.88 62.84 9.19
CA GLU G 80 -5.36 64.00 9.95
C GLU G 80 -4.61 64.18 11.26
N VAL G 81 -4.21 63.08 11.92
CA VAL G 81 -3.45 63.21 13.17
C VAL G 81 -1.97 63.38 12.89
N GLY G 82 -1.53 63.10 11.67
CA GLY G 82 -0.16 63.31 11.25
C GLY G 82 0.84 62.29 11.73
N CYS G 83 0.38 61.10 12.09
CA CYS G 83 1.25 59.99 12.46
C CYS G 83 1.30 58.98 11.32
N GLN G 84 2.22 58.03 11.44
CA GLN G 84 2.33 56.96 10.46
C GLN G 84 1.25 55.94 10.77
N LEU G 85 0.67 55.36 9.71
CA LEU G 85 -0.38 54.36 9.89
C LEU G 85 0.18 53.18 10.66
N GLY G 86 -0.58 52.69 11.62
CA GLY G 86 -0.15 51.58 12.41
C GLY G 86 0.53 51.99 13.69
N GLN G 87 0.89 53.27 13.82
CA GLN G 87 1.53 53.81 15.02
C GLN G 87 0.40 54.30 15.90
N GLU G 88 0.29 55.62 16.14
CA GLU G 88 -0.80 56.17 16.98
C GLU G 88 -2.16 55.71 16.48
N VAL G 89 -2.41 55.83 15.18
CA VAL G 89 -3.68 55.41 14.60
C VAL G 89 -3.39 54.17 13.77
N GLY G 90 -4.16 53.11 13.99
CA GLY G 90 -3.97 51.87 13.26
C GLY G 90 -5.29 51.14 13.07
N TYR G 91 -5.24 50.05 12.30
CA TYR G 91 -6.43 49.26 12.05
C TYR G 91 -6.14 47.77 12.21
N THR G 92 -7.19 46.98 12.41
CA THR G 92 -7.05 45.54 12.57
C THR G 92 -8.20 44.81 11.88
N ILE G 93 -7.90 44.05 10.84
CA ILE G 93 -8.88 43.28 10.10
C ILE G 93 -8.31 41.86 9.91
N ARG G 94 -9.09 41.00 9.27
CA ARG G 94 -8.63 39.62 9.03
C ARG G 94 -7.43 39.64 8.10
N PHE G 95 -6.34 39.00 8.53
CA PHE G 95 -5.04 38.81 7.87
C PHE G 95 -4.18 40.08 7.91
N GLU G 96 -4.63 41.17 8.54
CA GLU G 96 -3.89 42.45 8.61
C GLU G 96 -4.09 43.16 9.95
N ASP G 97 -3.08 43.05 10.82
CA ASP G 97 -3.07 43.70 12.13
C ASP G 97 -2.08 44.87 12.12
N VAL G 98 -2.47 45.96 11.46
CA VAL G 98 -1.64 47.16 11.34
C VAL G 98 -1.78 48.03 12.59
N THR G 99 -1.24 47.54 13.72
CA THR G 99 -1.26 48.27 14.99
C THR G 99 0.08 48.08 15.69
N SER G 100 0.27 48.81 16.80
CA SER G 100 1.52 48.73 17.54
C SER G 100 1.29 48.93 19.05
N PRO G 101 2.33 48.99 19.92
CA PRO G 101 2.08 49.22 21.35
C PRO G 101 1.67 50.64 21.66
N ALA G 102 1.96 51.59 20.76
CA ALA G 102 1.61 52.99 20.94
C ALA G 102 0.28 53.33 20.30
N THR G 103 -0.42 52.33 19.77
CA THR G 103 -1.71 52.54 19.12
C THR G 103 -2.75 52.99 20.13
N LYS G 104 -3.38 54.13 19.88
CA LYS G 104 -4.39 54.67 20.76
C LYS G 104 -5.76 54.76 20.12
N ILE G 105 -5.82 54.89 18.79
CA ILE G 105 -7.05 54.82 18.01
C ILE G 105 -6.99 53.61 17.10
N LYS G 106 -8.00 52.75 17.17
CA LYS G 106 -7.97 51.47 16.49
C LYS G 106 -9.28 51.22 15.73
N TYR G 107 -9.25 51.32 14.42
CA TYR G 107 -10.39 50.96 13.60
C TYR G 107 -10.36 49.46 13.32
N MET G 108 -11.53 48.83 13.28
CA MET G 108 -11.56 47.38 13.14
C MET G 108 -12.88 46.95 12.51
N THR G 109 -12.91 45.71 12.06
CA THR G 109 -14.17 45.13 11.62
C THR G 109 -14.92 44.66 12.85
N ASP G 110 -16.26 44.79 12.81
CA ASP G 110 -17.10 44.24 13.89
C ASP G 110 -16.73 42.81 14.21
N GLY G 111 -16.59 41.97 13.17
CA GLY G 111 -16.11 40.60 13.24
C GLY G 111 -14.88 40.45 14.12
N MET G 112 -13.94 41.36 13.95
CA MET G 112 -12.65 41.36 14.71
C MET G 112 -12.94 41.54 16.20
N LEU G 113 -13.83 42.46 16.54
CA LEU G 113 -14.16 42.70 17.96
C LEU G 113 -14.82 41.47 18.56
N GLN G 114 -15.64 40.76 17.81
CA GLN G 114 -16.36 39.57 18.35
C GLN G 114 -15.31 38.55 18.80
N ARG G 115 -14.31 38.32 17.97
CA ARG G 115 -13.21 37.37 18.28
C ARG G 115 -12.45 37.90 19.49
N GLU G 116 -12.21 39.20 19.51
CA GLU G 116 -11.45 39.79 20.63
C GLU G 116 -12.23 39.61 21.93
N ILE G 117 -13.54 39.80 21.90
CA ILE G 117 -14.42 39.68 23.10
C ILE G 117 -14.46 38.24 23.57
N LEU G 118 -14.37 37.28 22.66
CA LEU G 118 -14.32 35.87 23.11
C LEU G 118 -13.07 35.67 23.94
N MET G 119 -11.92 36.19 23.51
CA MET G 119 -10.69 35.96 24.31
C MET G 119 -10.54 36.88 25.54
N ASP G 120 -11.29 37.98 25.65
CA ASP G 120 -11.23 38.99 26.70
C ASP G 120 -12.60 39.65 26.85
N PRO G 121 -13.55 38.97 27.52
CA PRO G 121 -14.94 39.46 27.59
C PRO G 121 -15.11 40.83 28.23
N ASP G 122 -14.12 41.31 28.96
CA ASP G 122 -14.16 42.61 29.59
C ASP G 122 -13.58 43.71 28.70
N LEU G 123 -12.86 43.34 27.64
CA LEU G 123 -12.15 44.29 26.76
C LEU G 123 -11.35 45.29 27.58
N LYS G 124 -10.38 44.74 28.31
CA LYS G 124 -9.53 45.52 29.19
C LYS G 124 -8.61 46.44 28.41
N ARG G 125 -8.36 46.12 27.13
CA ARG G 125 -7.42 46.89 26.32
C ARG G 125 -8.05 48.19 25.83
N TYR G 126 -9.37 48.35 25.96
CA TYR G 126 -10.09 49.48 25.40
C TYR G 126 -10.73 50.35 26.46
N SER G 127 -10.59 51.67 26.30
CA SER G 127 -11.25 52.61 27.20
C SER G 127 -12.59 53.07 26.64
N VAL G 128 -12.73 53.09 25.30
CA VAL G 128 -13.95 53.51 24.62
C VAL G 128 -14.14 52.58 23.41
N ILE G 129 -15.37 52.11 23.19
CA ILE G 129 -15.73 51.32 22.02
C ILE G 129 -16.82 52.06 21.25
N MET G 130 -16.63 52.23 19.94
CA MET G 130 -17.62 52.90 19.11
C MET G 130 -18.10 51.92 18.05
N LEU G 131 -19.41 51.68 18.00
CA LEU G 131 -19.97 50.78 16.99
C LEU G 131 -20.48 51.62 15.82
N ASP G 132 -19.72 51.65 14.73
CA ASP G 132 -20.05 52.53 13.63
C ASP G 132 -20.83 51.76 12.56
N GLU G 133 -21.61 52.54 11.79
CA GLU G 133 -22.48 52.06 10.70
C GLU G 133 -23.36 50.90 11.18
N ALA G 134 -23.87 51.05 12.40
CA ALA G 134 -24.63 49.98 13.06
C ALA G 134 -26.00 49.81 12.45
N HIS G 135 -26.48 50.78 11.67
CA HIS G 135 -27.75 50.67 10.97
C HIS G 135 -27.74 49.57 9.92
N GLU G 136 -26.56 49.13 9.48
CA GLU G 136 -26.45 48.04 8.51
C GLU G 136 -26.83 46.70 9.12
N ARG G 137 -26.68 46.55 10.44
CA ARG G 137 -27.21 45.42 11.22
C ARG G 137 -26.67 44.08 10.74
N THR G 138 -25.34 44.02 10.61
CA THR G 138 -24.63 42.78 10.46
C THR G 138 -24.77 41.95 11.73
N ILE G 139 -24.59 40.63 11.56
CA ILE G 139 -24.71 39.69 12.68
C ILE G 139 -23.72 40.06 13.78
N ALA G 140 -22.50 40.45 13.40
CA ALA G 140 -21.46 40.80 14.36
C ALA G 140 -21.85 42.03 15.17
N THR G 141 -22.40 43.06 14.51
CA THR G 141 -22.88 44.26 15.22
C THR G 141 -24.02 43.91 16.16
N ASP G 142 -24.98 43.10 15.70
CA ASP G 142 -26.14 42.73 16.51
C ASP G 142 -25.69 41.97 17.75
N VAL G 143 -24.72 41.07 17.58
CA VAL G 143 -24.17 40.28 18.67
C VAL G 143 -23.43 41.20 19.64
N LEU G 144 -22.72 42.20 19.08
CA LEU G 144 -21.95 43.14 19.89
C LEU G 144 -22.85 44.03 20.71
N PHE G 145 -24.04 44.38 20.20
CA PHE G 145 -25.05 45.13 20.95
C PHE G 145 -25.30 44.48 22.30
N ALA G 146 -25.65 43.20 22.27
CA ALA G 146 -25.95 42.44 23.47
C ALA G 146 -24.71 42.27 24.35
N LEU G 147 -23.62 41.73 23.78
CA LEU G 147 -22.37 41.46 24.49
C LEU G 147 -21.86 42.70 25.24
N LEU G 148 -21.84 43.86 24.56
CA LEU G 148 -21.33 45.09 25.15
C LEU G 148 -22.23 45.53 26.29
N LYS G 149 -23.56 45.44 26.07
CA LYS G 149 -24.56 45.85 27.06
C LYS G 149 -24.26 45.14 28.38
N LYS G 150 -24.01 43.82 28.30
CA LYS G 150 -23.72 43.05 29.50
C LYS G 150 -22.33 43.39 30.01
N THR G 151 -21.42 43.76 29.09
CA THR G 151 -20.04 44.09 29.46
C THR G 151 -19.96 45.38 30.25
N VAL G 152 -20.81 46.36 29.89
CA VAL G 152 -20.83 47.66 30.57
C VAL G 152 -21.16 47.49 32.05
N LYS G 153 -22.06 46.54 32.35
CA LYS G 153 -22.48 46.26 33.72
C LYS G 153 -21.27 45.84 34.56
N ARG G 154 -20.46 44.94 34.00
CA ARG G 154 -19.23 44.45 34.63
C ARG G 154 -18.14 45.51 34.68
N ARG G 155 -18.00 46.34 33.65
CA ARG G 155 -16.92 47.33 33.61
C ARG G 155 -17.47 48.75 33.56
N PRO G 156 -17.42 49.49 34.69
CA PRO G 156 -17.92 50.88 34.71
C PRO G 156 -17.13 51.90 33.92
N ASP G 157 -15.80 51.81 33.88
CA ASP G 157 -14.99 52.82 33.20
C ASP G 157 -15.13 52.77 31.68
N LEU G 158 -15.64 51.68 31.13
CA LEU G 158 -15.82 51.53 29.69
C LEU G 158 -16.91 52.46 29.17
N LYS G 159 -16.66 53.07 28.01
CA LYS G 159 -17.61 53.95 27.34
C LYS G 159 -17.98 53.32 26.01
N VAL G 160 -19.28 53.24 25.72
CA VAL G 160 -19.77 52.64 24.48
C VAL G 160 -20.58 53.66 23.70
N ILE G 161 -20.29 53.80 22.40
CA ILE G 161 -21.00 54.72 21.51
C ILE G 161 -21.61 53.87 20.40
N VAL G 162 -22.92 54.01 20.17
CA VAL G 162 -23.57 53.22 19.12
C VAL G 162 -24.14 54.16 18.07
N THR G 163 -23.77 53.96 16.81
CA THR G 163 -24.35 54.80 15.79
C THR G 163 -25.74 54.27 15.42
N SER G 164 -26.60 55.14 14.89
CA SER G 164 -27.92 54.67 14.50
C SER G 164 -28.53 55.49 13.38
N ALA G 165 -29.44 54.86 12.66
CA ALA G 165 -30.28 55.58 11.70
C ALA G 165 -31.27 56.40 12.52
N THR G 166 -31.80 57.47 11.92
CA THR G 166 -32.69 58.36 12.68
C THR G 166 -33.94 57.62 13.17
N LEU G 167 -34.51 56.74 12.33
CA LEU G 167 -35.75 56.03 12.66
C LEU G 167 -35.59 55.10 13.87
N ASP G 168 -34.46 54.41 13.95
CA ASP G 168 -34.26 53.39 14.96
C ASP G 168 -33.55 53.93 16.19
N ALA G 169 -33.30 55.24 16.24
CA ALA G 169 -32.60 55.85 17.37
C ALA G 169 -33.39 55.63 18.65
N GLU G 170 -34.72 55.77 18.59
CA GLU G 170 -35.54 55.57 19.78
C GLU G 170 -35.40 54.11 20.21
N LYS G 171 -35.54 53.21 19.24
CA LYS G 171 -35.47 51.76 19.45
C LYS G 171 -34.13 51.37 20.06
N PHE G 172 -33.04 51.95 19.53
CA PHE G 172 -31.70 51.74 20.07
C PHE G 172 -31.62 52.23 21.50
N SER G 173 -32.14 53.45 21.75
CA SER G 173 -32.12 54.06 23.08
C SER G 173 -32.78 53.15 24.09
N GLU G 174 -34.01 52.71 23.79
CA GLU G 174 -34.79 51.86 24.69
C GLU G 174 -34.05 50.57 25.02
N TYR G 175 -33.38 50.00 24.01
CA TYR G 175 -32.58 48.81 24.23
C TYR G 175 -31.36 49.12 25.10
N PHE G 176 -30.65 50.19 24.81
CA PHE G 176 -29.47 50.51 25.60
C PHE G 176 -29.82 51.38 26.81
N ASN G 177 -30.72 50.87 27.65
CA ASN G 177 -30.99 51.40 28.99
C ASN G 177 -31.59 52.81 28.97
N SER G 178 -32.34 53.14 27.90
CA SER G 178 -32.99 54.45 27.69
C SER G 178 -32.01 55.62 27.86
N CYS G 179 -30.84 55.49 27.24
CA CYS G 179 -29.78 56.50 27.34
C CYS G 179 -29.97 57.58 26.26
N PRO G 180 -29.27 58.73 26.37
CA PRO G 180 -29.49 59.84 25.42
C PRO G 180 -29.11 59.58 23.96
N ILE G 181 -29.78 60.29 23.06
CA ILE G 181 -29.50 60.19 21.63
C ILE G 181 -28.88 61.50 21.19
N PHE G 182 -27.71 61.44 20.59
CA PHE G 182 -27.01 62.64 20.11
C PHE G 182 -27.12 62.73 18.59
N THR G 183 -27.70 63.81 18.07
CA THR G 183 -27.91 63.96 16.64
C THR G 183 -26.92 64.99 16.08
N ILE G 184 -26.27 64.63 14.98
CA ILE G 184 -25.32 65.49 14.28
C ILE G 184 -25.84 65.77 12.89
N PRO G 185 -25.96 67.02 12.46
CA PRO G 185 -26.42 67.33 11.10
C PRO G 185 -25.35 66.99 10.07
N GLY G 186 -25.77 66.66 8.85
CA GLY G 186 -24.84 66.25 7.81
C GLY G 186 -25.04 66.92 6.46
N ARG G 187 -23.91 67.24 5.81
CA ARG G 187 -23.89 67.80 4.45
C ARG G 187 -23.97 66.70 3.41
N THR G 188 -24.98 66.81 2.53
CA THR G 188 -25.19 65.93 1.38
C THR G 188 -25.78 66.80 0.29
N PHE G 189 -25.37 66.56 -0.95
CA PHE G 189 -25.97 67.31 -2.03
C PHE G 189 -27.41 66.85 -2.21
N PRO G 190 -28.34 67.75 -2.51
CA PRO G 190 -29.74 67.34 -2.69
C PRO G 190 -29.94 66.45 -3.91
N VAL G 191 -30.82 65.48 -3.76
CA VAL G 191 -31.14 64.57 -4.89
C VAL G 191 -32.63 64.68 -5.14
N GLU G 192 -33.02 65.07 -6.36
CA GLU G 192 -34.47 65.14 -6.70
C GLU G 192 -34.93 63.69 -6.89
N ILE G 193 -36.06 63.32 -6.27
CA ILE G 193 -36.53 61.91 -6.40
C ILE G 193 -37.79 61.93 -7.24
N LEU G 194 -37.81 61.16 -8.32
CA LEU G 194 -39.00 61.17 -9.20
C LEU G 194 -39.60 59.77 -9.27
N TYR G 195 -40.86 59.64 -8.85
CA TYR G 195 -41.60 58.37 -8.87
C TYR G 195 -42.32 58.22 -10.21
N SER G 196 -43.04 57.12 -10.38
CA SER G 196 -43.80 56.86 -11.62
C SER G 196 -45.30 56.90 -11.29
N ARG G 197 -46.10 57.56 -12.12
CA ARG G 197 -47.56 57.65 -11.80
C ARG G 197 -48.16 56.25 -11.80
N GLU G 198 -47.80 55.43 -12.78
CA GLU G 198 -48.37 54.08 -12.90
C GLU G 198 -47.26 53.05 -12.66
N PRO G 199 -47.49 52.03 -11.82
CA PRO G 199 -46.47 51.03 -11.47
C PRO G 199 -45.93 50.29 -12.70
N GLU G 200 -44.65 49.92 -12.67
CA GLU G 200 -44.04 49.37 -13.86
C GLU G 200 -44.19 47.85 -13.85
N PRO G 201 -44.84 47.25 -14.86
CA PRO G 201 -45.02 45.79 -14.88
C PRO G 201 -43.73 45.01 -14.95
N ASP G 202 -42.80 45.46 -15.78
CA ASP G 202 -41.50 44.83 -15.99
C ASP G 202 -40.42 45.79 -15.53
N TYR G 203 -39.74 45.42 -14.44
CA TYR G 203 -38.78 46.32 -13.81
C TYR G 203 -37.51 46.42 -14.66
N LEU G 204 -37.17 45.35 -15.39
CA LEU G 204 -35.98 45.34 -16.23
C LEU G 204 -36.18 46.29 -17.42
N GLU G 205 -37.34 46.17 -18.08
CA GLU G 205 -37.66 46.97 -19.26
C GLU G 205 -37.71 48.44 -18.88
N ALA G 206 -38.41 48.75 -17.78
CA ALA G 206 -38.58 50.11 -17.28
C ALA G 206 -37.22 50.75 -17.00
N ALA G 207 -36.29 49.95 -16.48
CA ALA G 207 -34.97 50.44 -16.14
C ALA G 207 -34.19 50.77 -17.41
N LEU G 208 -34.31 49.92 -18.43
CA LEU G 208 -33.64 50.15 -19.71
C LEU G 208 -34.22 51.39 -20.39
N THR G 209 -35.54 51.53 -20.38
CA THR G 209 -36.21 52.67 -21.01
C THR G 209 -35.81 53.96 -20.30
N THR G 210 -35.73 53.92 -18.96
CA THR G 210 -35.36 55.09 -18.17
C THR G 210 -33.93 55.51 -18.48
N VAL G 211 -33.02 54.55 -18.61
CA VAL G 211 -31.62 54.84 -18.91
C VAL G 211 -31.51 55.54 -20.26
N MET G 212 -32.25 55.03 -21.25
CA MET G 212 -32.35 55.71 -22.54
C MET G 212 -32.88 57.12 -22.40
N GLN G 213 -33.96 57.29 -21.62
CA GLN G 213 -34.58 58.60 -21.46
C GLN G 213 -33.61 59.60 -20.84
N ILE G 214 -32.90 59.17 -19.79
CA ILE G 214 -31.91 60.02 -19.13
C ILE G 214 -30.84 60.46 -20.11
N HIS G 215 -30.24 59.51 -20.84
CA HIS G 215 -29.13 59.83 -21.72
C HIS G 215 -29.55 60.81 -22.82
N LEU G 216 -30.69 60.52 -23.44
CA LEU G 216 -31.20 61.33 -24.54
C LEU G 216 -31.67 62.72 -24.13
N THR G 217 -32.34 62.83 -22.97
CA THR G 217 -32.96 64.10 -22.59
C THR G 217 -32.49 64.79 -21.32
N GLU G 218 -31.45 64.33 -20.64
CA GLU G 218 -31.09 65.01 -19.41
C GLU G 218 -29.70 65.63 -19.50
N PRO G 219 -29.42 66.67 -18.72
CA PRO G 219 -28.07 67.30 -18.71
C PRO G 219 -26.98 66.34 -18.27
N PRO G 220 -25.65 66.68 -18.50
CA PRO G 220 -24.55 65.75 -18.20
C PRO G 220 -24.51 65.11 -16.82
N GLY G 221 -23.84 63.97 -16.72
CA GLY G 221 -23.69 63.23 -15.48
C GLY G 221 -23.95 61.76 -15.68
N ASP G 222 -23.11 60.92 -15.08
CA ASP G 222 -23.16 59.48 -15.28
C ASP G 222 -24.31 58.84 -14.50
N ILE G 223 -24.78 57.69 -15.00
CA ILE G 223 -25.95 56.99 -14.47
C ILE G 223 -25.53 55.72 -13.73
N LEU G 224 -26.26 55.40 -12.66
CA LEU G 224 -26.10 54.17 -11.88
C LEU G 224 -27.44 53.44 -11.78
N VAL G 225 -27.52 52.24 -12.34
CA VAL G 225 -28.74 51.42 -12.31
C VAL G 225 -28.53 50.26 -11.34
N PHE G 226 -29.52 50.02 -10.48
CA PHE G 226 -29.46 48.88 -9.56
C PHE G 226 -30.33 47.73 -10.06
N LEU G 227 -29.69 46.62 -10.44
CA LEU G 227 -30.41 45.40 -10.79
C LEU G 227 -30.05 44.32 -9.76
N THR G 228 -30.40 43.06 -10.05
CA THR G 228 -30.52 42.05 -9.00
C THR G 228 -29.45 40.96 -9.08
N GLY G 229 -29.00 40.58 -10.28
CA GLY G 229 -28.13 39.43 -10.42
C GLY G 229 -27.16 39.60 -11.58
N GLN G 230 -26.27 38.62 -11.74
CA GLN G 230 -25.25 38.71 -12.78
C GLN G 230 -25.84 38.52 -14.17
N GLU G 231 -26.66 37.46 -14.33
CA GLU G 231 -27.21 37.16 -15.65
C GLU G 231 -28.21 38.21 -16.10
N GLU G 232 -28.90 38.84 -15.15
CA GLU G 232 -29.81 39.94 -15.47
C GLU G 232 -29.01 41.16 -15.94
N ILE G 233 -27.93 41.50 -15.23
CA ILE G 233 -27.12 42.68 -15.56
C ILE G 233 -26.44 42.49 -16.92
N ASP G 234 -25.87 41.31 -17.17
CA ASP G 234 -25.18 41.06 -18.44
C ASP G 234 -26.17 41.10 -19.60
N THR G 235 -27.38 40.60 -19.39
CA THR G 235 -28.43 40.67 -20.40
C THR G 235 -28.86 42.11 -20.64
N ALA G 236 -28.92 42.90 -19.57
CA ALA G 236 -29.21 44.33 -19.67
C ALA G 236 -28.12 45.07 -20.45
N CYS G 237 -26.85 44.75 -20.16
CA CYS G 237 -25.73 45.37 -20.87
C CYS G 237 -25.82 45.10 -22.38
N GLU G 238 -26.11 43.86 -22.76
CA GLU G 238 -26.11 43.50 -24.18
C GLU G 238 -27.31 44.12 -24.88
N ILE G 239 -28.47 44.14 -24.20
CA ILE G 239 -29.68 44.73 -24.77
C ILE G 239 -29.48 46.23 -24.98
N LEU G 240 -28.99 46.93 -23.95
CA LEU G 240 -28.84 48.39 -24.04
C LEU G 240 -27.89 48.75 -25.16
N TYR G 241 -26.75 48.06 -25.24
CA TYR G 241 -25.77 48.27 -26.30
C TYR G 241 -26.36 48.11 -27.69
N GLU G 242 -27.22 47.11 -27.85
CA GLU G 242 -27.81 46.85 -29.16
C GLU G 242 -28.88 47.89 -29.51
N ARG G 243 -29.59 48.41 -28.51
CA ARG G 243 -30.57 49.45 -28.77
C ARG G 243 -29.91 50.80 -29.06
N MET G 244 -28.77 51.07 -28.41
CA MET G 244 -28.03 52.31 -28.64
C MET G 244 -27.39 52.31 -30.02
N LYS G 245 -26.86 51.16 -30.43
CA LYS G 245 -26.32 51.03 -31.77
C LYS G 245 -27.42 51.22 -32.80
N ALA G 246 -28.63 50.77 -32.44
CA ALA G 246 -29.81 50.81 -33.32
C ALA G 246 -30.05 52.27 -33.71
N LEU G 247 -29.75 53.18 -32.78
CA LEU G 247 -29.79 54.63 -33.06
C LEU G 247 -28.55 54.97 -33.90
N GLY G 248 -28.61 56.06 -34.66
CA GLY G 248 -27.49 56.41 -35.55
C GLY G 248 -26.23 56.88 -34.81
N PRO G 249 -25.06 56.95 -35.49
CA PRO G 249 -23.80 57.38 -34.87
C PRO G 249 -23.78 58.84 -34.37
N SER G 250 -24.67 59.69 -34.89
CA SER G 250 -24.81 61.11 -34.48
C SER G 250 -25.12 61.20 -32.98
N VAL G 251 -25.96 60.29 -32.47
CA VAL G 251 -26.34 60.29 -31.02
C VAL G 251 -25.06 60.09 -30.19
N PRO G 252 -24.91 60.80 -29.05
CA PRO G 252 -23.70 60.69 -28.23
C PRO G 252 -23.52 59.27 -27.66
N GLU G 253 -22.26 58.84 -27.57
CA GLU G 253 -21.87 57.48 -27.10
C GLU G 253 -22.25 57.27 -25.62
N LEU G 254 -22.78 56.09 -25.32
CA LEU G 254 -23.13 55.67 -23.96
C LEU G 254 -22.23 54.51 -23.58
N ILE G 255 -21.44 54.66 -22.51
CA ILE G 255 -20.56 53.59 -22.07
C ILE G 255 -21.30 52.69 -21.10
N ILE G 256 -21.46 51.43 -21.45
CA ILE G 256 -22.20 50.51 -20.60
C ILE G 256 -21.20 49.62 -19.85
N LEU G 257 -21.18 49.73 -18.52
CA LEU G 257 -20.29 48.89 -17.73
C LEU G 257 -21.05 48.15 -16.64
N PRO G 258 -20.91 46.83 -16.55
CA PRO G 258 -21.48 46.09 -15.43
C PRO G 258 -20.64 46.20 -14.16
N ILE G 259 -21.29 45.99 -13.02
CA ILE G 259 -20.55 45.78 -11.77
C ILE G 259 -21.29 44.84 -10.80
N TYR G 260 -20.60 43.77 -10.42
CA TYR G 260 -21.06 42.76 -9.47
C TYR G 260 -19.82 42.11 -8.86
N SER G 261 -20.02 41.41 -7.75
CA SER G 261 -18.88 40.80 -7.01
C SER G 261 -18.18 39.72 -7.85
N ALA G 262 -18.95 38.94 -8.60
CA ALA G 262 -18.39 37.86 -9.41
C ALA G 262 -17.46 38.39 -10.49
N LEU G 263 -17.64 39.65 -10.90
CA LEU G 263 -16.84 40.26 -11.94
C LEU G 263 -15.38 40.42 -11.46
N PRO G 264 -14.41 40.10 -12.32
CA PRO G 264 -12.98 40.22 -11.95
C PRO G 264 -12.61 41.67 -11.68
N SER G 265 -11.64 41.84 -10.76
CA SER G 265 -11.21 43.16 -10.29
C SER G 265 -10.73 44.03 -11.46
N GLU G 266 -10.04 43.42 -12.43
CA GLU G 266 -9.54 44.17 -13.58
C GLU G 266 -10.70 44.83 -14.32
N MET G 267 -11.80 44.08 -14.47
CA MET G 267 -12.97 44.57 -15.15
C MET G 267 -13.79 45.45 -14.23
N GLN G 268 -13.67 45.25 -12.91
CA GLN G 268 -14.35 46.15 -11.99
C GLN G 268 -13.71 47.53 -12.01
N SER G 269 -12.41 47.60 -12.31
CA SER G 269 -11.66 48.85 -12.23
C SER G 269 -12.02 49.86 -13.32
N ARG G 270 -12.63 49.41 -14.43
CA ARG G 270 -12.94 50.30 -15.53
C ARG G 270 -14.14 51.21 -15.22
N ILE G 271 -14.92 50.89 -14.18
CA ILE G 271 -16.09 51.70 -13.86
C ILE G 271 -15.67 53.01 -13.19
N PHE G 272 -14.44 53.08 -12.66
CA PHE G 272 -13.99 54.28 -12.00
C PHE G 272 -13.30 55.25 -12.95
N GLU G 273 -12.82 54.75 -14.09
CA GLU G 273 -12.13 55.60 -15.06
C GLU G 273 -13.11 56.59 -15.70
N PRO G 274 -12.74 57.85 -15.86
CA PRO G 274 -13.66 58.82 -16.47
C PRO G 274 -13.97 58.51 -17.92
N ALA G 275 -15.18 58.87 -18.33
CA ALA G 275 -15.61 58.63 -19.68
C ALA G 275 -14.90 59.51 -20.71
N PRO G 276 -14.74 59.05 -21.95
CA PRO G 276 -14.13 59.88 -23.01
C PRO G 276 -15.02 61.07 -23.27
N PRO G 277 -14.46 62.25 -23.57
CA PRO G 277 -15.27 63.47 -23.74
C PRO G 277 -16.38 63.34 -24.78
N GLY G 278 -17.56 63.82 -24.40
CA GLY G 278 -18.76 63.76 -25.20
C GLY G 278 -19.57 62.50 -25.03
N SER G 279 -19.09 61.57 -24.20
CA SER G 279 -19.75 60.30 -23.92
C SER G 279 -20.24 60.25 -22.48
N ARG G 280 -21.28 59.46 -22.25
CA ARG G 280 -21.86 59.31 -20.92
C ARG G 280 -21.70 57.87 -20.46
N LYS G 281 -21.40 57.68 -19.19
CA LYS G 281 -21.24 56.37 -18.60
C LYS G 281 -22.55 55.97 -17.92
N VAL G 282 -22.95 54.71 -18.13
CA VAL G 282 -23.96 54.07 -17.30
C VAL G 282 -23.37 52.81 -16.65
N VAL G 283 -23.51 52.74 -15.33
CA VAL G 283 -23.04 51.61 -14.54
C VAL G 283 -24.25 50.79 -14.10
N ILE G 284 -24.35 49.57 -14.62
CA ILE G 284 -25.42 48.64 -14.27
C ILE G 284 -24.96 47.73 -13.15
N ALA G 285 -25.58 47.85 -11.97
CA ALA G 285 -24.99 47.34 -10.73
C ALA G 285 -25.96 46.47 -9.94
N THR G 286 -25.39 45.62 -9.07
CA THR G 286 -26.10 45.05 -7.93
C THR G 286 -26.02 46.04 -6.77
N ASN G 287 -26.58 45.63 -5.62
CA ASN G 287 -26.50 46.42 -4.39
C ASN G 287 -25.08 46.58 -3.84
N ILE G 288 -24.06 45.98 -4.49
CA ILE G 288 -22.65 46.26 -4.24
C ILE G 288 -22.38 47.78 -4.28
N ALA G 289 -23.07 48.49 -5.17
CA ALA G 289 -22.86 49.89 -5.43
C ALA G 289 -23.57 50.77 -4.43
N GLU G 290 -24.44 50.17 -3.59
CA GLU G 290 -25.12 50.92 -2.54
C GLU G 290 -24.13 51.36 -1.46
N THR G 291 -23.23 50.49 -1.04
CA THR G 291 -22.30 50.91 0.00
C THR G 291 -20.85 50.46 -0.22
N SER G 292 -20.64 49.19 -0.54
CA SER G 292 -19.26 48.65 -0.69
C SER G 292 -18.48 49.46 -1.72
N ILE G 293 -19.04 49.58 -2.92
CA ILE G 293 -18.34 50.32 -4.01
C ILE G 293 -18.86 51.77 -4.05
N THR G 294 -17.95 52.73 -4.17
CA THR G 294 -18.34 54.15 -4.22
C THR G 294 -17.88 54.75 -5.56
N ILE G 295 -18.83 55.03 -6.46
CA ILE G 295 -18.43 55.51 -7.77
C ILE G 295 -18.52 57.02 -7.81
N ASP G 296 -17.44 57.67 -8.24
CA ASP G 296 -17.42 59.11 -8.30
C ASP G 296 -18.08 59.58 -9.59
N TYR G 297 -18.67 60.78 -9.53
CA TYR G 297 -19.30 61.47 -10.66
C TYR G 297 -20.54 60.72 -11.16
N ILE G 298 -21.31 60.15 -10.23
CA ILE G 298 -22.66 59.69 -10.52
C ILE G 298 -23.63 60.77 -10.08
N TYR G 299 -24.47 61.21 -11.00
CA TYR G 299 -25.50 62.19 -10.73
C TYR G 299 -26.91 61.67 -10.97
N TYR G 300 -27.06 60.48 -11.55
CA TYR G 300 -28.35 59.89 -11.85
C TYR G 300 -28.41 58.46 -11.32
N VAL G 301 -29.52 58.10 -10.68
CA VAL G 301 -29.74 56.75 -10.18
C VAL G 301 -31.08 56.25 -10.70
N VAL G 302 -31.08 55.04 -11.28
CA VAL G 302 -32.31 54.34 -11.62
C VAL G 302 -32.56 53.25 -10.58
N ASP G 303 -33.71 53.32 -9.90
CA ASP G 303 -34.04 52.43 -8.80
C ASP G 303 -35.27 51.59 -9.15
N PRO G 304 -35.09 50.41 -9.74
CA PRO G 304 -36.26 49.53 -9.99
C PRO G 304 -36.95 49.04 -8.74
N GLY G 305 -36.27 49.04 -7.59
CA GLY G 305 -36.89 48.76 -6.31
C GLY G 305 -36.78 47.34 -5.80
N PHE G 306 -35.95 46.51 -6.41
CA PHE G 306 -35.83 45.12 -6.00
C PHE G 306 -34.39 44.76 -5.61
N VAL G 307 -34.28 43.79 -4.71
CA VAL G 307 -33.00 43.17 -4.35
C VAL G 307 -33.25 41.67 -4.26
N LYS G 308 -32.19 40.92 -4.51
CA LYS G 308 -32.22 39.44 -4.35
C LYS G 308 -31.86 39.20 -2.89
N GLN G 309 -32.77 38.58 -2.12
CA GLN G 309 -32.57 38.39 -0.69
C GLN G 309 -32.46 36.95 -0.24
N ASN G 310 -31.51 36.75 0.66
CA ASN G 310 -31.28 35.47 1.31
C ASN G 310 -32.22 35.36 2.50
N ALA G 311 -32.86 34.20 2.63
CA ALA G 311 -33.59 33.85 3.84
C ALA G 311 -33.42 32.36 4.12
N TYR G 312 -33.00 32.05 5.34
CA TYR G 312 -32.72 30.69 5.77
C TYR G 312 -33.99 29.98 6.23
N ASP G 313 -34.18 28.74 5.79
CA ASP G 313 -35.28 27.89 6.24
C ASP G 313 -34.72 26.74 7.06
N PRO G 314 -34.73 26.85 8.39
CA PRO G 314 -34.10 25.83 9.25
C PRO G 314 -34.79 24.47 9.21
N LYS G 315 -36.12 24.45 8.98
CA LYS G 315 -36.87 23.22 8.77
C LYS G 315 -36.24 22.33 7.69
N LEU G 316 -35.94 22.93 6.54
CA LEU G 316 -35.41 22.23 5.39
C LEU G 316 -33.90 22.37 5.26
N GLY G 317 -33.29 23.25 6.07
CA GLY G 317 -31.86 23.43 6.08
C GLY G 317 -31.36 24.00 4.77
N MET G 318 -31.99 25.09 4.34
CA MET G 318 -31.86 25.59 2.97
C MET G 318 -32.02 27.09 2.92
N ASP G 319 -31.09 27.77 2.23
CA ASP G 319 -31.22 29.19 1.92
C ASP G 319 -32.13 29.41 0.71
N SER G 320 -32.91 30.48 0.72
CA SER G 320 -33.76 30.82 -0.40
C SER G 320 -33.37 32.18 -0.96
N LEU G 321 -33.06 32.27 -2.25
CA LEU G 321 -32.75 33.56 -2.85
C LEU G 321 -33.98 34.02 -3.64
N VAL G 322 -34.60 35.12 -3.21
CA VAL G 322 -35.82 35.62 -3.84
C VAL G 322 -35.68 37.10 -4.16
N VAL G 323 -35.99 37.49 -5.40
CA VAL G 323 -36.08 38.91 -5.73
C VAL G 323 -37.28 39.47 -4.94
N THR G 324 -37.00 40.38 -4.01
CA THR G 324 -38.08 40.98 -3.24
C THR G 324 -37.95 42.49 -3.22
N PRO G 325 -39.04 43.22 -2.93
CA PRO G 325 -38.94 44.68 -2.77
C PRO G 325 -37.93 45.10 -1.71
N ILE G 326 -37.21 46.18 -2.00
CA ILE G 326 -36.27 46.74 -1.02
C ILE G 326 -37.03 47.47 0.08
N SER G 327 -36.29 47.93 1.08
CA SER G 327 -36.83 48.73 2.16
C SER G 327 -36.67 50.22 1.87
N GLN G 328 -37.33 51.04 2.71
CA GLN G 328 -37.19 52.50 2.59
C GLN G 328 -35.74 52.91 2.78
N ALA G 329 -35.12 52.43 3.86
CA ALA G 329 -33.72 52.74 4.19
C ALA G 329 -32.84 52.43 2.99
N GLN G 330 -33.08 51.27 2.37
CA GLN G 330 -32.29 50.79 1.24
C GLN G 330 -32.51 51.72 0.05
N ALA G 331 -33.78 52.08 -0.20
CA ALA G 331 -34.15 52.99 -1.28
C ALA G 331 -33.50 54.36 -1.09
N ASN G 332 -33.46 54.84 0.15
CA ASN G 332 -32.86 56.13 0.44
C ASN G 332 -31.35 56.08 0.23
N GLN G 333 -30.72 54.97 0.68
CA GLN G 333 -29.30 54.75 0.48
C GLN G 333 -28.96 54.82 -1.01
N ARG G 334 -29.78 54.16 -1.84
CA ARG G 334 -29.59 54.12 -3.29
C ARG G 334 -29.61 55.53 -3.86
N ALA G 335 -30.68 56.28 -3.53
CA ALA G 335 -30.87 57.67 -3.96
C ALA G 335 -29.64 58.51 -3.66
N GLY G 336 -29.09 58.37 -2.45
CA GLY G 336 -27.95 59.16 -1.99
C GLY G 336 -26.69 59.01 -2.83
N ARG G 337 -26.62 57.96 -3.66
CA ARG G 337 -25.46 57.76 -4.52
C ARG G 337 -25.42 58.76 -5.66
N ALA G 338 -26.58 59.30 -6.05
CA ALA G 338 -26.58 60.40 -7.02
C ALA G 338 -26.07 61.69 -6.42
N GLY G 339 -26.17 61.85 -5.10
CA GLY G 339 -25.77 63.09 -4.47
C GLY G 339 -24.38 63.13 -3.92
N ARG G 340 -23.58 62.09 -4.14
CA ARG G 340 -22.26 62.07 -3.54
C ARG G 340 -21.31 63.11 -4.14
N THR G 341 -21.13 63.11 -5.47
CA THR G 341 -20.20 64.06 -6.08
C THR G 341 -20.78 65.47 -6.11
N GLY G 342 -22.03 65.60 -6.55
CA GLY G 342 -22.73 66.85 -6.61
C GLY G 342 -24.23 66.59 -6.63
N PRO G 343 -25.04 67.64 -6.79
CA PRO G 343 -26.50 67.48 -6.79
C PRO G 343 -26.96 66.56 -7.91
N GLY G 344 -28.05 65.84 -7.67
CA GLY G 344 -28.42 64.80 -8.62
C GLY G 344 -29.88 64.45 -8.62
N LYS G 345 -30.22 63.42 -9.40
CA LYS G 345 -31.61 62.93 -9.47
C LYS G 345 -31.63 61.41 -9.32
N CYS G 346 -32.74 60.89 -8.81
CA CYS G 346 -32.97 59.46 -8.64
C CYS G 346 -34.34 59.16 -9.22
N PHE G 347 -34.39 58.22 -10.16
CA PHE G 347 -35.64 57.78 -10.77
C PHE G 347 -36.10 56.49 -10.11
N ARG G 348 -37.06 56.58 -9.21
CA ARG G 348 -37.64 55.41 -8.57
C ARG G 348 -38.73 54.89 -9.51
N LEU G 349 -38.75 53.58 -9.73
CA LEU G 349 -39.69 52.98 -10.69
C LEU G 349 -40.92 52.42 -10.01
N TYR G 350 -41.31 52.99 -8.88
CA TYR G 350 -42.50 52.62 -8.15
C TYR G 350 -43.22 53.90 -7.74
N THR G 351 -44.51 53.76 -7.44
CA THR G 351 -45.37 54.90 -7.05
C THR G 351 -44.95 55.39 -5.66
N GLU G 352 -45.29 56.63 -5.32
CA GLU G 352 -44.95 57.22 -3.99
C GLU G 352 -45.63 56.39 -2.90
N ALA G 353 -46.88 55.99 -3.15
CA ALA G 353 -47.61 55.17 -2.15
C ALA G 353 -46.84 53.87 -1.91
N ALA G 354 -46.30 53.23 -2.96
CA ALA G 354 -45.57 52.01 -2.66
C ALA G 354 -44.42 52.24 -1.70
N TYR G 355 -43.77 53.41 -1.77
CA TYR G 355 -42.68 53.77 -0.86
C TYR G 355 -43.17 53.89 0.58
N GLN G 356 -44.15 54.76 0.82
CA GLN G 356 -44.60 55.00 2.19
C GLN G 356 -45.63 53.98 2.65
N SER G 357 -46.68 53.75 1.87
CA SER G 357 -47.71 52.79 2.28
C SER G 357 -47.21 51.34 2.30
N GLU G 358 -46.42 50.89 1.30
CA GLU G 358 -46.16 49.44 1.25
C GLU G 358 -44.66 49.05 1.31
N MET G 359 -43.75 49.91 1.72
CA MET G 359 -42.34 49.49 1.74
C MET G 359 -41.86 49.47 3.19
N LEU G 360 -41.26 48.34 3.58
CA LEU G 360 -40.75 48.17 4.94
C LEU G 360 -39.75 49.29 5.25
N PRO G 361 -39.82 49.91 6.42
CA PRO G 361 -38.90 51.03 6.66
C PRO G 361 -37.46 50.56 6.79
N THR G 362 -37.26 49.34 7.28
CA THR G 362 -35.95 48.79 7.56
C THR G 362 -35.86 47.43 6.89
N THR G 363 -34.67 47.09 6.38
CA THR G 363 -34.44 45.74 5.91
C THR G 363 -34.42 44.81 7.12
N ILE G 364 -35.08 43.66 7.02
CA ILE G 364 -35.05 42.64 8.08
C ILE G 364 -33.58 42.31 8.41
N PRO G 365 -33.15 42.48 9.66
CA PRO G 365 -31.73 42.30 10.01
C PRO G 365 -31.21 40.91 9.70
N ASP G 366 -29.90 40.83 9.41
CA ASP G 366 -29.26 39.58 8.97
C ASP G 366 -29.50 38.46 9.98
N ILE G 367 -29.48 38.78 11.28
CA ILE G 367 -29.56 37.79 12.34
C ILE G 367 -30.89 37.04 12.32
N GLN G 368 -31.94 37.66 11.77
CA GLN G 368 -33.25 37.02 11.72
C GLN G 368 -33.51 36.27 10.43
N ARG G 369 -32.51 36.11 9.56
CA ARG G 369 -32.72 35.35 8.33
C ARG G 369 -31.46 34.63 7.81
N GLN G 370 -30.47 34.36 8.64
CA GLN G 370 -29.35 33.51 8.27
C GLN G 370 -29.21 32.33 9.23
N ASN G 371 -28.45 31.32 8.78
CA ASN G 371 -28.01 30.24 9.66
C ASN G 371 -27.23 30.85 10.82
N LEU G 372 -27.38 30.28 12.02
CA LEU G 372 -26.76 30.88 13.19
C LEU G 372 -25.79 29.99 13.95
N ALA G 373 -25.46 28.80 13.42
CA ALA G 373 -24.60 27.84 14.11
C ALA G 373 -23.25 28.43 14.50
N ASN G 374 -22.67 29.26 13.62
CA ASN G 374 -21.42 29.95 13.88
C ASN G 374 -21.56 30.91 15.06
N THR G 375 -22.65 31.68 15.08
CA THR G 375 -22.92 32.64 16.16
C THR G 375 -23.16 31.93 17.48
N ILE G 376 -23.97 30.85 17.44
CA ILE G 376 -24.34 30.10 18.64
C ILE G 376 -23.11 29.49 19.29
N LEU G 377 -22.21 28.93 18.49
CA LEU G 377 -21.00 28.29 19.00
C LEU G 377 -20.12 29.31 19.72
N LEU G 378 -20.02 30.51 19.14
CA LEU G 378 -19.22 31.58 19.72
C LEU G 378 -19.78 31.98 21.08
N LEU G 379 -21.11 32.04 21.19
CA LEU G 379 -21.77 32.49 22.41
C LEU G 379 -21.62 31.43 23.51
N LYS G 380 -21.83 30.15 23.16
CA LYS G 380 -21.57 29.06 24.09
C LYS G 380 -20.11 29.07 24.53
N ALA G 381 -19.19 29.38 23.62
CA ALA G 381 -17.77 29.41 23.96
C ALA G 381 -17.48 30.49 24.99
N MET G 382 -18.22 31.59 24.96
CA MET G 382 -18.07 32.67 25.92
C MET G 382 -18.79 32.36 27.22
N GLY G 383 -19.47 31.21 27.28
CA GLY G 383 -20.11 30.70 28.48
C GLY G 383 -21.48 31.30 28.71
N ILE G 384 -22.24 31.53 27.65
CA ILE G 384 -23.63 31.95 27.75
C ILE G 384 -24.49 30.77 27.34
N ASN G 385 -25.58 30.52 28.08
CA ASN G 385 -26.22 29.22 27.97
C ASN G 385 -27.67 29.27 27.53
N ASP G 386 -28.52 30.07 28.16
CA ASP G 386 -29.93 30.07 27.76
C ASP G 386 -30.11 31.06 26.61
N LEU G 387 -29.61 30.64 25.44
CA LEU G 387 -29.53 31.48 24.23
C LEU G 387 -30.89 31.93 23.73
N LEU G 388 -31.92 31.13 23.99
CA LEU G 388 -33.30 31.49 23.55
C LEU G 388 -33.71 32.76 24.29
N ARG G 389 -33.21 32.91 25.52
CA ARG G 389 -33.52 34.06 26.39
C ARG G 389 -32.42 35.12 26.26
N PHE G 390 -31.50 34.96 25.31
CA PHE G 390 -30.40 35.95 25.15
C PHE G 390 -31.00 37.31 24.81
N ASP G 391 -30.39 38.37 25.34
CA ASP G 391 -30.96 39.71 25.21
C ASP G 391 -30.55 40.29 23.85
N PHE G 392 -31.15 39.74 22.79
CA PHE G 392 -30.92 40.26 21.45
C PHE G 392 -31.88 41.41 21.22
N MET G 393 -31.35 42.52 20.69
CA MET G 393 -32.14 43.62 20.18
C MET G 393 -33.35 43.11 19.40
N ASP G 394 -33.13 42.48 18.23
CA ASP G 394 -34.24 41.87 17.52
C ASP G 394 -33.96 40.37 17.57
N PRO G 395 -34.73 39.56 18.31
CA PRO G 395 -34.39 38.14 18.46
C PRO G 395 -34.59 37.33 17.19
N PRO G 396 -33.68 36.39 16.93
CA PRO G 396 -33.81 35.48 15.78
C PRO G 396 -34.99 34.54 15.93
N PRO G 397 -35.54 34.02 14.81
CA PRO G 397 -36.56 32.97 14.87
C PRO G 397 -36.20 31.82 15.81
N VAL G 398 -37.20 31.34 16.57
CA VAL G 398 -36.98 30.29 17.57
C VAL G 398 -36.44 29.02 16.92
N ASN G 399 -36.98 28.66 15.76
CA ASN G 399 -36.63 27.40 15.10
C ASN G 399 -35.18 27.42 14.61
N THR G 400 -34.72 28.60 14.19
CA THR G 400 -33.35 28.77 13.71
C THR G 400 -32.40 28.48 14.85
N MET G 401 -32.73 28.99 16.04
CA MET G 401 -31.93 28.78 17.24
C MET G 401 -31.90 27.32 17.62
N LEU G 402 -33.08 26.67 17.59
CA LEU G 402 -33.18 25.27 17.97
C LEU G 402 -32.37 24.37 17.05
N THR G 403 -32.45 24.61 15.74
CA THR G 403 -31.70 23.79 14.79
C THR G 403 -30.21 23.98 14.97
N ALA G 404 -29.78 25.22 15.27
CA ALA G 404 -28.37 25.53 15.45
C ALA G 404 -27.83 24.74 16.65
N LEU G 405 -28.62 24.71 17.72
CA LEU G 405 -28.29 23.97 18.94
C LEU G 405 -28.28 22.48 18.66
N GLU G 406 -29.25 22.00 17.88
CA GLU G 406 -29.28 20.58 17.53
C GLU G 406 -28.04 20.23 16.73
N GLU G 407 -27.71 21.10 15.76
CA GLU G 407 -26.57 20.90 14.87
C GLU G 407 -25.29 20.74 15.70
N LEU G 408 -25.09 21.67 16.65
CA LEU G 408 -23.91 21.66 17.51
C LEU G 408 -23.89 20.46 18.44
N TYR G 409 -25.06 20.02 18.89
CA TYR G 409 -25.16 18.79 19.67
C TYR G 409 -24.68 17.62 18.83
N ALA G 410 -25.21 17.52 17.60
CA ALA G 410 -24.93 16.41 16.69
C ALA G 410 -23.45 16.28 16.37
N LEU G 411 -22.73 17.40 16.35
CA LEU G 411 -21.31 17.42 16.01
C LEU G 411 -20.43 17.21 17.22
N GLY G 412 -21.04 17.12 18.39
CA GLY G 412 -20.26 16.91 19.62
C GLY G 412 -19.80 18.21 20.25
N ALA G 413 -20.20 19.34 19.69
CA ALA G 413 -19.83 20.65 20.26
C ALA G 413 -20.49 20.80 21.63
N LEU G 414 -21.73 20.34 21.74
CA LEU G 414 -22.50 20.44 23.00
C LEU G 414 -22.75 19.04 23.55
N ASP G 415 -22.89 18.93 24.87
CA ASP G 415 -23.18 17.61 25.49
C ASP G 415 -24.69 17.42 25.61
N ASP G 416 -25.13 16.36 26.29
CA ASP G 416 -26.58 16.09 26.47
C ASP G 416 -27.25 17.21 27.26
N GLU G 417 -26.55 17.82 28.22
CA GLU G 417 -27.04 18.96 29.04
C GLU G 417 -27.05 20.26 28.21
N GLY G 418 -26.40 20.30 27.05
CA GLY G 418 -26.37 21.48 26.18
C GLY G 418 -25.17 22.34 26.48
N LEU G 419 -24.31 21.90 27.39
CA LEU G 419 -23.09 22.67 27.74
C LEU G 419 -22.00 22.43 26.69
N LEU G 420 -21.06 23.34 26.59
CA LEU G 420 -19.94 23.24 25.67
C LEU G 420 -18.99 22.13 26.07
N THR G 421 -18.62 21.29 25.10
CA THR G 421 -17.64 20.24 25.31
C THR G 421 -16.23 20.75 25.01
N ARG G 422 -15.24 19.90 25.31
CA ARG G 422 -13.84 20.21 25.01
C ARG G 422 -13.65 20.33 23.52
N LEU G 423 -14.30 19.45 22.75
CA LEU G 423 -14.29 19.53 21.29
C LEU G 423 -14.88 20.87 20.85
N GLY G 424 -16.05 21.22 21.41
CA GLY G 424 -16.75 22.45 21.03
C GLY G 424 -15.91 23.70 21.26
N ARG G 425 -15.15 23.74 22.37
CA ARG G 425 -14.33 24.90 22.68
C ARG G 425 -13.21 25.04 21.67
N LYS G 426 -12.77 23.92 21.13
CA LYS G 426 -11.68 23.92 20.16
C LYS G 426 -12.22 24.32 18.80
N MET G 427 -13.46 23.94 18.49
CA MET G 427 -14.06 24.28 17.20
C MET G 427 -14.36 25.77 17.12
N ALA G 428 -14.58 26.41 18.27
CA ALA G 428 -14.90 27.84 18.30
C ALA G 428 -13.70 28.69 17.93
N ASP G 429 -12.50 28.17 18.15
CA ASP G 429 -11.26 28.86 17.81
C ASP G 429 -11.14 29.04 16.31
N PHE G 430 -11.62 28.07 15.55
CA PHE G 430 -11.56 28.14 14.10
C PHE G 430 -12.62 29.12 13.60
N PRO G 431 -12.27 30.01 12.65
CA PRO G 431 -13.19 30.98 12.03
C PRO G 431 -13.95 30.46 10.82
N MET G 432 -14.88 29.56 11.08
CA MET G 432 -15.67 28.93 10.05
C MET G 432 -16.88 28.31 10.70
N GLU G 433 -17.80 27.83 9.87
CA GLU G 433 -19.01 27.17 10.35
C GLU G 433 -18.58 25.93 11.12
N PRO G 434 -19.31 25.56 12.18
CA PRO G 434 -18.89 24.41 13.02
C PRO G 434 -18.74 23.11 12.24
N SER G 435 -19.57 22.90 11.22
CA SER G 435 -19.51 21.68 10.44
C SER G 435 -18.15 21.54 9.75
N LEU G 436 -17.56 22.68 9.35
CA LEU G 436 -16.24 22.69 8.71
C LEU G 436 -15.13 22.40 9.71
N SER G 437 -15.20 23.01 10.90
CA SER G 437 -14.21 22.76 11.94
C SER G 437 -14.27 21.31 12.39
N LYS G 438 -15.48 20.75 12.46
CA LYS G 438 -15.66 19.33 12.76
C LYS G 438 -14.85 18.49 11.78
N VAL G 439 -15.00 18.81 10.48
CA VAL G 439 -14.39 18.05 9.39
C VAL G 439 -12.86 18.14 9.48
N LEU G 440 -12.34 19.31 9.86
CA LEU G 440 -10.89 19.51 10.00
C LEU G 440 -10.32 18.63 11.10
N ILE G 441 -10.99 18.60 12.25
CA ILE G 441 -10.51 17.85 13.41
C ILE G 441 -10.67 16.36 13.14
N ALA G 442 -11.75 15.98 12.46
CA ALA G 442 -11.93 14.60 12.03
C ALA G 442 -10.85 14.18 11.05
N SER G 443 -10.35 15.12 10.23
CA SER G 443 -9.35 14.80 9.23
C SER G 443 -8.02 14.48 9.87
N VAL G 444 -7.79 14.94 11.09
CA VAL G 444 -6.55 14.62 11.81
C VAL G 444 -6.48 13.11 12.05
N ASP G 445 -7.56 12.54 12.61
CA ASP G 445 -7.61 11.11 12.87
C ASP G 445 -7.53 10.33 11.57
N LYS G 446 -8.14 10.85 10.53
CA LYS G 446 -8.22 10.24 9.22
C LYS G 446 -6.99 10.51 8.37
N GLY G 447 -5.93 11.10 8.93
CA GLY G 447 -4.66 11.39 8.24
C GLY G 447 -4.77 12.09 6.90
N CYS G 448 -5.68 13.06 6.78
CA CYS G 448 -5.83 13.83 5.54
C CYS G 448 -6.02 15.31 5.79
N SER G 449 -5.42 15.82 6.87
CA SER G 449 -5.59 17.23 7.23
C SER G 449 -5.00 18.18 6.18
N ASP G 450 -3.89 17.80 5.52
CA ASP G 450 -3.23 18.69 4.55
C ASP G 450 -4.17 19.03 3.40
N GLU G 451 -4.88 18.03 2.91
CA GLU G 451 -5.86 18.21 1.84
C GLU G 451 -7.09 18.93 2.38
N MET G 452 -7.58 18.52 3.54
CA MET G 452 -8.83 19.03 4.10
C MET G 452 -8.72 20.51 4.45
N VAL G 453 -7.52 20.96 4.81
CA VAL G 453 -7.30 22.37 5.11
C VAL G 453 -7.43 23.18 3.83
N THR G 454 -6.86 22.67 2.73
CA THR G 454 -7.02 23.30 1.41
C THR G 454 -8.49 23.40 1.04
N ILE G 455 -9.23 22.29 1.19
CA ILE G 455 -10.63 22.20 0.76
C ILE G 455 -11.48 23.19 1.55
N VAL G 456 -11.33 23.19 2.88
CA VAL G 456 -12.07 24.10 3.75
C VAL G 456 -11.77 25.56 3.38
N SER G 457 -10.51 25.83 2.99
CA SER G 457 -10.09 27.17 2.56
C SER G 457 -10.80 27.59 1.28
N MET G 458 -11.17 26.63 0.44
CA MET G 458 -11.83 26.90 -0.83
C MET G 458 -13.33 26.99 -0.71
N LEU G 459 -13.90 26.55 0.42
CA LEU G 459 -15.34 26.62 0.60
C LEU G 459 -15.75 27.96 1.20
N ASN G 460 -14.76 28.77 1.59
CA ASN G 460 -14.98 30.07 2.21
C ASN G 460 -14.95 31.19 1.17
N LEU G 461 -14.79 30.86 -0.11
CA LEU G 461 -14.63 31.84 -1.17
C LEU G 461 -15.98 32.21 -1.76
N GLN G 462 -16.13 33.50 -2.05
CA GLN G 462 -17.37 34.07 -2.62
C GLN G 462 -17.61 33.52 -4.03
N GLN G 463 -16.60 33.50 -4.90
CA GLN G 463 -16.78 32.95 -6.26
C GLN G 463 -15.43 32.46 -6.75
N ILE G 464 -15.37 31.29 -7.38
CA ILE G 464 -14.05 30.72 -7.81
C ILE G 464 -13.94 30.70 -9.33
N PHE G 465 -14.93 30.14 -10.01
CA PHE G 465 -14.82 29.99 -11.48
C PHE G 465 -15.46 31.15 -12.20
N TYR G 466 -14.67 31.83 -13.03
CA TYR G 466 -15.17 32.97 -13.81
C TYR G 466 -15.80 32.40 -15.08
N ARG G 467 -17.06 32.75 -15.33
CA ARG G 467 -17.82 32.20 -16.48
C ARG G 467 -18.47 33.37 -17.24
N PRO G 468 -17.69 34.13 -18.03
CA PRO G 468 -18.20 35.30 -18.76
C PRO G 468 -19.16 34.87 -19.85
N LYS G 469 -20.00 35.83 -20.27
CA LYS G 469 -21.21 35.52 -21.04
C LYS G 469 -20.84 35.04 -22.45
N ASP G 470 -19.94 35.77 -23.11
CA ASP G 470 -19.55 35.46 -24.49
C ASP G 470 -18.67 34.21 -24.54
N LYS G 471 -17.80 34.03 -23.56
CA LYS G 471 -16.83 32.94 -23.51
C LYS G 471 -17.17 31.87 -22.46
N GLN G 472 -18.45 31.51 -22.38
CA GLN G 472 -18.93 30.48 -21.45
C GLN G 472 -18.39 29.10 -21.80
N GLN G 473 -18.43 28.70 -23.08
CA GLN G 473 -18.02 27.35 -23.47
C GLN G 473 -16.54 27.12 -23.14
N GLN G 474 -15.71 28.13 -23.40
CA GLN G 474 -14.27 28.04 -23.16
C GLN G 474 -14.03 27.86 -21.67
N ALA G 475 -14.83 28.54 -20.84
CA ALA G 475 -14.68 28.48 -19.39
C ALA G 475 -14.99 27.09 -18.90
N ASP G 476 -16.09 26.51 -19.41
CA ASP G 476 -16.51 25.18 -19.00
C ASP G 476 -15.44 24.14 -19.33
N GLN G 477 -14.83 24.26 -20.52
CA GLN G 477 -13.78 23.33 -20.93
C GLN G 477 -12.59 23.44 -19.98
N LYS G 478 -12.19 24.67 -19.66
CA LYS G 478 -11.03 24.91 -18.79
C LYS G 478 -11.34 24.35 -17.40
N LYS G 479 -12.56 24.55 -16.93
CA LYS G 479 -12.98 24.08 -15.61
C LYS G 479 -12.95 22.57 -15.52
N ALA G 480 -13.41 21.89 -16.57
CA ALA G 480 -13.60 20.45 -16.53
C ALA G 480 -12.29 19.67 -16.47
N LYS G 481 -11.15 20.32 -16.80
CA LYS G 481 -9.85 19.67 -16.68
C LYS G 481 -9.49 19.40 -15.23
N PHE G 482 -10.17 20.07 -14.29
CA PHE G 482 -9.90 19.91 -12.87
C PHE G 482 -10.85 18.93 -12.18
N HIS G 483 -12.04 18.69 -12.77
CA HIS G 483 -13.08 17.79 -12.24
C HIS G 483 -12.54 16.45 -11.74
N ASP G 484 -12.74 16.16 -10.47
CA ASP G 484 -12.52 14.84 -9.91
C ASP G 484 -13.75 13.98 -10.17
N PRO G 485 -13.58 12.67 -10.40
CA PRO G 485 -14.77 11.80 -10.55
C PRO G 485 -15.72 11.80 -9.36
N THR G 486 -15.22 12.03 -8.15
CA THR G 486 -16.01 11.99 -6.92
C THR G 486 -16.83 13.25 -6.68
N GLY G 487 -16.47 14.35 -7.34
CA GLY G 487 -17.27 15.55 -7.28
C GLY G 487 -16.51 16.79 -6.84
N ASP G 488 -17.19 17.69 -6.14
CA ASP G 488 -16.74 19.08 -6.13
C ASP G 488 -15.66 19.34 -5.08
N HIS G 489 -15.72 18.68 -3.91
CA HIS G 489 -14.74 18.94 -2.84
C HIS G 489 -13.34 18.58 -3.32
N LEU G 490 -13.22 17.42 -3.95
CA LEU G 490 -11.95 16.96 -4.48
C LEU G 490 -11.52 17.86 -5.63
N THR G 491 -12.48 18.32 -6.44
CA THR G 491 -12.18 19.21 -7.56
C THR G 491 -11.56 20.50 -7.04
N LEU G 492 -12.12 21.06 -5.96
CA LEU G 492 -11.60 22.29 -5.35
C LEU G 492 -10.15 22.10 -4.92
N LEU G 493 -9.81 20.88 -4.46
CA LEU G 493 -8.43 20.52 -4.11
C LEU G 493 -7.54 20.61 -5.33
N ASN G 494 -8.02 20.10 -6.47
CA ASN G 494 -7.26 20.10 -7.72
C ASN G 494 -6.94 21.51 -8.17
N VAL G 495 -7.93 22.41 -8.10
CA VAL G 495 -7.77 23.80 -8.55
C VAL G 495 -6.66 24.46 -7.74
N TYR G 496 -6.68 24.30 -6.42
CA TYR G 496 -5.66 24.92 -5.57
C TYR G 496 -4.29 24.33 -5.85
N ASN G 497 -4.21 23.00 -5.99
CA ASN G 497 -2.92 22.34 -6.24
C ASN G 497 -2.32 22.78 -7.56
N ALA G 498 -3.17 22.87 -8.60
CA ALA G 498 -2.72 23.28 -9.93
C ALA G 498 -2.22 24.71 -9.88
N TRP G 499 -2.95 25.57 -9.16
CA TRP G 499 -2.55 26.96 -8.94
C TRP G 499 -1.18 27.00 -8.27
N LYS G 500 -1.02 26.26 -7.16
CA LYS G 500 0.24 26.15 -6.43
C LYS G 500 1.37 25.68 -7.34
N ASN G 501 1.12 24.64 -8.14
CA ASN G 501 2.14 24.05 -9.00
C ASN G 501 2.53 24.96 -10.16
N SER G 502 1.71 25.96 -10.48
CA SER G 502 2.04 26.98 -11.45
C SER G 502 2.72 28.18 -10.81
N GLY G 503 3.22 28.03 -9.58
CA GLY G 503 3.90 29.10 -8.89
C GLY G 503 3.01 30.25 -8.49
N TYR G 504 1.72 29.95 -8.26
CA TYR G 504 0.70 30.90 -7.78
C TYR G 504 0.50 32.04 -8.78
N SER G 505 0.45 31.66 -10.06
CA SER G 505 0.45 32.63 -11.16
C SER G 505 -0.92 33.23 -11.41
N ASN G 506 -0.96 34.57 -11.46
CA ASN G 506 -2.16 35.28 -11.89
C ASN G 506 -2.45 35.01 -13.36
N ALA G 507 -1.38 34.81 -14.16
CA ALA G 507 -1.53 34.49 -15.58
C ALA G 507 -2.31 33.18 -15.72
N TRP G 508 -1.86 32.16 -14.97
CA TRP G 508 -2.46 30.82 -14.96
C TRP G 508 -3.95 30.93 -14.64
N CYS G 509 -4.29 31.79 -13.67
CA CYS G 509 -5.67 32.01 -13.27
C CYS G 509 -6.47 32.56 -14.44
N PHE G 510 -6.00 33.67 -15.03
CA PHE G 510 -6.64 34.31 -16.18
C PHE G 510 -6.89 33.26 -17.27
N GLU G 511 -5.82 32.52 -17.61
CA GLU G 511 -5.87 31.50 -18.66
C GLU G 511 -6.97 30.47 -18.39
N ASN G 512 -7.07 30.00 -17.15
CA ASN G 512 -7.95 28.88 -16.83
C ASN G 512 -9.29 29.37 -16.28
N TYR G 513 -9.56 30.67 -16.39
CA TYR G 513 -10.86 31.30 -16.11
C TYR G 513 -11.21 31.15 -14.62
N ILE G 514 -10.21 31.39 -13.77
CA ILE G 514 -10.29 31.23 -12.33
C ILE G 514 -9.93 32.54 -11.66
N GLN G 515 -10.80 33.00 -10.75
CA GLN G 515 -10.66 34.26 -10.03
C GLN G 515 -9.42 34.25 -9.13
N ALA G 516 -8.43 35.06 -9.50
CA ALA G 516 -7.19 35.19 -8.71
C ALA G 516 -7.48 35.70 -7.30
N ARG G 517 -8.51 36.56 -7.14
CA ARG G 517 -8.86 37.14 -5.85
C ARG G 517 -9.23 36.04 -4.88
N ALA G 518 -10.02 35.08 -5.37
CA ALA G 518 -10.46 33.92 -4.60
C ALA G 518 -9.27 33.09 -4.17
N MET G 519 -8.37 32.77 -5.11
CA MET G 519 -7.24 31.91 -4.81
C MET G 519 -6.31 32.59 -3.83
N ARG G 520 -6.13 33.91 -3.99
CA ARG G 520 -5.26 34.67 -3.09
C ARG G 520 -5.83 34.60 -1.68
N ARG G 521 -7.15 34.77 -1.55
CA ARG G 521 -7.80 34.71 -0.25
C ARG G 521 -7.69 33.30 0.33
N ALA G 522 -7.84 32.28 -0.53
CA ALA G 522 -7.80 30.88 -0.07
C ALA G 522 -6.46 30.59 0.59
N ARG G 523 -5.38 31.08 -0.01
CA ARG G 523 -4.05 30.88 0.57
C ARG G 523 -3.98 31.59 1.92
N ASP G 524 -4.51 32.83 2.00
CA ASP G 524 -4.55 33.59 3.25
C ASP G 524 -5.29 32.78 4.32
N VAL G 525 -6.44 32.21 3.94
CA VAL G 525 -7.26 31.42 4.86
C VAL G 525 -6.49 30.18 5.31
N ARG G 526 -5.81 29.51 4.36
CA ARG G 526 -5.06 28.30 4.62
C ARG G 526 -3.98 28.54 5.67
N GLN G 527 -3.18 29.61 5.47
CA GLN G 527 -2.09 29.95 6.38
C GLN G 527 -2.62 30.17 7.79
N GLN G 528 -3.77 30.83 7.90
CA GLN G 528 -4.38 31.09 9.21
C GLN G 528 -4.83 29.79 9.84
N ILE G 529 -5.49 28.93 9.06
CA ILE G 529 -6.01 27.65 9.56
C ILE G 529 -4.86 26.80 10.06
N VAL G 530 -3.76 26.75 9.28
CA VAL G 530 -2.57 25.97 9.64
C VAL G 530 -2.02 26.41 10.98
N LYS G 531 -2.00 27.72 11.25
CA LYS G 531 -1.48 28.25 12.52
C LYS G 531 -2.39 27.80 13.67
N ILE G 532 -3.70 27.86 13.46
CA ILE G 532 -4.68 27.46 14.48
C ILE G 532 -4.55 25.97 14.78
N MET G 533 -4.42 25.15 13.72
CA MET G 533 -4.21 23.71 13.87
C MET G 533 -2.94 23.44 14.66
N GLU G 534 -1.84 24.11 14.29
CA GLU G 534 -0.56 23.92 14.98
C GLU G 534 -0.68 24.33 16.44
N ARG G 535 -1.38 25.44 16.70
CA ARG G 535 -1.62 25.91 18.06
C ARG G 535 -2.34 24.85 18.89
N HIS G 536 -3.31 24.15 18.29
CA HIS G 536 -4.04 23.07 18.96
C HIS G 536 -3.41 21.72 18.78
N ARG G 537 -2.08 21.67 18.57
CA ARG G 537 -1.26 20.45 18.51
C ARG G 537 -1.72 19.43 17.47
N HIS G 538 -2.50 19.85 16.46
CA HIS G 538 -2.97 18.94 15.41
C HIS G 538 -2.00 18.97 14.25
N PRO G 539 -1.38 17.85 13.88
CA PRO G 539 -0.49 17.82 12.72
C PRO G 539 -1.26 17.91 11.41
N ILE G 540 -0.60 18.49 10.41
CA ILE G 540 -1.08 18.46 9.03
C ILE G 540 -0.56 17.22 8.32
N ILE G 541 -1.42 16.23 8.11
CA ILE G 541 -1.00 14.97 7.52
C ILE G 541 -1.59 14.88 6.12
N SER G 542 -0.81 14.38 5.17
CA SER G 542 -1.23 14.19 3.80
C SER G 542 -1.71 12.75 3.61
N CYS G 543 -2.81 12.57 2.90
CA CYS G 543 -3.33 11.23 2.66
C CYS G 543 -2.78 10.62 1.39
N GLY G 544 -1.99 11.39 0.61
CA GLY G 544 -1.45 10.91 -0.65
C GLY G 544 -2.56 10.53 -1.61
N ARG G 545 -2.47 9.33 -2.21
CA ARG G 545 -3.50 8.90 -3.14
C ARG G 545 -4.82 8.65 -2.41
N ASP G 546 -4.76 8.10 -1.20
CA ASP G 546 -5.95 7.64 -0.50
C ASP G 546 -6.91 8.78 -0.18
N THR G 547 -7.56 9.29 -1.24
CA THR G 547 -8.45 10.44 -1.20
C THR G 547 -9.78 10.08 -0.58
N ASP G 548 -10.11 8.77 -0.50
CA ASP G 548 -11.29 8.33 0.24
C ASP G 548 -11.29 8.86 1.67
N LYS G 549 -10.09 9.03 2.27
CA LYS G 549 -9.95 9.45 3.65
C LYS G 549 -10.50 10.87 3.82
N ILE G 550 -10.39 11.68 2.76
CA ILE G 550 -10.96 13.02 2.76
C ILE G 550 -12.48 12.91 2.79
N ARG G 551 -13.01 12.01 1.98
CA ARG G 551 -14.45 11.79 1.88
C ARG G 551 -15.01 11.26 3.19
N GLN G 552 -14.29 10.34 3.83
CA GLN G 552 -14.70 9.83 5.15
C GLN G 552 -14.77 10.96 6.16
N ALA G 553 -13.77 11.85 6.15
CA ALA G 553 -13.73 12.96 7.09
C ALA G 553 -14.90 13.91 6.91
N LEU G 554 -15.27 14.18 5.64
CA LEU G 554 -16.41 15.05 5.33
C LEU G 554 -17.72 14.56 5.95
N CYS G 555 -17.89 13.24 6.06
CA CYS G 555 -19.10 12.69 6.65
C CYS G 555 -19.22 12.98 8.14
N ALA G 556 -18.11 13.24 8.83
CA ALA G 556 -18.15 13.57 10.26
C ALA G 556 -18.90 14.85 10.53
N GLY G 557 -18.87 15.77 9.59
CA GLY G 557 -19.46 17.07 9.72
C GLY G 557 -20.75 17.26 8.96
N PHE G 558 -20.91 16.55 7.84
CA PHE G 558 -21.96 16.92 6.89
C PHE G 558 -22.92 15.77 6.65
N PHE G 559 -23.07 14.89 7.65
CA PHE G 559 -23.95 13.72 7.53
C PHE G 559 -25.41 14.13 7.29
N ARG G 560 -25.87 15.23 7.90
CA ARG G 560 -27.25 15.66 7.65
C ARG G 560 -27.44 16.05 6.18
N ASN G 561 -26.42 16.72 5.60
CA ASN G 561 -26.51 17.16 4.21
C ASN G 561 -26.14 15.98 3.32
N THR G 562 -27.10 15.06 3.17
CA THR G 562 -26.90 13.83 2.42
C THR G 562 -28.17 13.50 1.66
N ALA G 563 -28.01 12.88 0.50
CA ALA G 563 -29.13 12.59 -0.38
C ALA G 563 -28.87 11.31 -1.15
N ARG G 564 -29.96 10.70 -1.63
CA ARG G 564 -29.88 9.46 -2.38
C ARG G 564 -30.68 9.61 -3.67
N LYS G 565 -30.10 9.09 -4.76
CA LYS G 565 -30.67 9.28 -6.11
C LYS G 565 -32.03 8.59 -6.25
N ASP G 566 -32.98 9.30 -6.85
CA ASP G 566 -34.35 8.81 -7.15
C ASP G 566 -34.50 8.76 -8.66
N PRO G 567 -35.08 7.70 -9.25
CA PRO G 567 -35.28 7.60 -10.69
C PRO G 567 -36.72 8.01 -11.02
N GLY G 570 -34.63 13.67 -9.41
CA GLY G 570 -33.23 13.91 -9.08
C GLY G 570 -32.76 13.10 -7.88
N TYR G 571 -32.61 13.76 -6.74
CA TYR G 571 -32.14 13.12 -5.51
C TYR G 571 -33.10 13.47 -4.40
N LYS G 572 -33.14 12.65 -3.36
CA LYS G 572 -33.98 12.89 -2.18
C LYS G 572 -33.15 12.88 -0.90
N THR G 573 -33.34 13.91 -0.07
CA THR G 573 -32.62 14.06 1.19
C THR G 573 -32.94 12.89 2.12
N LEU G 574 -31.90 12.37 2.81
CA LEU G 574 -32.11 11.25 3.72
C LEU G 574 -32.99 11.59 4.92
N THR G 575 -32.74 12.73 5.56
CA THR G 575 -33.49 13.07 6.79
C THR G 575 -34.97 13.37 6.56
N GLU G 576 -35.30 14.20 5.57
CA GLU G 576 -36.68 14.61 5.41
C GLU G 576 -37.37 14.14 4.13
N GLY G 577 -36.64 13.57 3.17
CA GLY G 577 -37.20 13.09 1.92
C GLY G 577 -37.39 14.15 0.85
N THR G 578 -36.96 15.39 1.10
CA THR G 578 -37.16 16.50 0.17
C THR G 578 -36.32 16.31 -1.08
N PRO G 579 -36.90 16.54 -2.25
CA PRO G 579 -36.13 16.41 -3.49
C PRO G 579 -35.19 17.61 -3.65
N VAL G 580 -33.92 17.29 -3.92
CA VAL G 580 -32.84 18.26 -4.12
C VAL G 580 -32.06 17.79 -5.33
N TYR G 581 -31.52 18.76 -6.06
CA TYR G 581 -30.97 18.50 -7.38
C TYR G 581 -29.52 18.97 -7.48
N LEU G 582 -28.69 18.18 -8.14
CA LEU G 582 -27.36 18.62 -8.57
C LEU G 582 -27.43 19.89 -9.39
N HIS G 583 -26.52 20.81 -9.07
CA HIS G 583 -26.37 22.08 -9.77
C HIS G 583 -25.56 21.88 -11.04
N PRO G 584 -25.98 22.44 -12.18
CA PRO G 584 -25.24 22.29 -13.45
C PRO G 584 -23.75 22.61 -13.45
N SER G 585 -23.29 23.41 -12.49
CA SER G 585 -21.87 23.68 -12.37
C SER G 585 -21.10 22.53 -11.75
N SER G 586 -21.78 21.55 -11.15
CA SER G 586 -21.14 20.51 -10.37
C SER G 586 -20.36 19.56 -11.26
N ALA G 587 -19.19 19.13 -10.77
CA ALA G 587 -18.43 18.08 -11.43
C ALA G 587 -19.17 16.75 -11.48
N LEU G 588 -20.23 16.57 -10.69
CA LEU G 588 -21.02 15.35 -10.73
C LEU G 588 -22.25 15.45 -11.62
N PHE G 589 -22.43 16.56 -12.37
CA PHE G 589 -23.68 16.87 -13.05
C PHE G 589 -24.10 15.75 -14.00
N GLY G 590 -23.31 15.50 -15.05
CA GLY G 590 -23.71 14.48 -16.01
C GLY G 590 -23.57 13.04 -15.53
N LYS G 591 -23.21 12.85 -14.27
CA LYS G 591 -22.65 11.62 -13.74
C LYS G 591 -23.63 10.94 -12.80
N GLN G 592 -23.46 9.64 -12.65
CA GLN G 592 -24.29 8.83 -11.76
C GLN G 592 -23.55 8.63 -10.44
N ALA G 593 -24.28 8.80 -9.34
CA ALA G 593 -23.74 8.59 -7.99
C ALA G 593 -24.91 8.42 -7.05
N GLU G 594 -24.98 7.25 -6.40
CA GLU G 594 -26.18 6.89 -5.65
C GLU G 594 -26.26 7.70 -4.35
N TRP G 595 -25.18 7.77 -3.59
CA TRP G 595 -25.16 8.47 -2.31
C TRP G 595 -24.25 9.68 -2.41
N VAL G 596 -24.74 10.86 -2.04
CA VAL G 596 -23.97 12.10 -2.13
C VAL G 596 -24.05 12.93 -0.85
N LEU G 597 -23.01 13.76 -0.66
CA LEU G 597 -22.85 14.67 0.47
C LEU G 597 -22.70 16.07 -0.13
N TYR G 598 -23.31 17.09 0.49
CA TYR G 598 -23.23 18.43 -0.08
C TYR G 598 -22.94 19.50 0.97
N HIS G 599 -22.38 20.63 0.51
CA HIS G 599 -21.96 21.69 1.42
C HIS G 599 -23.14 22.54 1.88
N GLU G 600 -23.98 22.96 0.93
CA GLU G 600 -25.08 23.87 1.16
C GLU G 600 -26.23 23.42 0.28
N LEU G 601 -27.42 23.87 0.64
CA LEU G 601 -28.58 23.67 -0.19
C LEU G 601 -29.25 25.02 -0.42
N VAL G 602 -29.15 25.56 -1.64
CA VAL G 602 -29.65 26.89 -1.97
C VAL G 602 -30.82 26.80 -2.96
N LEU G 603 -31.95 27.43 -2.61
CA LEU G 603 -33.14 27.43 -3.45
C LEU G 603 -33.23 28.73 -4.25
N THR G 604 -32.83 28.68 -5.53
CA THR G 604 -32.93 29.85 -6.39
C THR G 604 -34.10 29.58 -7.32
N THR G 605 -33.85 29.07 -8.53
CA THR G 605 -34.89 28.70 -9.48
C THR G 605 -35.28 27.25 -9.30
N LYS G 606 -34.56 26.59 -8.41
CA LYS G 606 -34.74 25.16 -8.08
C LYS G 606 -34.00 24.89 -6.78
N GLU G 607 -34.27 23.76 -6.15
CA GLU G 607 -33.53 23.41 -4.94
C GLU G 607 -32.24 22.74 -5.37
N TYR G 608 -31.11 23.44 -5.21
CA TYR G 608 -29.83 22.98 -5.71
C TYR G 608 -28.86 22.68 -4.58
N MET G 609 -28.25 21.49 -4.61
CA MET G 609 -27.12 21.21 -3.76
C MET G 609 -25.90 21.91 -4.33
N HIS G 610 -25.10 22.52 -3.46
CA HIS G 610 -23.89 23.17 -3.93
C HIS G 610 -22.70 22.44 -3.33
N PHE G 611 -21.64 22.27 -4.14
CA PHE G 611 -20.43 21.55 -3.75
C PHE G 611 -20.75 20.11 -3.32
N THR G 612 -21.22 19.32 -4.28
CA THR G 612 -21.65 17.95 -4.04
C THR G 612 -20.52 16.94 -4.28
N THR G 613 -20.41 15.95 -3.38
CA THR G 613 -19.41 14.89 -3.46
C THR G 613 -20.09 13.52 -3.29
N ALA G 614 -19.61 12.53 -4.03
CA ALA G 614 -20.12 11.17 -3.95
C ALA G 614 -19.55 10.44 -2.75
N ILE G 615 -20.41 9.74 -2.00
CA ILE G 615 -20.00 9.01 -0.81
C ILE G 615 -20.54 7.58 -0.87
N GLU G 616 -20.04 6.78 0.06
CA GLU G 616 -20.33 5.38 0.33
C GLU G 616 -21.00 5.30 1.70
N PRO G 617 -22.17 4.66 1.79
CA PRO G 617 -22.93 4.63 3.08
C PRO G 617 -22.17 4.17 4.31
N LYS G 618 -21.21 3.24 4.19
CA LYS G 618 -20.33 2.82 5.29
C LYS G 618 -19.80 4.01 6.09
N TRP G 619 -19.49 5.10 5.39
CA TRP G 619 -18.80 6.23 6.00
C TRP G 619 -19.75 7.00 6.91
N LEU G 620 -21.05 6.95 6.62
CA LEU G 620 -22.07 7.64 7.41
C LEU G 620 -22.24 7.01 8.79
N VAL G 621 -22.36 5.68 8.82
CA VAL G 621 -22.54 4.98 10.09
C VAL G 621 -21.21 4.97 10.85
N GLU G 622 -20.09 4.96 10.14
CA GLU G 622 -18.78 5.13 10.78
C GLU G 622 -18.69 6.48 11.48
N ALA G 623 -19.03 7.55 10.78
CA ALA G 623 -18.74 8.91 11.23
C ALA G 623 -19.84 9.45 12.14
N ALA G 624 -21.06 8.94 12.03
CA ALA G 624 -22.19 9.39 12.83
C ALA G 624 -22.99 8.19 13.32
N PRO G 625 -22.45 7.45 14.29
CA PRO G 625 -23.04 6.15 14.68
C PRO G 625 -24.41 6.28 15.32
N THR G 626 -24.62 7.34 16.11
CA THR G 626 -25.88 7.54 16.82
C THR G 626 -27.01 7.91 15.87
N PHE G 627 -26.71 8.56 14.74
CA PHE G 627 -27.75 9.12 13.90
C PHE G 627 -28.08 8.23 12.70
N PHE G 628 -27.40 7.09 12.55
CA PHE G 628 -27.66 6.14 11.47
C PHE G 628 -27.72 4.75 12.07
N LYS G 629 -28.73 3.97 11.68
CA LYS G 629 -28.94 2.60 12.13
C LYS G 629 -29.09 1.65 10.94
N LEU G 630 -28.61 0.42 11.10
CA LEU G 630 -28.65 -0.59 10.05
C LEU G 630 -29.72 -1.61 10.37
N ALA G 631 -30.50 -1.98 9.35
CA ALA G 631 -31.53 -3.01 9.46
C ALA G 631 -31.48 -3.93 8.24
N PRO G 632 -31.62 -5.24 8.44
CA PRO G 632 -31.65 -6.19 7.31
C PRO G 632 -32.71 -5.94 6.25
N THR G 633 -32.58 -4.87 5.45
CA THR G 633 -33.44 -4.53 4.31
C THR G 633 -34.96 -4.57 4.57
#